data_1MR2
# 
_entry.id   1MR2 
# 
_audit_conform.dict_name       mmcif_pdbx.dic 
_audit_conform.dict_version    5.386 
_audit_conform.dict_location   http://mmcif.pdb.org/dictionaries/ascii/mmcif_pdbx.dic 
# 
loop_
_database_2.database_id 
_database_2.database_code 
_database_2.pdbx_database_accession 
_database_2.pdbx_DOI 
PDB   1MR2         pdb_00001mr2 10.2210/pdb1mr2/pdb 
RCSB  RCSB017123   ?            ?                   
WWPDB D_1000017123 ?            ?                   
# 
loop_
_pdbx_audit_revision_history.ordinal 
_pdbx_audit_revision_history.data_content_type 
_pdbx_audit_revision_history.major_revision 
_pdbx_audit_revision_history.minor_revision 
_pdbx_audit_revision_history.revision_date 
1 'Structure model' 1 0 2003-08-05 
2 'Structure model' 1 1 2008-04-28 
3 'Structure model' 1 2 2011-07-13 
4 'Structure model' 1 3 2024-02-14 
# 
_pdbx_audit_revision_details.ordinal             1 
_pdbx_audit_revision_details.revision_ordinal    1 
_pdbx_audit_revision_details.data_content_type   'Structure model' 
_pdbx_audit_revision_details.provider            repository 
_pdbx_audit_revision_details.type                'Initial release' 
_pdbx_audit_revision_details.description         ? 
_pdbx_audit_revision_details.details             ? 
# 
loop_
_pdbx_audit_revision_group.ordinal 
_pdbx_audit_revision_group.revision_ordinal 
_pdbx_audit_revision_group.data_content_type 
_pdbx_audit_revision_group.group 
1 2 'Structure model' 'Version format compliance' 
2 3 'Structure model' 'Derived calculations'      
3 3 'Structure model' 'Version format compliance' 
4 4 'Structure model' 'Data collection'           
5 4 'Structure model' 'Database references'       
6 4 'Structure model' 'Derived calculations'      
# 
loop_
_pdbx_audit_revision_category.ordinal 
_pdbx_audit_revision_category.revision_ordinal 
_pdbx_audit_revision_category.data_content_type 
_pdbx_audit_revision_category.category 
1 4 'Structure model' chem_comp_atom 
2 4 'Structure model' chem_comp_bond 
3 4 'Structure model' database_2     
4 4 'Structure model' struct_conn    
5 4 'Structure model' struct_site    
# 
loop_
_pdbx_audit_revision_item.ordinal 
_pdbx_audit_revision_item.revision_ordinal 
_pdbx_audit_revision_item.data_content_type 
_pdbx_audit_revision_item.item 
1  4 'Structure model' '_database_2.pdbx_DOI'                
2  4 'Structure model' '_database_2.pdbx_database_accession' 
3  4 'Structure model' '_struct_conn.ptnr1_auth_comp_id'     
4  4 'Structure model' '_struct_conn.ptnr1_auth_seq_id'      
5  4 'Structure model' '_struct_conn.ptnr1_label_asym_id'    
6  4 'Structure model' '_struct_conn.ptnr1_label_atom_id'    
7  4 'Structure model' '_struct_conn.ptnr1_label_comp_id'    
8  4 'Structure model' '_struct_conn.ptnr1_label_seq_id'     
9  4 'Structure model' '_struct_conn.ptnr2_auth_comp_id'     
10 4 'Structure model' '_struct_conn.ptnr2_auth_seq_id'      
11 4 'Structure model' '_struct_conn.ptnr2_label_asym_id'    
12 4 'Structure model' '_struct_conn.ptnr2_label_atom_id'    
13 4 'Structure model' '_struct_conn.ptnr2_label_comp_id'    
14 4 'Structure model' '_struct_conn.ptnr2_label_seq_id'     
15 4 'Structure model' '_struct_site.pdbx_auth_asym_id'      
16 4 'Structure model' '_struct_site.pdbx_auth_comp_id'      
17 4 'Structure model' '_struct_site.pdbx_auth_seq_id'       
# 
_pdbx_database_status.status_code                     REL 
_pdbx_database_status.entry_id                        1MR2 
_pdbx_database_status.recvd_initial_deposition_date   2002-09-17 
_pdbx_database_status.deposit_site                    RCSB 
_pdbx_database_status.process_site                    RCSB 
_pdbx_database_status.SG_entry                        . 
_pdbx_database_status.pdb_format_compatible           Y 
_pdbx_database_status.status_code_mr                  ? 
_pdbx_database_status.status_code_sf                  ? 
_pdbx_database_status.status_code_cs                  ? 
_pdbx_database_status.status_code_nmr_data            ? 
_pdbx_database_status.methods_development_category    ? 
# 
loop_
_pdbx_database_related.db_name 
_pdbx_database_related.db_id 
_pdbx_database_related.details 
_pdbx_database_related.content_type 
PDB 1mk1 'The same protein complexed with ADPR'                       unspecified 
PDB 1mp2 'The same protein (apo enzyme)'                              unspecified 
PDB 1MQE 'The same protein complexed with gadolidium'                 unspecified 
PDB 1MQW 'The same protein complexed with three Mn2+ ions and AMP-CP' unspecified 
# 
loop_
_audit_author.name 
_audit_author.pdbx_ordinal 
'Kang, L.-W.'      1 
'Gabelli, S.B.'    2 
'Bianchet, M.A.'   3 
'Cunningham, J.E.' 4 
;O'Handley, S.F.
;
5 
'Amzel, L.M.'      6 
# 
_citation.id                        primary 
_citation.title                     'Structure and mechanism of MT-ADPRase, a Nudix hydrolase from Mycobacterium tuberculosis' 
_citation.journal_abbrev            Structure 
_citation.journal_volume            11 
_citation.page_first                1015 
_citation.page_last                 1023 
_citation.year                      2003 
_citation.journal_id_ASTM           STRUE6 
_citation.country                   UK 
_citation.journal_id_ISSN           0969-2126 
_citation.journal_id_CSD            2005 
_citation.book_publisher            ? 
_citation.pdbx_database_id_PubMed   12906832 
_citation.pdbx_database_id_DOI      '10.1016/S0969-2126(03)00154-0' 
# 
loop_
_citation_author.citation_id 
_citation_author.name 
_citation_author.ordinal 
_citation_author.identifier_ORCID 
primary 'Kang, L.-W.'      1 ? 
primary 'Gabelli, S.B.'    2 ? 
primary 'Cunningham, J.E.' 3 ? 
primary 
;O'Handley, S.F.
;
4 ? 
primary 'Amzel, L.M.'      5 ? 
# 
loop_
_entity.id 
_entity.type 
_entity.src_method 
_entity.pdbx_description 
_entity.formula_weight 
_entity.pdbx_number_of_molecules 
_entity.pdbx_ec 
_entity.pdbx_mutation 
_entity.pdbx_fragment 
_entity.details 
1 polymer     man 'ADPR pyrophosphatase'                        22920.846 1  3.6.1.13 ? ? ? 
2 non-polymer syn 'MANGANESE (II) ION'                          54.938    1  ?        ? ? ? 
3 non-polymer syn 'PHOSPHOMETHYLPHOSPHONIC ACID ADENOSYL ESTER' 425.228   1  ?        ? ? ? 
4 water       nat water                                         18.015    58 ?        ? ? ? 
# 
_entity_name_com.entity_id   1 
_entity_name_com.name        'ADPRase, MutT/nudix family protein, Hypothetical protein Rv1700' 
# 
_entity_poly.entity_id                      1 
_entity_poly.type                           'polypeptide(L)' 
_entity_poly.nstd_linkage                   no 
_entity_poly.nstd_monomer                   no 
_entity_poly.pdbx_seq_one_letter_code       
;MAEHDFETISSETLHTGAIFALRRDQVRMPGGGIVTREVVEHFGAVAIVAMDDNGNIPMVYQYRHTYGRRLWELPAGLLD
VAGEPPHLTAARELREEVGLQASTWQVLVDLDTAPGFSDESVRVYLATGLREVGRPEAHHEEADMTMGWYPIAEAARRVL
RGEIVNSIAIAGVLAVHAVTTGFAQPRPLDTEWIDRPTAFAARRAER
;
_entity_poly.pdbx_seq_one_letter_code_can   
;MAEHDFETISSETLHTGAIFALRRDQVRMPGGGIVTREVVEHFGAVAIVAMDDNGNIPMVYQYRHTYGRRLWELPAGLLD
VAGEPPHLTAARELREEVGLQASTWQVLVDLDTAPGFSDESVRVYLATGLREVGRPEAHHEEADMTMGWYPIAEAARRVL
RGEIVNSIAIAGVLAVHAVTTGFAQPRPLDTEWIDRPTAFAARRAER
;
_entity_poly.pdbx_strand_id                 A 
_entity_poly.pdbx_target_identifier         ? 
# 
loop_
_pdbx_entity_nonpoly.entity_id 
_pdbx_entity_nonpoly.name 
_pdbx_entity_nonpoly.comp_id 
2 'MANGANESE (II) ION'                          MN  
3 'PHOSPHOMETHYLPHOSPHONIC ACID ADENOSYL ESTER' A12 
4 water                                         HOH 
# 
loop_
_entity_poly_seq.entity_id 
_entity_poly_seq.num 
_entity_poly_seq.mon_id 
_entity_poly_seq.hetero 
1 1   MET n 
1 2   ALA n 
1 3   GLU n 
1 4   HIS n 
1 5   ASP n 
1 6   PHE n 
1 7   GLU n 
1 8   THR n 
1 9   ILE n 
1 10  SER n 
1 11  SER n 
1 12  GLU n 
1 13  THR n 
1 14  LEU n 
1 15  HIS n 
1 16  THR n 
1 17  GLY n 
1 18  ALA n 
1 19  ILE n 
1 20  PHE n 
1 21  ALA n 
1 22  LEU n 
1 23  ARG n 
1 24  ARG n 
1 25  ASP n 
1 26  GLN n 
1 27  VAL n 
1 28  ARG n 
1 29  MET n 
1 30  PRO n 
1 31  GLY n 
1 32  GLY n 
1 33  GLY n 
1 34  ILE n 
1 35  VAL n 
1 36  THR n 
1 37  ARG n 
1 38  GLU n 
1 39  VAL n 
1 40  VAL n 
1 41  GLU n 
1 42  HIS n 
1 43  PHE n 
1 44  GLY n 
1 45  ALA n 
1 46  VAL n 
1 47  ALA n 
1 48  ILE n 
1 49  VAL n 
1 50  ALA n 
1 51  MET n 
1 52  ASP n 
1 53  ASP n 
1 54  ASN n 
1 55  GLY n 
1 56  ASN n 
1 57  ILE n 
1 58  PRO n 
1 59  MET n 
1 60  VAL n 
1 61  TYR n 
1 62  GLN n 
1 63  TYR n 
1 64  ARG n 
1 65  HIS n 
1 66  THR n 
1 67  TYR n 
1 68  GLY n 
1 69  ARG n 
1 70  ARG n 
1 71  LEU n 
1 72  TRP n 
1 73  GLU n 
1 74  LEU n 
1 75  PRO n 
1 76  ALA n 
1 77  GLY n 
1 78  LEU n 
1 79  LEU n 
1 80  ASP n 
1 81  VAL n 
1 82  ALA n 
1 83  GLY n 
1 84  GLU n 
1 85  PRO n 
1 86  PRO n 
1 87  HIS n 
1 88  LEU n 
1 89  THR n 
1 90  ALA n 
1 91  ALA n 
1 92  ARG n 
1 93  GLU n 
1 94  LEU n 
1 95  ARG n 
1 96  GLU n 
1 97  GLU n 
1 98  VAL n 
1 99  GLY n 
1 100 LEU n 
1 101 GLN n 
1 102 ALA n 
1 103 SER n 
1 104 THR n 
1 105 TRP n 
1 106 GLN n 
1 107 VAL n 
1 108 LEU n 
1 109 VAL n 
1 110 ASP n 
1 111 LEU n 
1 112 ASP n 
1 113 THR n 
1 114 ALA n 
1 115 PRO n 
1 116 GLY n 
1 117 PHE n 
1 118 SER n 
1 119 ASP n 
1 120 GLU n 
1 121 SER n 
1 122 VAL n 
1 123 ARG n 
1 124 VAL n 
1 125 TYR n 
1 126 LEU n 
1 127 ALA n 
1 128 THR n 
1 129 GLY n 
1 130 LEU n 
1 131 ARG n 
1 132 GLU n 
1 133 VAL n 
1 134 GLY n 
1 135 ARG n 
1 136 PRO n 
1 137 GLU n 
1 138 ALA n 
1 139 HIS n 
1 140 HIS n 
1 141 GLU n 
1 142 GLU n 
1 143 ALA n 
1 144 ASP n 
1 145 MET n 
1 146 THR n 
1 147 MET n 
1 148 GLY n 
1 149 TRP n 
1 150 TYR n 
1 151 PRO n 
1 152 ILE n 
1 153 ALA n 
1 154 GLU n 
1 155 ALA n 
1 156 ALA n 
1 157 ARG n 
1 158 ARG n 
1 159 VAL n 
1 160 LEU n 
1 161 ARG n 
1 162 GLY n 
1 163 GLU n 
1 164 ILE n 
1 165 VAL n 
1 166 ASN n 
1 167 SER n 
1 168 ILE n 
1 169 ALA n 
1 170 ILE n 
1 171 ALA n 
1 172 GLY n 
1 173 VAL n 
1 174 LEU n 
1 175 ALA n 
1 176 VAL n 
1 177 HIS n 
1 178 ALA n 
1 179 VAL n 
1 180 THR n 
1 181 THR n 
1 182 GLY n 
1 183 PHE n 
1 184 ALA n 
1 185 GLN n 
1 186 PRO n 
1 187 ARG n 
1 188 PRO n 
1 189 LEU n 
1 190 ASP n 
1 191 THR n 
1 192 GLU n 
1 193 TRP n 
1 194 ILE n 
1 195 ASP n 
1 196 ARG n 
1 197 PRO n 
1 198 THR n 
1 199 ALA n 
1 200 PHE n 
1 201 ALA n 
1 202 ALA n 
1 203 ARG n 
1 204 ARG n 
1 205 ALA n 
1 206 GLU n 
1 207 ARG n 
# 
_entity_src_gen.entity_id                          1 
_entity_src_gen.pdbx_src_id                        1 
_entity_src_gen.pdbx_alt_source_flag               sample 
_entity_src_gen.pdbx_seq_type                      ? 
_entity_src_gen.pdbx_beg_seq_num                   ? 
_entity_src_gen.pdbx_end_seq_num                   ? 
_entity_src_gen.gene_src_common_name               ? 
_entity_src_gen.gene_src_genus                     Mycobacterium 
_entity_src_gen.pdbx_gene_src_gene                 Rv1700 
_entity_src_gen.gene_src_species                   ? 
_entity_src_gen.gene_src_strain                    ? 
_entity_src_gen.gene_src_tissue                    ? 
_entity_src_gen.gene_src_tissue_fraction           ? 
_entity_src_gen.gene_src_details                   ? 
_entity_src_gen.pdbx_gene_src_fragment             ? 
_entity_src_gen.pdbx_gene_src_scientific_name      'Mycobacterium tuberculosis' 
_entity_src_gen.pdbx_gene_src_ncbi_taxonomy_id     1773 
_entity_src_gen.pdbx_gene_src_variant              ? 
_entity_src_gen.pdbx_gene_src_cell_line            ? 
_entity_src_gen.pdbx_gene_src_atcc                 ? 
_entity_src_gen.pdbx_gene_src_organ                ? 
_entity_src_gen.pdbx_gene_src_organelle            ? 
_entity_src_gen.pdbx_gene_src_cell                 ? 
_entity_src_gen.pdbx_gene_src_cellular_location    ? 
_entity_src_gen.host_org_common_name               ? 
_entity_src_gen.pdbx_host_org_scientific_name      'Escherichia coli' 
_entity_src_gen.pdbx_host_org_ncbi_taxonomy_id     562 
_entity_src_gen.host_org_genus                     Escherichia 
_entity_src_gen.pdbx_host_org_gene                 ? 
_entity_src_gen.pdbx_host_org_organ                ? 
_entity_src_gen.host_org_species                   ? 
_entity_src_gen.pdbx_host_org_tissue               ? 
_entity_src_gen.pdbx_host_org_tissue_fraction      ? 
_entity_src_gen.pdbx_host_org_strain               'BLR(DE3)' 
_entity_src_gen.pdbx_host_org_variant              ? 
_entity_src_gen.pdbx_host_org_cell_line            ? 
_entity_src_gen.pdbx_host_org_atcc                 ? 
_entity_src_gen.pdbx_host_org_culture_collection   ? 
_entity_src_gen.pdbx_host_org_cell                 ? 
_entity_src_gen.pdbx_host_org_organelle            ? 
_entity_src_gen.pdbx_host_org_cellular_location    ? 
_entity_src_gen.pdbx_host_org_vector_type          plasmid 
_entity_src_gen.pdbx_host_org_vector               ? 
_entity_src_gen.host_org_details                   ? 
_entity_src_gen.expression_system_id               ? 
_entity_src_gen.plasmid_name                       pET11b 
_entity_src_gen.plasmid_details                    ? 
_entity_src_gen.pdbx_description                   ? 
# 
loop_
_chem_comp.id 
_chem_comp.type 
_chem_comp.mon_nstd_flag 
_chem_comp.name 
_chem_comp.pdbx_synonyms 
_chem_comp.formula 
_chem_comp.formula_weight 
A12 non-polymer         . 'PHOSPHOMETHYLPHOSPHONIC ACID ADENOSYL ESTER' "ALPHA,BETA-METHYLENEADENOSINE-5'-DIPHOSPHATE" 
'C11 H17 N5 O9 P2' 425.228 
ALA 'L-peptide linking' y ALANINE                                       ?                                              
'C3 H7 N O2'       89.093  
ARG 'L-peptide linking' y ARGININE                                      ?                                              
'C6 H15 N4 O2 1'   175.209 
ASN 'L-peptide linking' y ASPARAGINE                                    ?                                              
'C4 H8 N2 O3'      132.118 
ASP 'L-peptide linking' y 'ASPARTIC ACID'                               ?                                              
'C4 H7 N O4'       133.103 
GLN 'L-peptide linking' y GLUTAMINE                                     ?                                              
'C5 H10 N2 O3'     146.144 
GLU 'L-peptide linking' y 'GLUTAMIC ACID'                               ?                                              
'C5 H9 N O4'       147.129 
GLY 'peptide linking'   y GLYCINE                                       ?                                              
'C2 H5 N O2'       75.067  
HIS 'L-peptide linking' y HISTIDINE                                     ?                                              
'C6 H10 N3 O2 1'   156.162 
HOH non-polymer         . WATER                                         ?                                              'H2 O' 
18.015  
ILE 'L-peptide linking' y ISOLEUCINE                                    ?                                              
'C6 H13 N O2'      131.173 
LEU 'L-peptide linking' y LEUCINE                                       ?                                              
'C6 H13 N O2'      131.173 
MET 'L-peptide linking' y METHIONINE                                    ?                                              
'C5 H11 N O2 S'    149.211 
MN  non-polymer         . 'MANGANESE (II) ION'                          ?                                              'Mn 2' 
54.938  
PHE 'L-peptide linking' y PHENYLALANINE                                 ?                                              
'C9 H11 N O2'      165.189 
PRO 'L-peptide linking' y PROLINE                                       ?                                              
'C5 H9 N O2'       115.130 
SER 'L-peptide linking' y SERINE                                        ?                                              
'C3 H7 N O3'       105.093 
THR 'L-peptide linking' y THREONINE                                     ?                                              
'C4 H9 N O3'       119.119 
TRP 'L-peptide linking' y TRYPTOPHAN                                    ?                                              
'C11 H12 N2 O2'    204.225 
TYR 'L-peptide linking' y TYROSINE                                      ?                                              
'C9 H11 N O3'      181.189 
VAL 'L-peptide linking' y VALINE                                        ?                                              
'C5 H11 N O2'      117.146 
# 
loop_
_pdbx_poly_seq_scheme.asym_id 
_pdbx_poly_seq_scheme.entity_id 
_pdbx_poly_seq_scheme.seq_id 
_pdbx_poly_seq_scheme.mon_id 
_pdbx_poly_seq_scheme.ndb_seq_num 
_pdbx_poly_seq_scheme.pdb_seq_num 
_pdbx_poly_seq_scheme.auth_seq_num 
_pdbx_poly_seq_scheme.pdb_mon_id 
_pdbx_poly_seq_scheme.auth_mon_id 
_pdbx_poly_seq_scheme.pdb_strand_id 
_pdbx_poly_seq_scheme.pdb_ins_code 
_pdbx_poly_seq_scheme.hetero 
A 1 1   MET 1   1   ?   ?   ?   A . n 
A 1 2   ALA 2   2   ?   ?   ?   A . n 
A 1 3   GLU 3   3   ?   ?   ?   A . n 
A 1 4   HIS 4   4   ?   ?   ?   A . n 
A 1 5   ASP 5   5   ?   ?   ?   A . n 
A 1 6   PHE 6   6   6   PHE PHE A . n 
A 1 7   GLU 7   7   7   GLU GLU A . n 
A 1 8   THR 8   8   8   THR THR A . n 
A 1 9   ILE 9   9   9   ILE ILE A . n 
A 1 10  SER 10  10  10  SER SER A . n 
A 1 11  SER 11  11  11  SER SER A . n 
A 1 12  GLU 12  12  12  GLU GLU A . n 
A 1 13  THR 13  13  13  THR THR A . n 
A 1 14  LEU 14  14  14  LEU LEU A . n 
A 1 15  HIS 15  15  15  HIS HIS A . n 
A 1 16  THR 16  16  16  THR THR A . n 
A 1 17  GLY 17  17  17  GLY GLY A . n 
A 1 18  ALA 18  18  18  ALA ALA A . n 
A 1 19  ILE 19  19  19  ILE ILE A . n 
A 1 20  PHE 20  20  20  PHE PHE A . n 
A 1 21  ALA 21  21  21  ALA ALA A . n 
A 1 22  LEU 22  22  22  LEU LEU A . n 
A 1 23  ARG 23  23  23  ARG ARG A . n 
A 1 24  ARG 24  24  24  ARG ARG A . n 
A 1 25  ASP 25  25  25  ASP ASP A . n 
A 1 26  GLN 26  26  26  GLN GLN A . n 
A 1 27  VAL 27  27  27  VAL VAL A . n 
A 1 28  ARG 28  28  28  ARG ARG A . n 
A 1 29  MET 29  29  ?   ?   ?   A . n 
A 1 30  PRO 30  30  ?   ?   ?   A . n 
A 1 31  GLY 31  31  ?   ?   ?   A . n 
A 1 32  GLY 32  32  ?   ?   ?   A . n 
A 1 33  GLY 33  33  ?   ?   ?   A . n 
A 1 34  ILE 34  34  34  ILE ILE A . n 
A 1 35  VAL 35  35  35  VAL VAL A . n 
A 1 36  THR 36  36  36  THR THR A . n 
A 1 37  ARG 37  37  37  ARG ARG A . n 
A 1 38  GLU 38  38  38  GLU GLU A . n 
A 1 39  VAL 39  39  39  VAL VAL A . n 
A 1 40  VAL 40  40  40  VAL VAL A . n 
A 1 41  GLU 41  41  41  GLU GLU A . n 
A 1 42  HIS 42  42  42  HIS HIS A . n 
A 1 43  PHE 43  43  43  PHE PHE A . n 
A 1 44  GLY 44  44  44  GLY GLY A . n 
A 1 45  ALA 45  45  45  ALA ALA A . n 
A 1 46  VAL 46  46  46  VAL VAL A . n 
A 1 47  ALA 47  47  47  ALA ALA A . n 
A 1 48  ILE 48  48  48  ILE ILE A . n 
A 1 49  VAL 49  49  49  VAL VAL A . n 
A 1 50  ALA 50  50  50  ALA ALA A . n 
A 1 51  MET 51  51  51  MET MET A . n 
A 1 52  ASP 52  52  52  ASP ASP A . n 
A 1 53  ASP 53  53  53  ASP ASP A . n 
A 1 54  ASN 54  54  54  ASN ASN A . n 
A 1 55  GLY 55  55  55  GLY GLY A . n 
A 1 56  ASN 56  56  56  ASN ASN A . n 
A 1 57  ILE 57  57  57  ILE ILE A . n 
A 1 58  PRO 58  58  58  PRO PRO A . n 
A 1 59  MET 59  59  59  MET MET A . n 
A 1 60  VAL 60  60  60  VAL VAL A . n 
A 1 61  TYR 61  61  61  TYR TYR A . n 
A 1 62  GLN 62  62  62  GLN GLN A . n 
A 1 63  TYR 63  63  63  TYR TYR A . n 
A 1 64  ARG 64  64  64  ARG ARG A . n 
A 1 65  HIS 65  65  65  HIS HIS A . n 
A 1 66  THR 66  66  66  THR THR A . n 
A 1 67  TYR 67  67  67  TYR TYR A . n 
A 1 68  GLY 68  68  68  GLY GLY A . n 
A 1 69  ARG 69  69  69  ARG ARG A . n 
A 1 70  ARG 70  70  70  ARG ARG A . n 
A 1 71  LEU 71  71  71  LEU LEU A . n 
A 1 72  TRP 72  72  72  TRP TRP A . n 
A 1 73  GLU 73  73  73  GLU GLU A . n 
A 1 74  LEU 74  74  74  LEU LEU A . n 
A 1 75  PRO 75  75  75  PRO PRO A . n 
A 1 76  ALA 76  76  76  ALA ALA A . n 
A 1 77  GLY 77  77  77  GLY GLY A . n 
A 1 78  LEU 78  78  78  LEU LEU A . n 
A 1 79  LEU 79  79  79  LEU LEU A . n 
A 1 80  ASP 80  80  80  ASP ASP A . n 
A 1 81  VAL 81  81  81  VAL VAL A . n 
A 1 82  ALA 82  82  82  ALA ALA A . n 
A 1 83  GLY 83  83  83  GLY GLY A . n 
A 1 84  GLU 84  84  84  GLU GLU A . n 
A 1 85  PRO 85  85  85  PRO PRO A . n 
A 1 86  PRO 86  86  86  PRO PRO A . n 
A 1 87  HIS 87  87  87  HIS HIS A . n 
A 1 88  LEU 88  88  88  LEU LEU A . n 
A 1 89  THR 89  89  89  THR THR A . n 
A 1 90  ALA 90  90  90  ALA ALA A . n 
A 1 91  ALA 91  91  91  ALA ALA A . n 
A 1 92  ARG 92  92  92  ARG ARG A . n 
A 1 93  GLU 93  93  93  GLU GLU A . n 
A 1 94  LEU 94  94  94  LEU LEU A . n 
A 1 95  ARG 95  95  95  ARG ARG A . n 
A 1 96  GLU 96  96  96  GLU GLU A . n 
A 1 97  GLU 97  97  97  GLU GLU A . n 
A 1 98  VAL 98  98  98  VAL VAL A . n 
A 1 99  GLY 99  99  99  GLY GLY A . n 
A 1 100 LEU 100 100 100 LEU LEU A . n 
A 1 101 GLN 101 101 101 GLN GLN A . n 
A 1 102 ALA 102 102 102 ALA ALA A . n 
A 1 103 SER 103 103 103 SER SER A . n 
A 1 104 THR 104 104 104 THR THR A . n 
A 1 105 TRP 105 105 105 TRP TRP A . n 
A 1 106 GLN 106 106 106 GLN GLN A . n 
A 1 107 VAL 107 107 107 VAL VAL A . n 
A 1 108 LEU 108 108 108 LEU LEU A . n 
A 1 109 VAL 109 109 109 VAL VAL A . n 
A 1 110 ASP 110 110 110 ASP ASP A . n 
A 1 111 LEU 111 111 111 LEU LEU A . n 
A 1 112 ASP 112 112 112 ASP ASP A . n 
A 1 113 THR 113 113 113 THR THR A . n 
A 1 114 ALA 114 114 114 ALA ALA A . n 
A 1 115 PRO 115 115 115 PRO PRO A . n 
A 1 116 GLY 116 116 116 GLY GLY A . n 
A 1 117 PHE 117 117 117 PHE PHE A . n 
A 1 118 SER 118 118 118 SER SER A . n 
A 1 119 ASP 119 119 119 ASP ASP A . n 
A 1 120 GLU 120 120 120 GLU GLU A . n 
A 1 121 SER 121 121 121 SER SER A . n 
A 1 122 VAL 122 122 122 VAL VAL A . n 
A 1 123 ARG 123 123 123 ARG ARG A . n 
A 1 124 VAL 124 124 124 VAL VAL A . n 
A 1 125 TYR 125 125 125 TYR TYR A . n 
A 1 126 LEU 126 126 126 LEU LEU A . n 
A 1 127 ALA 127 127 127 ALA ALA A . n 
A 1 128 THR 128 128 128 THR THR A . n 
A 1 129 GLY 129 129 129 GLY GLY A . n 
A 1 130 LEU 130 130 130 LEU LEU A . n 
A 1 131 ARG 131 131 131 ARG ARG A . n 
A 1 132 GLU 132 132 132 GLU GLU A . n 
A 1 133 VAL 133 133 133 VAL VAL A . n 
A 1 134 GLY 134 134 134 GLY GLY A . n 
A 1 135 ARG 135 135 135 ARG ARG A . n 
A 1 136 PRO 136 136 ?   ?   ?   A . n 
A 1 137 GLU 137 137 ?   ?   ?   A . n 
A 1 138 ALA 138 138 ?   ?   ?   A . n 
A 1 139 HIS 139 139 ?   ?   ?   A . n 
A 1 140 HIS 140 140 ?   ?   ?   A . n 
A 1 141 GLU 141 141 ?   ?   ?   A . n 
A 1 142 GLU 142 142 ?   ?   ?   A . n 
A 1 143 ALA 143 143 ?   ?   ?   A . n 
A 1 144 ASP 144 144 ?   ?   ?   A . n 
A 1 145 MET 145 145 ?   ?   ?   A . n 
A 1 146 THR 146 146 146 THR THR A . n 
A 1 147 MET 147 147 147 MET MET A . n 
A 1 148 GLY 148 148 148 GLY GLY A . n 
A 1 149 TRP 149 149 149 TRP TRP A . n 
A 1 150 TYR 150 150 150 TYR TYR A . n 
A 1 151 PRO 151 151 151 PRO PRO A . n 
A 1 152 ILE 152 152 152 ILE ILE A . n 
A 1 153 ALA 153 153 153 ALA ALA A . n 
A 1 154 GLU 154 154 154 GLU GLU A . n 
A 1 155 ALA 155 155 155 ALA ALA A . n 
A 1 156 ALA 156 156 156 ALA ALA A . n 
A 1 157 ARG 157 157 157 ARG ARG A . n 
A 1 158 ARG 158 158 158 ARG ARG A . n 
A 1 159 VAL 159 159 159 VAL VAL A . n 
A 1 160 LEU 160 160 160 LEU LEU A . n 
A 1 161 ARG 161 161 161 ARG ARG A . n 
A 1 162 GLY 162 162 162 GLY GLY A . n 
A 1 163 GLU 163 163 163 GLU GLU A . n 
A 1 164 ILE 164 164 164 ILE ILE A . n 
A 1 165 VAL 165 165 165 VAL VAL A . n 
A 1 166 ASN 166 166 166 ASN ASN A . n 
A 1 167 SER 167 167 167 SER SER A . n 
A 1 168 ILE 168 168 168 ILE ILE A . n 
A 1 169 ALA 169 169 169 ALA ALA A . n 
A 1 170 ILE 170 170 170 ILE ILE A . n 
A 1 171 ALA 171 171 171 ALA ALA A . n 
A 1 172 GLY 172 172 172 GLY GLY A . n 
A 1 173 VAL 173 173 173 VAL VAL A . n 
A 1 174 LEU 174 174 174 LEU LEU A . n 
A 1 175 ALA 175 175 175 ALA ALA A . n 
A 1 176 VAL 176 176 176 VAL VAL A . n 
A 1 177 HIS 177 177 177 HIS HIS A . n 
A 1 178 ALA 178 178 178 ALA ALA A . n 
A 1 179 VAL 179 179 179 VAL VAL A . n 
A 1 180 THR 180 180 180 THR THR A . n 
A 1 181 THR 181 181 181 THR THR A . n 
A 1 182 GLY 182 182 182 GLY GLY A . n 
A 1 183 PHE 183 183 183 PHE PHE A . n 
A 1 184 ALA 184 184 184 ALA ALA A . n 
A 1 185 GLN 185 185 185 GLN GLN A . n 
A 1 186 PRO 186 186 186 PRO PRO A . n 
A 1 187 ARG 187 187 187 ARG ARG A . n 
A 1 188 PRO 188 188 188 PRO PRO A . n 
A 1 189 LEU 189 189 189 LEU LEU A . n 
A 1 190 ASP 190 190 190 ASP ASP A . n 
A 1 191 THR 191 191 191 THR THR A . n 
A 1 192 GLU 192 192 192 GLU GLU A . n 
A 1 193 TRP 193 193 193 TRP TRP A . n 
A 1 194 ILE 194 194 194 ILE ILE A . n 
A 1 195 ASP 195 195 195 ASP ASP A . n 
A 1 196 ARG 196 196 196 ARG ARG A . n 
A 1 197 PRO 197 197 197 PRO PRO A . n 
A 1 198 THR 198 198 198 THR THR A . n 
A 1 199 ALA 199 199 199 ALA ALA A . n 
A 1 200 PHE 200 200 200 PHE PHE A . n 
A 1 201 ALA 201 201 201 ALA ALA A . n 
A 1 202 ALA 202 202 202 ALA ALA A . n 
A 1 203 ARG 203 203 203 ARG ARG A . n 
A 1 204 ARG 204 204 204 ARG ARG A . n 
A 1 205 ALA 205 205 205 ALA ALA A . n 
A 1 206 GLU 206 206 206 GLU GLU A . n 
A 1 207 ARG 207 207 207 ARG ARG A . n 
# 
loop_
_pdbx_nonpoly_scheme.asym_id 
_pdbx_nonpoly_scheme.entity_id 
_pdbx_nonpoly_scheme.mon_id 
_pdbx_nonpoly_scheme.ndb_seq_num 
_pdbx_nonpoly_scheme.pdb_seq_num 
_pdbx_nonpoly_scheme.auth_seq_num 
_pdbx_nonpoly_scheme.pdb_mon_id 
_pdbx_nonpoly_scheme.auth_mon_id 
_pdbx_nonpoly_scheme.pdb_strand_id 
_pdbx_nonpoly_scheme.pdb_ins_code 
B 2 MN  1  401 401 MN  MN  A . 
C 3 A12 1  301 301 A12 A12 A . 
D 4 HOH 1  402 1   HOH HOH A . 
D 4 HOH 2  403 2   HOH HOH A . 
D 4 HOH 3  404 3   HOH HOH A . 
D 4 HOH 4  405 4   HOH HOH A . 
D 4 HOH 5  406 5   HOH HOH A . 
D 4 HOH 6  407 6   HOH HOH A . 
D 4 HOH 7  408 7   HOH HOH A . 
D 4 HOH 8  409 8   HOH HOH A . 
D 4 HOH 9  410 9   HOH HOH A . 
D 4 HOH 10 411 10  HOH HOH A . 
D 4 HOH 11 412 11  HOH HOH A . 
D 4 HOH 12 413 12  HOH HOH A . 
D 4 HOH 13 414 13  HOH HOH A . 
D 4 HOH 14 415 14  HOH HOH A . 
D 4 HOH 15 416 15  HOH HOH A . 
D 4 HOH 16 417 16  HOH HOH A . 
D 4 HOH 17 418 17  HOH HOH A . 
D 4 HOH 18 419 18  HOH HOH A . 
D 4 HOH 19 420 19  HOH HOH A . 
D 4 HOH 20 421 20  HOH HOH A . 
D 4 HOH 21 422 21  HOH HOH A . 
D 4 HOH 22 423 22  HOH HOH A . 
D 4 HOH 23 424 23  HOH HOH A . 
D 4 HOH 24 425 24  HOH HOH A . 
D 4 HOH 25 426 25  HOH HOH A . 
D 4 HOH 26 427 26  HOH HOH A . 
D 4 HOH 27 428 27  HOH HOH A . 
D 4 HOH 28 429 28  HOH HOH A . 
D 4 HOH 29 430 29  HOH HOH A . 
D 4 HOH 30 431 30  HOH HOH A . 
D 4 HOH 31 432 31  HOH HOH A . 
D 4 HOH 32 433 32  HOH HOH A . 
D 4 HOH 33 434 34  HOH HOH A . 
D 4 HOH 34 435 35  HOH HOH A . 
D 4 HOH 35 436 36  HOH HOH A . 
D 4 HOH 36 437 37  HOH HOH A . 
D 4 HOH 37 438 38  HOH HOH A . 
D 4 HOH 38 439 39  HOH HOH A . 
D 4 HOH 39 440 40  HOH HOH A . 
D 4 HOH 40 441 41  HOH HOH A . 
D 4 HOH 41 442 42  HOH HOH A . 
D 4 HOH 42 443 43  HOH HOH A . 
D 4 HOH 43 444 44  HOH HOH A . 
D 4 HOH 44 445 45  HOH HOH A . 
D 4 HOH 45 446 46  HOH HOH A . 
D 4 HOH 46 447 47  HOH HOH A . 
D 4 HOH 47 448 48  HOH HOH A . 
D 4 HOH 48 449 49  HOH HOH A . 
D 4 HOH 49 450 50  HOH HOH A . 
D 4 HOH 50 451 51  HOH HOH A . 
D 4 HOH 51 452 52  HOH HOH A . 
D 4 HOH 52 453 53  HOH HOH A . 
D 4 HOH 53 454 55  HOH HOH A . 
D 4 HOH 54 455 56  HOH HOH A . 
D 4 HOH 55 456 57  HOH HOH A . 
D 4 HOH 56 457 58  HOH HOH A . 
D 4 HOH 57 458 59  HOH HOH A . 
D 4 HOH 58 459 60  HOH HOH A . 
# 
loop_
_pdbx_unobs_or_zero_occ_atoms.id 
_pdbx_unobs_or_zero_occ_atoms.PDB_model_num 
_pdbx_unobs_or_zero_occ_atoms.polymer_flag 
_pdbx_unobs_or_zero_occ_atoms.occupancy_flag 
_pdbx_unobs_or_zero_occ_atoms.auth_asym_id 
_pdbx_unobs_or_zero_occ_atoms.auth_comp_id 
_pdbx_unobs_or_zero_occ_atoms.auth_seq_id 
_pdbx_unobs_or_zero_occ_atoms.PDB_ins_code 
_pdbx_unobs_or_zero_occ_atoms.auth_atom_id 
_pdbx_unobs_or_zero_occ_atoms.label_alt_id 
_pdbx_unobs_or_zero_occ_atoms.label_asym_id 
_pdbx_unobs_or_zero_occ_atoms.label_comp_id 
_pdbx_unobs_or_zero_occ_atoms.label_seq_id 
_pdbx_unobs_or_zero_occ_atoms.label_atom_id 
1 1 Y 1 A ASP 53 ? CB  ? A ASP 53 CB  
2 1 Y 1 A ASP 53 ? CG  ? A ASP 53 CG  
3 1 Y 1 A ASP 53 ? OD1 ? A ASP 53 OD1 
4 1 Y 1 A ASP 53 ? OD2 ? A ASP 53 OD2 
# 
loop_
_software.name 
_software.classification 
_software.version 
_software.citation_id 
_software.pdbx_ordinal 
DENZO     'data reduction' . ? 1 
SCALEPACK 'data scaling'   . ? 2 
CNS       refinement       . ? 3 
CNS       phasing          . ? 4 
# 
_cell.entry_id           1MR2 
_cell.length_a           63.894 
_cell.length_b           63.894 
_cell.length_c           182.059 
_cell.angle_alpha        90.00 
_cell.angle_beta         90.00 
_cell.angle_gamma        120.00 
_cell.Z_PDB              12 
_cell.pdbx_unique_axis   ? 
# 
_symmetry.entry_id                         1MR2 
_symmetry.space_group_name_H-M             'P 61 2 2' 
_symmetry.pdbx_full_space_group_name_H-M   ? 
_symmetry.cell_setting                     ? 
_symmetry.Int_Tables_number                178 
# 
_exptl.entry_id          1MR2 
_exptl.method            'X-RAY DIFFRACTION' 
_exptl.crystals_number   1 
# 
_exptl_crystal.id                    1 
_exptl_crystal.density_meas          ? 
_exptl_crystal.density_percent_sol   47.41 
_exptl_crystal.density_Matthews      2.34 
_exptl_crystal.description           ? 
# 
_exptl_crystal_grow.crystal_id      1 
_exptl_crystal_grow.method          'VAPOR DIFFUSION, HANGING DROP' 
_exptl_crystal_grow.temp            298 
_exptl_crystal_grow.temp_details    ? 
_exptl_crystal_grow.pH              7.5 
_exptl_crystal_grow.pdbx_details    'Sodium formate, Tris HCl, pH 7.5, VAPOR DIFFUSION, HANGING DROP, temperature 298K' 
_exptl_crystal_grow.pdbx_pH_range   . 
# 
_diffrn.id                     1 
_diffrn.ambient_temp           93 
_diffrn.ambient_temp_details   ? 
_diffrn.crystal_id             1 
# 
_diffrn_detector.diffrn_id              1 
_diffrn_detector.detector               'IMAGE PLATE' 
_diffrn_detector.type                   'RIGAKU RAXIS IV' 
_diffrn_detector.pdbx_collection_date   2002-01-15 
_diffrn_detector.details                mirrors 
# 
_diffrn_radiation.diffrn_id                        1 
_diffrn_radiation.wavelength_id                    1 
_diffrn_radiation.pdbx_monochromatic_or_laue_m_l   M 
_diffrn_radiation.monochromator                    'Ni filter' 
_diffrn_radiation.pdbx_diffrn_protocol             'SINGLE WAVELENGTH' 
_diffrn_radiation.pdbx_scattering_type             x-ray 
# 
_diffrn_radiation_wavelength.id           1 
_diffrn_radiation_wavelength.wavelength   1.54 
_diffrn_radiation_wavelength.wt           1.0 
# 
_diffrn_source.diffrn_id                   1 
_diffrn_source.source                      'ROTATING ANODE' 
_diffrn_source.type                        'RIGAKU RU200' 
_diffrn_source.pdbx_synchrotron_site       ? 
_diffrn_source.pdbx_synchrotron_beamline   ? 
_diffrn_source.pdbx_wavelength             ? 
_diffrn_source.pdbx_wavelength_list        1.54 
# 
_reflns.entry_id                     1MR2 
_reflns.observed_criterion_sigma_F   0 
_reflns.observed_criterion_sigma_I   0 
_reflns.d_resolution_high            2.3 
_reflns.d_resolution_low             30 
_reflns.number_all                   10522 
_reflns.number_obs                   10273 
_reflns.percent_possible_obs         97.8 
_reflns.pdbx_Rmerge_I_obs            ? 
_reflns.pdbx_Rsym_value              0.12 
_reflns.pdbx_netI_over_sigmaI        11.4 
_reflns.B_iso_Wilson_estimate        ? 
_reflns.pdbx_redundancy              ? 
_reflns.R_free_details               ? 
_reflns.limit_h_max                  ? 
_reflns.limit_h_min                  ? 
_reflns.limit_k_max                  ? 
_reflns.limit_k_min                  ? 
_reflns.limit_l_max                  ? 
_reflns.limit_l_min                  ? 
_reflns.observed_criterion_F_max     ? 
_reflns.observed_criterion_F_min     ? 
_reflns.pdbx_ordinal                 1 
_reflns.pdbx_diffrn_id               1 
# 
_reflns_shell.d_res_high             2.3 
_reflns_shell.d_res_low              2.38 
_reflns_shell.percent_possible_all   97.7 
_reflns_shell.Rmerge_I_obs           ? 
_reflns_shell.pdbx_Rsym_value        0.411 
_reflns_shell.meanI_over_sigI_obs    5.2 
_reflns_shell.pdbx_redundancy        ? 
_reflns_shell.percent_possible_obs   ? 
_reflns_shell.number_unique_all      ? 
_reflns_shell.pdbx_ordinal           1 
_reflns_shell.pdbx_diffrn_id         1 
# 
_refine.entry_id                                 1MR2 
_refine.ls_d_res_high                            2.3 
_refine.ls_d_res_low                             30 
_refine.pdbx_ls_sigma_F                          0 
_refine.pdbx_ls_sigma_I                          ? 
_refine.ls_number_reflns_all                     10273 
_refine.ls_number_reflns_obs                     10273 
_refine.ls_number_reflns_R_free                  1027 
_refine.ls_percent_reflns_obs                    ? 
_refine.ls_R_factor_all                          ? 
_refine.ls_R_factor_obs                          ? 
_refine.ls_R_factor_R_work                       0.205 
_refine.ls_R_factor_R_free                       0.2598 
_refine.ls_redundancy_reflns_obs                 ? 
_refine.pdbx_data_cutoff_high_absF               ? 
_refine.pdbx_data_cutoff_low_absF                ? 
_refine.ls_number_parameters                     ? 
_refine.ls_number_restraints                     ? 
_refine.ls_percent_reflns_R_free                 ? 
_refine.ls_R_factor_R_free_error                 ? 
_refine.ls_R_factor_R_free_error_details         ? 
_refine.pdbx_method_to_determine_struct          MIR 
_refine.pdbx_starting_model                      ? 
_refine.pdbx_ls_cross_valid_method               ? 
_refine.pdbx_R_Free_selection_details            random 
_refine.pdbx_stereochem_target_val_spec_case     ? 
_refine.pdbx_stereochemistry_target_values       'Engh & Huber' 
_refine.solvent_model_details                    ? 
_refine.solvent_model_param_bsol                 ? 
_refine.solvent_model_param_ksol                 ? 
_refine.occupancy_max                            ? 
_refine.occupancy_min                            ? 
_refine.pdbx_isotropic_thermal_model             ? 
_refine.B_iso_mean                               ? 
_refine.aniso_B[1][1]                            ? 
_refine.aniso_B[1][2]                            ? 
_refine.aniso_B[1][3]                            ? 
_refine.aniso_B[2][2]                            ? 
_refine.aniso_B[2][3]                            ? 
_refine.aniso_B[3][3]                            ? 
_refine.details                                  ? 
_refine.B_iso_min                                ? 
_refine.B_iso_max                                ? 
_refine.correlation_coeff_Fo_to_Fc               ? 
_refine.correlation_coeff_Fo_to_Fc_free          ? 
_refine.pdbx_solvent_vdw_probe_radii             ? 
_refine.pdbx_solvent_ion_probe_radii             ? 
_refine.pdbx_solvent_shrinkage_radii             ? 
_refine.overall_SU_R_Cruickshank_DPI             ? 
_refine.overall_SU_R_free                        ? 
_refine.overall_SU_B                             ? 
_refine.overall_SU_ML                            ? 
_refine.pdbx_overall_ESU_R                       ? 
_refine.pdbx_overall_ESU_R_Free                  ? 
_refine.pdbx_data_cutoff_high_rms_absF           ? 
_refine.pdbx_refine_id                           'X-RAY DIFFRACTION' 
_refine.pdbx_diffrn_id                           1 
_refine.pdbx_TLS_residual_ADP_flag               ? 
_refine.pdbx_overall_phase_error                 ? 
_refine.pdbx_overall_SU_R_free_Cruickshank_DPI   ? 
_refine.pdbx_overall_SU_R_Blow_DPI               ? 
_refine.pdbx_overall_SU_R_free_Blow_DPI          ? 
# 
_refine_hist.pdbx_refine_id                   'X-RAY DIFFRACTION' 
_refine_hist.cycle_id                         LAST 
_refine_hist.pdbx_number_atoms_protein        1463 
_refine_hist.pdbx_number_atoms_nucleic_acid   0 
_refine_hist.pdbx_number_atoms_ligand         28 
_refine_hist.number_atoms_solvent             58 
_refine_hist.number_atoms_total               1549 
_refine_hist.d_res_high                       2.3 
_refine_hist.d_res_low                        30 
# 
loop_
_refine_ls_restr.type 
_refine_ls_restr.dev_ideal 
_refine_ls_restr.dev_ideal_target 
_refine_ls_restr.weight 
_refine_ls_restr.number 
_refine_ls_restr.pdbx_refine_id 
_refine_ls_restr.pdbx_restraint_function 
c_bond_d     0.0111 ? ? ? 'X-RAY DIFFRACTION' ? 
c_angle_d    1.376  ? ? ? 'X-RAY DIFFRACTION' ? 
c_mcbond_it  1.322  ? ? ? 'X-RAY DIFFRACTION' ? 
c_mcangle_it 2.325  ? ? ? 'X-RAY DIFFRACTION' ? 
# 
_struct.entry_id                  1MR2 
_struct.title                     'Structure of the MT-ADPRase in complex with 1 Mn2+ ion and AMP-CP (a inhibitor), a nudix enzyme' 
_struct.pdbx_model_details        ? 
_struct.pdbx_CASP_flag            ? 
_struct.pdbx_model_type_details   ? 
# 
_struct_keywords.entry_id        1MR2 
_struct_keywords.pdbx_keywords   HYDROLASE 
_struct_keywords.text            'Nudix hydrolase, Rv1700, ADPR, Mycobacterium Tuberculosis, HYDROLASE' 
# 
loop_
_struct_asym.id 
_struct_asym.pdbx_blank_PDB_chainid_flag 
_struct_asym.pdbx_modified 
_struct_asym.entity_id 
_struct_asym.details 
A N N 1 ? 
B N N 2 ? 
C N N 3 ? 
D N N 4 ? 
# 
_struct_ref.id                         1 
_struct_ref.db_name                    UNP 
_struct_ref.db_code                    O33199_MYCTU 
_struct_ref.entity_id                  1 
_struct_ref.pdbx_seq_one_letter_code   
;MAEHDFETISSETLHTGAIFALRRDQVRMPGGGIVTREVVEHFGAVAIVAMDDNGNIPMVYQYRHTYGRRLWELPAGLLD
VAGEPPHLTAARELREEVGLQASTWQVLVDLDTAPGFSDESVRVYLATGLREVGRPEAHHEEADMTMGWYPIAEAARRVL
RGEIVNSIAIAGVLAVHAVTTGFAQPRPLDTEWIDRPTAFAARRAER
;
_struct_ref.pdbx_align_begin           1 
_struct_ref.pdbx_db_accession          O33199 
_struct_ref.pdbx_db_isoform            ? 
# 
_struct_ref_seq.align_id                      1 
_struct_ref_seq.ref_id                        1 
_struct_ref_seq.pdbx_PDB_id_code              1MR2 
_struct_ref_seq.pdbx_strand_id                A 
_struct_ref_seq.seq_align_beg                 1 
_struct_ref_seq.pdbx_seq_align_beg_ins_code   ? 
_struct_ref_seq.seq_align_end                 207 
_struct_ref_seq.pdbx_seq_align_end_ins_code   ? 
_struct_ref_seq.pdbx_db_accession             O33199 
_struct_ref_seq.db_align_beg                  1 
_struct_ref_seq.pdbx_db_align_beg_ins_code    ? 
_struct_ref_seq.db_align_end                  207 
_struct_ref_seq.pdbx_db_align_end_ins_code    ? 
_struct_ref_seq.pdbx_auth_seq_align_beg       1 
_struct_ref_seq.pdbx_auth_seq_align_end       207 
# 
_pdbx_struct_assembly.id                   1 
_pdbx_struct_assembly.details              author_and_software_defined_assembly 
_pdbx_struct_assembly.method_details       PISA,PQS 
_pdbx_struct_assembly.oligomeric_details   dimeric 
_pdbx_struct_assembly.oligomeric_count     2 
# 
loop_
_pdbx_struct_assembly_prop.biol_id 
_pdbx_struct_assembly_prop.type 
_pdbx_struct_assembly_prop.value 
_pdbx_struct_assembly_prop.details 
1 'ABSA (A^2)' 6950  ? 
1 MORE         -52   ? 
1 'SSA (A^2)'  16110 ? 
# 
_pdbx_struct_assembly_gen.assembly_id       1 
_pdbx_struct_assembly_gen.oper_expression   1,2 
_pdbx_struct_assembly_gen.asym_id_list      A,B,C,D 
# 
loop_
_pdbx_struct_oper_list.id 
_pdbx_struct_oper_list.type 
_pdbx_struct_oper_list.name 
_pdbx_struct_oper_list.symmetry_operation 
_pdbx_struct_oper_list.matrix[1][1] 
_pdbx_struct_oper_list.matrix[1][2] 
_pdbx_struct_oper_list.matrix[1][3] 
_pdbx_struct_oper_list.vector[1] 
_pdbx_struct_oper_list.matrix[2][1] 
_pdbx_struct_oper_list.matrix[2][2] 
_pdbx_struct_oper_list.matrix[2][3] 
_pdbx_struct_oper_list.vector[2] 
_pdbx_struct_oper_list.matrix[3][1] 
_pdbx_struct_oper_list.matrix[3][2] 
_pdbx_struct_oper_list.matrix[3][3] 
_pdbx_struct_oper_list.vector[3] 
1 'identity operation'         1_555  x,y,z        1.0000000000  0.0000000000  0.0000000000 0.0000000000  0.0000000000  1.0000000000  0.0000000000  0.0000000000   0.0000000000 0.0000000000  1.0000000000 0.0000000000 
2 'crystal symmetry operation' 12_555 x,x-y,-z+1/6 -0.5310142946 -0.1723356118 0.8296530936 -8.4102437085 -0.1723356118 -0.9366727754 -0.3048680842 -16.0497172825 0.8296530936 -0.3048680842 0.4676870700 1.4202878763 
# 
_struct_biol.id                    1 
_struct_biol.details               
;The second part of the biological assembly is generated 
by the two fold axis
;
_struct_biol.pdbx_parent_biol_id   ? 
# 
loop_
_struct_conf.conf_type_id 
_struct_conf.id 
_struct_conf.pdbx_PDB_helix_id 
_struct_conf.beg_label_comp_id 
_struct_conf.beg_label_asym_id 
_struct_conf.beg_label_seq_id 
_struct_conf.pdbx_beg_PDB_ins_code 
_struct_conf.end_label_comp_id 
_struct_conf.end_label_asym_id 
_struct_conf.end_label_seq_id 
_struct_conf.pdbx_end_PDB_ins_code 
_struct_conf.beg_auth_comp_id 
_struct_conf.beg_auth_asym_id 
_struct_conf.beg_auth_seq_id 
_struct_conf.end_auth_comp_id 
_struct_conf.end_auth_asym_id 
_struct_conf.end_auth_seq_id 
_struct_conf.pdbx_PDB_helix_class 
_struct_conf.details 
_struct_conf.pdbx_PDB_helix_length 
HELX_P HELX_P1 1 PRO A 85  ? GLY A 99  ? PRO A 85  GLY A 99  1 ? 15 
HELX_P HELX_P2 2 ILE A 152 ? LEU A 160 ? ILE A 152 LEU A 160 1 ? 9  
HELX_P HELX_P3 3 ASN A 166 ? THR A 181 ? ASN A 166 THR A 181 1 ? 16 
HELX_P HELX_P4 4 THR A 198 ? ARG A 204 ? THR A 198 ARG A 204 1 ? 7  
# 
_struct_conf_type.id          HELX_P 
_struct_conf_type.criteria    ? 
_struct_conf_type.reference   ? 
# 
loop_
_struct_conn.id 
_struct_conn.conn_type_id 
_struct_conn.pdbx_leaving_atom_flag 
_struct_conn.pdbx_PDB_id 
_struct_conn.ptnr1_label_asym_id 
_struct_conn.ptnr1_label_comp_id 
_struct_conn.ptnr1_label_seq_id 
_struct_conn.ptnr1_label_atom_id 
_struct_conn.pdbx_ptnr1_label_alt_id 
_struct_conn.pdbx_ptnr1_PDB_ins_code 
_struct_conn.pdbx_ptnr1_standard_comp_id 
_struct_conn.ptnr1_symmetry 
_struct_conn.ptnr2_label_asym_id 
_struct_conn.ptnr2_label_comp_id 
_struct_conn.ptnr2_label_seq_id 
_struct_conn.ptnr2_label_atom_id 
_struct_conn.pdbx_ptnr2_label_alt_id 
_struct_conn.pdbx_ptnr2_PDB_ins_code 
_struct_conn.ptnr1_auth_asym_id 
_struct_conn.ptnr1_auth_comp_id 
_struct_conn.ptnr1_auth_seq_id 
_struct_conn.ptnr2_auth_asym_id 
_struct_conn.ptnr2_auth_comp_id 
_struct_conn.ptnr2_auth_seq_id 
_struct_conn.ptnr2_symmetry 
_struct_conn.pdbx_ptnr3_label_atom_id 
_struct_conn.pdbx_ptnr3_label_seq_id 
_struct_conn.pdbx_ptnr3_label_comp_id 
_struct_conn.pdbx_ptnr3_label_asym_id 
_struct_conn.pdbx_ptnr3_label_alt_id 
_struct_conn.pdbx_ptnr3_PDB_ins_code 
_struct_conn.details 
_struct_conn.pdbx_dist_value 
_struct_conn.pdbx_value_order 
_struct_conn.pdbx_role 
metalc1 metalc ? ? A ALA 76 O   ? ? ? 1_555 B MN . MN ? ? A ALA 76  A MN 401 1_555 ? ? ? ? ? ? ? 2.405 ? ? 
metalc2 metalc ? ? C A12 .  O3B ? ? ? 1_555 B MN . MN ? ? A A12 301 A MN 401 1_555 ? ? ? ? ? ? ? 2.164 ? ? 
# 
_struct_conn_type.id          metalc 
_struct_conn_type.criteria    ? 
_struct_conn_type.reference   ? 
# 
_pdbx_struct_conn_angle.id                    1 
_pdbx_struct_conn_angle.ptnr1_label_atom_id   O 
_pdbx_struct_conn_angle.ptnr1_label_alt_id    ? 
_pdbx_struct_conn_angle.ptnr1_label_asym_id   A 
_pdbx_struct_conn_angle.ptnr1_label_comp_id   ALA 
_pdbx_struct_conn_angle.ptnr1_label_seq_id    76 
_pdbx_struct_conn_angle.ptnr1_auth_atom_id    ? 
_pdbx_struct_conn_angle.ptnr1_auth_asym_id    A 
_pdbx_struct_conn_angle.ptnr1_auth_comp_id    ALA 
_pdbx_struct_conn_angle.ptnr1_auth_seq_id     76 
_pdbx_struct_conn_angle.ptnr1_PDB_ins_code    ? 
_pdbx_struct_conn_angle.ptnr1_symmetry        1_555 
_pdbx_struct_conn_angle.ptnr2_label_atom_id   MN 
_pdbx_struct_conn_angle.ptnr2_label_alt_id    ? 
_pdbx_struct_conn_angle.ptnr2_label_asym_id   B 
_pdbx_struct_conn_angle.ptnr2_label_comp_id   MN 
_pdbx_struct_conn_angle.ptnr2_label_seq_id    . 
_pdbx_struct_conn_angle.ptnr2_auth_atom_id    ? 
_pdbx_struct_conn_angle.ptnr2_auth_asym_id    A 
_pdbx_struct_conn_angle.ptnr2_auth_comp_id    MN 
_pdbx_struct_conn_angle.ptnr2_auth_seq_id     401 
_pdbx_struct_conn_angle.ptnr2_PDB_ins_code    ? 
_pdbx_struct_conn_angle.ptnr2_symmetry        1_555 
_pdbx_struct_conn_angle.ptnr3_label_atom_id   O3B 
_pdbx_struct_conn_angle.ptnr3_label_alt_id    ? 
_pdbx_struct_conn_angle.ptnr3_label_asym_id   C 
_pdbx_struct_conn_angle.ptnr3_label_comp_id   A12 
_pdbx_struct_conn_angle.ptnr3_label_seq_id    . 
_pdbx_struct_conn_angle.ptnr3_auth_atom_id    ? 
_pdbx_struct_conn_angle.ptnr3_auth_asym_id    A 
_pdbx_struct_conn_angle.ptnr3_auth_comp_id    A12 
_pdbx_struct_conn_angle.ptnr3_auth_seq_id     301 
_pdbx_struct_conn_angle.ptnr3_PDB_ins_code    ? 
_pdbx_struct_conn_angle.ptnr3_symmetry        1_555 
_pdbx_struct_conn_angle.value                 104.1 
_pdbx_struct_conn_angle.value_esd             ? 
# 
loop_
_struct_sheet.id 
_struct_sheet.type 
_struct_sheet.number_strands 
_struct_sheet.details 
A ? 3 ? 
B ? 4 ? 
C ? 3 ? 
# 
loop_
_struct_sheet_order.sheet_id 
_struct_sheet_order.range_id_1 
_struct_sheet_order.range_id_2 
_struct_sheet_order.offset 
_struct_sheet_order.sense 
A 1 2 ? anti-parallel 
A 2 3 ? anti-parallel 
B 1 2 ? anti-parallel 
B 2 3 ? parallel      
B 3 4 ? anti-parallel 
C 1 2 ? anti-parallel 
C 2 3 ? anti-parallel 
# 
loop_
_struct_sheet_range.sheet_id 
_struct_sheet_range.id 
_struct_sheet_range.beg_label_comp_id 
_struct_sheet_range.beg_label_asym_id 
_struct_sheet_range.beg_label_seq_id 
_struct_sheet_range.pdbx_beg_PDB_ins_code 
_struct_sheet_range.end_label_comp_id 
_struct_sheet_range.end_label_asym_id 
_struct_sheet_range.end_label_seq_id 
_struct_sheet_range.pdbx_end_PDB_ins_code 
_struct_sheet_range.beg_auth_comp_id 
_struct_sheet_range.beg_auth_asym_id 
_struct_sheet_range.beg_auth_seq_id 
_struct_sheet_range.end_auth_comp_id 
_struct_sheet_range.end_auth_asym_id 
_struct_sheet_range.end_auth_seq_id 
A 1 SER A 10  ? THR A 16  ? SER A 10  THR A 16  
A 2 PHE A 20  ? VAL A 27  ? PHE A 20  VAL A 27  
A 3 VAL A 35  ? HIS A 42  ? VAL A 35  HIS A 42  
B 1 ALA A 76  ? LEU A 78  ? ALA A 76  LEU A 78  
B 2 ALA A 45  ? ALA A 50  ? ALA A 45  ALA A 50  
B 3 VAL A 122 ? GLU A 132 ? VAL A 122 GLU A 132 
B 4 LEU A 100 ? LEU A 111 ? LEU A 100 LEU A 111 
C 1 ARG A 70  ? GLU A 73  ? ARG A 70  GLU A 73  
C 2 ASN A 56  ? TYR A 63  ? ASN A 56  TYR A 63  
C 3 MET A 147 ? PRO A 151 ? MET A 147 PRO A 151 
# 
loop_
_pdbx_struct_sheet_hbond.sheet_id 
_pdbx_struct_sheet_hbond.range_id_1 
_pdbx_struct_sheet_hbond.range_id_2 
_pdbx_struct_sheet_hbond.range_1_label_atom_id 
_pdbx_struct_sheet_hbond.range_1_label_comp_id 
_pdbx_struct_sheet_hbond.range_1_label_asym_id 
_pdbx_struct_sheet_hbond.range_1_label_seq_id 
_pdbx_struct_sheet_hbond.range_1_PDB_ins_code 
_pdbx_struct_sheet_hbond.range_1_auth_atom_id 
_pdbx_struct_sheet_hbond.range_1_auth_comp_id 
_pdbx_struct_sheet_hbond.range_1_auth_asym_id 
_pdbx_struct_sheet_hbond.range_1_auth_seq_id 
_pdbx_struct_sheet_hbond.range_2_label_atom_id 
_pdbx_struct_sheet_hbond.range_2_label_comp_id 
_pdbx_struct_sheet_hbond.range_2_label_asym_id 
_pdbx_struct_sheet_hbond.range_2_label_seq_id 
_pdbx_struct_sheet_hbond.range_2_PDB_ins_code 
_pdbx_struct_sheet_hbond.range_2_auth_atom_id 
_pdbx_struct_sheet_hbond.range_2_auth_comp_id 
_pdbx_struct_sheet_hbond.range_2_auth_asym_id 
_pdbx_struct_sheet_hbond.range_2_auth_seq_id 
A 1 2 N HIS A 15  ? N HIS A 15  O LEU A 22  ? O LEU A 22  
A 2 3 N ALA A 21  ? N ALA A 21  O GLU A 41  ? O GLU A 41  
B 1 2 O GLY A 77  ? O GLY A 77  N VAL A 46  ? N VAL A 46  
B 2 3 N VAL A 49  ? N VAL A 49  O TYR A 125 ? O TYR A 125 
B 3 4 O VAL A 122 ? O VAL A 122 N LEU A 111 ? N LEU A 111 
C 1 2 O LEU A 71  ? O LEU A 71  N GLN A 62  ? N GLN A 62  
C 2 3 N ILE A 57  ? N ILE A 57  O TYR A 150 ? O TYR A 150 
# 
loop_
_struct_site.id 
_struct_site.pdbx_evidence_code 
_struct_site.pdbx_auth_asym_id 
_struct_site.pdbx_auth_comp_id 
_struct_site.pdbx_auth_seq_id 
_struct_site.pdbx_auth_ins_code 
_struct_site.pdbx_num_residues 
_struct_site.details 
AC1 Software A MN  401 ? 3  'BINDING SITE FOR RESIDUE MN A 401'  
AC2 Software A A12 301 ? 11 'BINDING SITE FOR RESIDUE A12 A 301' 
# 
loop_
_struct_site_gen.id 
_struct_site_gen.site_id 
_struct_site_gen.pdbx_num_res 
_struct_site_gen.label_comp_id 
_struct_site_gen.label_asym_id 
_struct_site_gen.label_seq_id 
_struct_site_gen.pdbx_auth_ins_code 
_struct_site_gen.auth_comp_id 
_struct_site_gen.auth_asym_id 
_struct_site_gen.auth_seq_id 
_struct_site_gen.label_atom_id 
_struct_site_gen.label_alt_id 
_struct_site_gen.symmetry 
_struct_site_gen.details 
1  AC1 3  ALA A 76  ? ALA A 76  . ? 1_555  ? 
2  AC1 3  A12 C .   ? A12 A 301 . ? 1_555  ? 
3  AC1 3  HOH D .   ? HOH A 403 . ? 1_555  ? 
4  AC2 11 ILE A 19  ? ILE A 19  . ? 1_555  ? 
5  AC2 11 THR A 36  ? THR A 36  . ? 12_555 ? 
6  AC2 11 ARG A 37  ? ARG A 37  . ? 12_555 ? 
7  AC2 11 GLU A 38  ? GLU A 38  . ? 12_555 ? 
8  AC2 11 ARG A 64  ? ARG A 64  . ? 1_555  ? 
9  AC2 11 ALA A 76  ? ALA A 76  . ? 1_555  ? 
10 AC2 11 GLY A 116 ? GLY A 116 . ? 12_555 ? 
11 AC2 11 MN  B .   ? MN  A 401 . ? 1_555  ? 
12 AC2 11 HOH D .   ? HOH A 405 . ? 1_555  ? 
13 AC2 11 HOH D .   ? HOH A 423 . ? 1_555  ? 
14 AC2 11 HOH D .   ? HOH A 451 . ? 1_555  ? 
# 
loop_
_pdbx_validate_torsion.id 
_pdbx_validate_torsion.PDB_model_num 
_pdbx_validate_torsion.auth_comp_id 
_pdbx_validate_torsion.auth_asym_id 
_pdbx_validate_torsion.auth_seq_id 
_pdbx_validate_torsion.PDB_ins_code 
_pdbx_validate_torsion.label_alt_id 
_pdbx_validate_torsion.phi 
_pdbx_validate_torsion.psi 
1 1 LEU A 108 ? ? -93.25  -64.84 
2 1 THR A 198 ? ? -145.47 -21.83 
3 1 ALA A 205 ? ? -74.68  38.11  
# 
_pdbx_validate_chiral.id              1 
_pdbx_validate_chiral.PDB_model_num   1 
_pdbx_validate_chiral.auth_atom_id    "C1'" 
_pdbx_validate_chiral.label_alt_id    ? 
_pdbx_validate_chiral.auth_asym_id    A 
_pdbx_validate_chiral.auth_comp_id    A12 
_pdbx_validate_chiral.auth_seq_id     301 
_pdbx_validate_chiral.PDB_ins_code    ? 
_pdbx_validate_chiral.details         PLANAR 
_pdbx_validate_chiral.omega           . 
# 
loop_
_pdbx_unobs_or_zero_occ_residues.id 
_pdbx_unobs_or_zero_occ_residues.PDB_model_num 
_pdbx_unobs_or_zero_occ_residues.polymer_flag 
_pdbx_unobs_or_zero_occ_residues.occupancy_flag 
_pdbx_unobs_or_zero_occ_residues.auth_asym_id 
_pdbx_unobs_or_zero_occ_residues.auth_comp_id 
_pdbx_unobs_or_zero_occ_residues.auth_seq_id 
_pdbx_unobs_or_zero_occ_residues.PDB_ins_code 
_pdbx_unobs_or_zero_occ_residues.label_asym_id 
_pdbx_unobs_or_zero_occ_residues.label_comp_id 
_pdbx_unobs_or_zero_occ_residues.label_seq_id 
1  1 Y 1 A MET 1   ? A MET 1   
2  1 Y 1 A ALA 2   ? A ALA 2   
3  1 Y 1 A GLU 3   ? A GLU 3   
4  1 Y 1 A HIS 4   ? A HIS 4   
5  1 Y 1 A ASP 5   ? A ASP 5   
6  1 Y 1 A MET 29  ? A MET 29  
7  1 Y 1 A PRO 30  ? A PRO 30  
8  1 Y 1 A GLY 31  ? A GLY 31  
9  1 Y 1 A GLY 32  ? A GLY 32  
10 1 Y 1 A GLY 33  ? A GLY 33  
11 1 Y 1 A PRO 136 ? A PRO 136 
12 1 Y 1 A GLU 137 ? A GLU 137 
13 1 Y 1 A ALA 138 ? A ALA 138 
14 1 Y 1 A HIS 139 ? A HIS 139 
15 1 Y 1 A HIS 140 ? A HIS 140 
16 1 Y 1 A GLU 141 ? A GLU 141 
17 1 Y 1 A GLU 142 ? A GLU 142 
18 1 Y 1 A ALA 143 ? A ALA 143 
19 1 Y 1 A ASP 144 ? A ASP 144 
20 1 Y 1 A MET 145 ? A MET 145 
# 
loop_
_chem_comp_atom.comp_id 
_chem_comp_atom.atom_id 
_chem_comp_atom.type_symbol 
_chem_comp_atom.pdbx_aromatic_flag 
_chem_comp_atom.pdbx_stereo_config 
_chem_comp_atom.pdbx_ordinal 
A12 PB     P  N N 1   
A12 O1B    O  N N 2   
A12 O2B    O  N N 3   
A12 O3B    O  N N 4   
A12 PA     P  N S 5   
A12 O1A    O  N N 6   
A12 O2A    O  N N 7   
A12 C3A    C  N N 8   
A12 "O5'"  O  N N 9   
A12 "C5'"  C  N N 10  
A12 "C4'"  C  N R 11  
A12 "O4'"  O  N N 12  
A12 "C3'"  C  N S 13  
A12 "O3'"  O  N N 14  
A12 "C2'"  C  N R 15  
A12 "O2'"  O  N N 16  
A12 "C1'"  C  N R 17  
A12 N9     N  Y N 18  
A12 C8     C  Y N 19  
A12 N7     N  Y N 20  
A12 C5     C  Y N 21  
A12 C6     C  Y N 22  
A12 N6     N  N N 23  
A12 N1     N  Y N 24  
A12 C2     C  Y N 25  
A12 N3     N  Y N 26  
A12 C4     C  Y N 27  
A12 HOB2   H  N N 28  
A12 HXT    H  N N 29  
A12 HOA2   H  N N 30  
A12 H3A1   H  N N 31  
A12 H3A2   H  N N 32  
A12 "H5'1" H  N N 33  
A12 "H5'2" H  N N 34  
A12 "H4'"  H  N N 35  
A12 "H3'"  H  N N 36  
A12 "HO3'" H  N N 37  
A12 "H2'"  H  N N 38  
A12 "HO2'" H  N N 39  
A12 "H1'"  H  N N 40  
A12 H8     H  N N 41  
A12 HN61   H  N N 42  
A12 HN62   H  N N 43  
A12 H2     H  N N 44  
ALA N      N  N N 45  
ALA CA     C  N S 46  
ALA C      C  N N 47  
ALA O      O  N N 48  
ALA CB     C  N N 49  
ALA OXT    O  N N 50  
ALA H      H  N N 51  
ALA H2     H  N N 52  
ALA HA     H  N N 53  
ALA HB1    H  N N 54  
ALA HB2    H  N N 55  
ALA HB3    H  N N 56  
ALA HXT    H  N N 57  
ARG N      N  N N 58  
ARG CA     C  N S 59  
ARG C      C  N N 60  
ARG O      O  N N 61  
ARG CB     C  N N 62  
ARG CG     C  N N 63  
ARG CD     C  N N 64  
ARG NE     N  N N 65  
ARG CZ     C  N N 66  
ARG NH1    N  N N 67  
ARG NH2    N  N N 68  
ARG OXT    O  N N 69  
ARG H      H  N N 70  
ARG H2     H  N N 71  
ARG HA     H  N N 72  
ARG HB2    H  N N 73  
ARG HB3    H  N N 74  
ARG HG2    H  N N 75  
ARG HG3    H  N N 76  
ARG HD2    H  N N 77  
ARG HD3    H  N N 78  
ARG HE     H  N N 79  
ARG HH11   H  N N 80  
ARG HH12   H  N N 81  
ARG HH21   H  N N 82  
ARG HH22   H  N N 83  
ARG HXT    H  N N 84  
ASN N      N  N N 85  
ASN CA     C  N S 86  
ASN C      C  N N 87  
ASN O      O  N N 88  
ASN CB     C  N N 89  
ASN CG     C  N N 90  
ASN OD1    O  N N 91  
ASN ND2    N  N N 92  
ASN OXT    O  N N 93  
ASN H      H  N N 94  
ASN H2     H  N N 95  
ASN HA     H  N N 96  
ASN HB2    H  N N 97  
ASN HB3    H  N N 98  
ASN HD21   H  N N 99  
ASN HD22   H  N N 100 
ASN HXT    H  N N 101 
ASP N      N  N N 102 
ASP CA     C  N S 103 
ASP C      C  N N 104 
ASP O      O  N N 105 
ASP CB     C  N N 106 
ASP CG     C  N N 107 
ASP OD1    O  N N 108 
ASP OD2    O  N N 109 
ASP OXT    O  N N 110 
ASP H      H  N N 111 
ASP H2     H  N N 112 
ASP HA     H  N N 113 
ASP HB2    H  N N 114 
ASP HB3    H  N N 115 
ASP HD2    H  N N 116 
ASP HXT    H  N N 117 
GLN N      N  N N 118 
GLN CA     C  N S 119 
GLN C      C  N N 120 
GLN O      O  N N 121 
GLN CB     C  N N 122 
GLN CG     C  N N 123 
GLN CD     C  N N 124 
GLN OE1    O  N N 125 
GLN NE2    N  N N 126 
GLN OXT    O  N N 127 
GLN H      H  N N 128 
GLN H2     H  N N 129 
GLN HA     H  N N 130 
GLN HB2    H  N N 131 
GLN HB3    H  N N 132 
GLN HG2    H  N N 133 
GLN HG3    H  N N 134 
GLN HE21   H  N N 135 
GLN HE22   H  N N 136 
GLN HXT    H  N N 137 
GLU N      N  N N 138 
GLU CA     C  N S 139 
GLU C      C  N N 140 
GLU O      O  N N 141 
GLU CB     C  N N 142 
GLU CG     C  N N 143 
GLU CD     C  N N 144 
GLU OE1    O  N N 145 
GLU OE2    O  N N 146 
GLU OXT    O  N N 147 
GLU H      H  N N 148 
GLU H2     H  N N 149 
GLU HA     H  N N 150 
GLU HB2    H  N N 151 
GLU HB3    H  N N 152 
GLU HG2    H  N N 153 
GLU HG3    H  N N 154 
GLU HE2    H  N N 155 
GLU HXT    H  N N 156 
GLY N      N  N N 157 
GLY CA     C  N N 158 
GLY C      C  N N 159 
GLY O      O  N N 160 
GLY OXT    O  N N 161 
GLY H      H  N N 162 
GLY H2     H  N N 163 
GLY HA2    H  N N 164 
GLY HA3    H  N N 165 
GLY HXT    H  N N 166 
HIS N      N  N N 167 
HIS CA     C  N S 168 
HIS C      C  N N 169 
HIS O      O  N N 170 
HIS CB     C  N N 171 
HIS CG     C  Y N 172 
HIS ND1    N  Y N 173 
HIS CD2    C  Y N 174 
HIS CE1    C  Y N 175 
HIS NE2    N  Y N 176 
HIS OXT    O  N N 177 
HIS H      H  N N 178 
HIS H2     H  N N 179 
HIS HA     H  N N 180 
HIS HB2    H  N N 181 
HIS HB3    H  N N 182 
HIS HD1    H  N N 183 
HIS HD2    H  N N 184 
HIS HE1    H  N N 185 
HIS HE2    H  N N 186 
HIS HXT    H  N N 187 
HOH O      O  N N 188 
HOH H1     H  N N 189 
HOH H2     H  N N 190 
ILE N      N  N N 191 
ILE CA     C  N S 192 
ILE C      C  N N 193 
ILE O      O  N N 194 
ILE CB     C  N S 195 
ILE CG1    C  N N 196 
ILE CG2    C  N N 197 
ILE CD1    C  N N 198 
ILE OXT    O  N N 199 
ILE H      H  N N 200 
ILE H2     H  N N 201 
ILE HA     H  N N 202 
ILE HB     H  N N 203 
ILE HG12   H  N N 204 
ILE HG13   H  N N 205 
ILE HG21   H  N N 206 
ILE HG22   H  N N 207 
ILE HG23   H  N N 208 
ILE HD11   H  N N 209 
ILE HD12   H  N N 210 
ILE HD13   H  N N 211 
ILE HXT    H  N N 212 
LEU N      N  N N 213 
LEU CA     C  N S 214 
LEU C      C  N N 215 
LEU O      O  N N 216 
LEU CB     C  N N 217 
LEU CG     C  N N 218 
LEU CD1    C  N N 219 
LEU CD2    C  N N 220 
LEU OXT    O  N N 221 
LEU H      H  N N 222 
LEU H2     H  N N 223 
LEU HA     H  N N 224 
LEU HB2    H  N N 225 
LEU HB3    H  N N 226 
LEU HG     H  N N 227 
LEU HD11   H  N N 228 
LEU HD12   H  N N 229 
LEU HD13   H  N N 230 
LEU HD21   H  N N 231 
LEU HD22   H  N N 232 
LEU HD23   H  N N 233 
LEU HXT    H  N N 234 
MET N      N  N N 235 
MET CA     C  N S 236 
MET C      C  N N 237 
MET O      O  N N 238 
MET CB     C  N N 239 
MET CG     C  N N 240 
MET SD     S  N N 241 
MET CE     C  N N 242 
MET OXT    O  N N 243 
MET H      H  N N 244 
MET H2     H  N N 245 
MET HA     H  N N 246 
MET HB2    H  N N 247 
MET HB3    H  N N 248 
MET HG2    H  N N 249 
MET HG3    H  N N 250 
MET HE1    H  N N 251 
MET HE2    H  N N 252 
MET HE3    H  N N 253 
MET HXT    H  N N 254 
MN  MN     MN N N 255 
PHE N      N  N N 256 
PHE CA     C  N S 257 
PHE C      C  N N 258 
PHE O      O  N N 259 
PHE CB     C  N N 260 
PHE CG     C  Y N 261 
PHE CD1    C  Y N 262 
PHE CD2    C  Y N 263 
PHE CE1    C  Y N 264 
PHE CE2    C  Y N 265 
PHE CZ     C  Y N 266 
PHE OXT    O  N N 267 
PHE H      H  N N 268 
PHE H2     H  N N 269 
PHE HA     H  N N 270 
PHE HB2    H  N N 271 
PHE HB3    H  N N 272 
PHE HD1    H  N N 273 
PHE HD2    H  N N 274 
PHE HE1    H  N N 275 
PHE HE2    H  N N 276 
PHE HZ     H  N N 277 
PHE HXT    H  N N 278 
PRO N      N  N N 279 
PRO CA     C  N S 280 
PRO C      C  N N 281 
PRO O      O  N N 282 
PRO CB     C  N N 283 
PRO CG     C  N N 284 
PRO CD     C  N N 285 
PRO OXT    O  N N 286 
PRO H      H  N N 287 
PRO HA     H  N N 288 
PRO HB2    H  N N 289 
PRO HB3    H  N N 290 
PRO HG2    H  N N 291 
PRO HG3    H  N N 292 
PRO HD2    H  N N 293 
PRO HD3    H  N N 294 
PRO HXT    H  N N 295 
SER N      N  N N 296 
SER CA     C  N S 297 
SER C      C  N N 298 
SER O      O  N N 299 
SER CB     C  N N 300 
SER OG     O  N N 301 
SER OXT    O  N N 302 
SER H      H  N N 303 
SER H2     H  N N 304 
SER HA     H  N N 305 
SER HB2    H  N N 306 
SER HB3    H  N N 307 
SER HG     H  N N 308 
SER HXT    H  N N 309 
THR N      N  N N 310 
THR CA     C  N S 311 
THR C      C  N N 312 
THR O      O  N N 313 
THR CB     C  N R 314 
THR OG1    O  N N 315 
THR CG2    C  N N 316 
THR OXT    O  N N 317 
THR H      H  N N 318 
THR H2     H  N N 319 
THR HA     H  N N 320 
THR HB     H  N N 321 
THR HG1    H  N N 322 
THR HG21   H  N N 323 
THR HG22   H  N N 324 
THR HG23   H  N N 325 
THR HXT    H  N N 326 
TRP N      N  N N 327 
TRP CA     C  N S 328 
TRP C      C  N N 329 
TRP O      O  N N 330 
TRP CB     C  N N 331 
TRP CG     C  Y N 332 
TRP CD1    C  Y N 333 
TRP CD2    C  Y N 334 
TRP NE1    N  Y N 335 
TRP CE2    C  Y N 336 
TRP CE3    C  Y N 337 
TRP CZ2    C  Y N 338 
TRP CZ3    C  Y N 339 
TRP CH2    C  Y N 340 
TRP OXT    O  N N 341 
TRP H      H  N N 342 
TRP H2     H  N N 343 
TRP HA     H  N N 344 
TRP HB2    H  N N 345 
TRP HB3    H  N N 346 
TRP HD1    H  N N 347 
TRP HE1    H  N N 348 
TRP HE3    H  N N 349 
TRP HZ2    H  N N 350 
TRP HZ3    H  N N 351 
TRP HH2    H  N N 352 
TRP HXT    H  N N 353 
TYR N      N  N N 354 
TYR CA     C  N S 355 
TYR C      C  N N 356 
TYR O      O  N N 357 
TYR CB     C  N N 358 
TYR CG     C  Y N 359 
TYR CD1    C  Y N 360 
TYR CD2    C  Y N 361 
TYR CE1    C  Y N 362 
TYR CE2    C  Y N 363 
TYR CZ     C  Y N 364 
TYR OH     O  N N 365 
TYR OXT    O  N N 366 
TYR H      H  N N 367 
TYR H2     H  N N 368 
TYR HA     H  N N 369 
TYR HB2    H  N N 370 
TYR HB3    H  N N 371 
TYR HD1    H  N N 372 
TYR HD2    H  N N 373 
TYR HE1    H  N N 374 
TYR HE2    H  N N 375 
TYR HH     H  N N 376 
TYR HXT    H  N N 377 
VAL N      N  N N 378 
VAL CA     C  N S 379 
VAL C      C  N N 380 
VAL O      O  N N 381 
VAL CB     C  N N 382 
VAL CG1    C  N N 383 
VAL CG2    C  N N 384 
VAL OXT    O  N N 385 
VAL H      H  N N 386 
VAL H2     H  N N 387 
VAL HA     H  N N 388 
VAL HB     H  N N 389 
VAL HG11   H  N N 390 
VAL HG12   H  N N 391 
VAL HG13   H  N N 392 
VAL HG21   H  N N 393 
VAL HG22   H  N N 394 
VAL HG23   H  N N 395 
VAL HXT    H  N N 396 
# 
loop_
_chem_comp_bond.comp_id 
_chem_comp_bond.atom_id_1 
_chem_comp_bond.atom_id_2 
_chem_comp_bond.value_order 
_chem_comp_bond.pdbx_aromatic_flag 
_chem_comp_bond.pdbx_stereo_config 
_chem_comp_bond.pdbx_ordinal 
A12 PB    O1B    doub N N 1   
A12 PB    O2B    sing N N 2   
A12 PB    O3B    sing N N 3   
A12 PB    C3A    sing N N 4   
A12 O2B   HOB2   sing N N 5   
A12 O3B   HXT    sing N N 6   
A12 PA    O1A    doub N N 7   
A12 PA    O2A    sing N N 8   
A12 PA    C3A    sing N N 9   
A12 PA    "O5'"  sing N N 10  
A12 O2A   HOA2   sing N N 11  
A12 C3A   H3A1   sing N N 12  
A12 C3A   H3A2   sing N N 13  
A12 "O5'" "C5'"  sing N N 14  
A12 "C5'" "C4'"  sing N N 15  
A12 "C5'" "H5'1" sing N N 16  
A12 "C5'" "H5'2" sing N N 17  
A12 "C4'" "O4'"  sing N N 18  
A12 "C4'" "C3'"  sing N N 19  
A12 "C4'" "H4'"  sing N N 20  
A12 "O4'" "C1'"  sing N N 21  
A12 "C3'" "O3'"  sing N N 22  
A12 "C3'" "C2'"  sing N N 23  
A12 "C3'" "H3'"  sing N N 24  
A12 "O3'" "HO3'" sing N N 25  
A12 "C2'" "O2'"  sing N N 26  
A12 "C2'" "C1'"  sing N N 27  
A12 "C2'" "H2'"  sing N N 28  
A12 "O2'" "HO2'" sing N N 29  
A12 "C1'" N9     sing N N 30  
A12 "C1'" "H1'"  sing N N 31  
A12 N9    C8     sing Y N 32  
A12 N9    C4     sing Y N 33  
A12 C8    N7     doub Y N 34  
A12 C8    H8     sing N N 35  
A12 N7    C5     sing Y N 36  
A12 C5    C6     sing Y N 37  
A12 C5    C4     doub Y N 38  
A12 C6    N6     sing N N 39  
A12 C6    N1     doub Y N 40  
A12 N6    HN61   sing N N 41  
A12 N6    HN62   sing N N 42  
A12 N1    C2     sing Y N 43  
A12 C2    N3     doub Y N 44  
A12 C2    H2     sing N N 45  
A12 N3    C4     sing Y N 46  
ALA N     CA     sing N N 47  
ALA N     H      sing N N 48  
ALA N     H2     sing N N 49  
ALA CA    C      sing N N 50  
ALA CA    CB     sing N N 51  
ALA CA    HA     sing N N 52  
ALA C     O      doub N N 53  
ALA C     OXT    sing N N 54  
ALA CB    HB1    sing N N 55  
ALA CB    HB2    sing N N 56  
ALA CB    HB3    sing N N 57  
ALA OXT   HXT    sing N N 58  
ARG N     CA     sing N N 59  
ARG N     H      sing N N 60  
ARG N     H2     sing N N 61  
ARG CA    C      sing N N 62  
ARG CA    CB     sing N N 63  
ARG CA    HA     sing N N 64  
ARG C     O      doub N N 65  
ARG C     OXT    sing N N 66  
ARG CB    CG     sing N N 67  
ARG CB    HB2    sing N N 68  
ARG CB    HB3    sing N N 69  
ARG CG    CD     sing N N 70  
ARG CG    HG2    sing N N 71  
ARG CG    HG3    sing N N 72  
ARG CD    NE     sing N N 73  
ARG CD    HD2    sing N N 74  
ARG CD    HD3    sing N N 75  
ARG NE    CZ     sing N N 76  
ARG NE    HE     sing N N 77  
ARG CZ    NH1    sing N N 78  
ARG CZ    NH2    doub N N 79  
ARG NH1   HH11   sing N N 80  
ARG NH1   HH12   sing N N 81  
ARG NH2   HH21   sing N N 82  
ARG NH2   HH22   sing N N 83  
ARG OXT   HXT    sing N N 84  
ASN N     CA     sing N N 85  
ASN N     H      sing N N 86  
ASN N     H2     sing N N 87  
ASN CA    C      sing N N 88  
ASN CA    CB     sing N N 89  
ASN CA    HA     sing N N 90  
ASN C     O      doub N N 91  
ASN C     OXT    sing N N 92  
ASN CB    CG     sing N N 93  
ASN CB    HB2    sing N N 94  
ASN CB    HB3    sing N N 95  
ASN CG    OD1    doub N N 96  
ASN CG    ND2    sing N N 97  
ASN ND2   HD21   sing N N 98  
ASN ND2   HD22   sing N N 99  
ASN OXT   HXT    sing N N 100 
ASP N     CA     sing N N 101 
ASP N     H      sing N N 102 
ASP N     H2     sing N N 103 
ASP CA    C      sing N N 104 
ASP CA    CB     sing N N 105 
ASP CA    HA     sing N N 106 
ASP C     O      doub N N 107 
ASP C     OXT    sing N N 108 
ASP CB    CG     sing N N 109 
ASP CB    HB2    sing N N 110 
ASP CB    HB3    sing N N 111 
ASP CG    OD1    doub N N 112 
ASP CG    OD2    sing N N 113 
ASP OD2   HD2    sing N N 114 
ASP OXT   HXT    sing N N 115 
GLN N     CA     sing N N 116 
GLN N     H      sing N N 117 
GLN N     H2     sing N N 118 
GLN CA    C      sing N N 119 
GLN CA    CB     sing N N 120 
GLN CA    HA     sing N N 121 
GLN C     O      doub N N 122 
GLN C     OXT    sing N N 123 
GLN CB    CG     sing N N 124 
GLN CB    HB2    sing N N 125 
GLN CB    HB3    sing N N 126 
GLN CG    CD     sing N N 127 
GLN CG    HG2    sing N N 128 
GLN CG    HG3    sing N N 129 
GLN CD    OE1    doub N N 130 
GLN CD    NE2    sing N N 131 
GLN NE2   HE21   sing N N 132 
GLN NE2   HE22   sing N N 133 
GLN OXT   HXT    sing N N 134 
GLU N     CA     sing N N 135 
GLU N     H      sing N N 136 
GLU N     H2     sing N N 137 
GLU CA    C      sing N N 138 
GLU CA    CB     sing N N 139 
GLU CA    HA     sing N N 140 
GLU C     O      doub N N 141 
GLU C     OXT    sing N N 142 
GLU CB    CG     sing N N 143 
GLU CB    HB2    sing N N 144 
GLU CB    HB3    sing N N 145 
GLU CG    CD     sing N N 146 
GLU CG    HG2    sing N N 147 
GLU CG    HG3    sing N N 148 
GLU CD    OE1    doub N N 149 
GLU CD    OE2    sing N N 150 
GLU OE2   HE2    sing N N 151 
GLU OXT   HXT    sing N N 152 
GLY N     CA     sing N N 153 
GLY N     H      sing N N 154 
GLY N     H2     sing N N 155 
GLY CA    C      sing N N 156 
GLY CA    HA2    sing N N 157 
GLY CA    HA3    sing N N 158 
GLY C     O      doub N N 159 
GLY C     OXT    sing N N 160 
GLY OXT   HXT    sing N N 161 
HIS N     CA     sing N N 162 
HIS N     H      sing N N 163 
HIS N     H2     sing N N 164 
HIS CA    C      sing N N 165 
HIS CA    CB     sing N N 166 
HIS CA    HA     sing N N 167 
HIS C     O      doub N N 168 
HIS C     OXT    sing N N 169 
HIS CB    CG     sing N N 170 
HIS CB    HB2    sing N N 171 
HIS CB    HB3    sing N N 172 
HIS CG    ND1    sing Y N 173 
HIS CG    CD2    doub Y N 174 
HIS ND1   CE1    doub Y N 175 
HIS ND1   HD1    sing N N 176 
HIS CD2   NE2    sing Y N 177 
HIS CD2   HD2    sing N N 178 
HIS CE1   NE2    sing Y N 179 
HIS CE1   HE1    sing N N 180 
HIS NE2   HE2    sing N N 181 
HIS OXT   HXT    sing N N 182 
HOH O     H1     sing N N 183 
HOH O     H2     sing N N 184 
ILE N     CA     sing N N 185 
ILE N     H      sing N N 186 
ILE N     H2     sing N N 187 
ILE CA    C      sing N N 188 
ILE CA    CB     sing N N 189 
ILE CA    HA     sing N N 190 
ILE C     O      doub N N 191 
ILE C     OXT    sing N N 192 
ILE CB    CG1    sing N N 193 
ILE CB    CG2    sing N N 194 
ILE CB    HB     sing N N 195 
ILE CG1   CD1    sing N N 196 
ILE CG1   HG12   sing N N 197 
ILE CG1   HG13   sing N N 198 
ILE CG2   HG21   sing N N 199 
ILE CG2   HG22   sing N N 200 
ILE CG2   HG23   sing N N 201 
ILE CD1   HD11   sing N N 202 
ILE CD1   HD12   sing N N 203 
ILE CD1   HD13   sing N N 204 
ILE OXT   HXT    sing N N 205 
LEU N     CA     sing N N 206 
LEU N     H      sing N N 207 
LEU N     H2     sing N N 208 
LEU CA    C      sing N N 209 
LEU CA    CB     sing N N 210 
LEU CA    HA     sing N N 211 
LEU C     O      doub N N 212 
LEU C     OXT    sing N N 213 
LEU CB    CG     sing N N 214 
LEU CB    HB2    sing N N 215 
LEU CB    HB3    sing N N 216 
LEU CG    CD1    sing N N 217 
LEU CG    CD2    sing N N 218 
LEU CG    HG     sing N N 219 
LEU CD1   HD11   sing N N 220 
LEU CD1   HD12   sing N N 221 
LEU CD1   HD13   sing N N 222 
LEU CD2   HD21   sing N N 223 
LEU CD2   HD22   sing N N 224 
LEU CD2   HD23   sing N N 225 
LEU OXT   HXT    sing N N 226 
MET N     CA     sing N N 227 
MET N     H      sing N N 228 
MET N     H2     sing N N 229 
MET CA    C      sing N N 230 
MET CA    CB     sing N N 231 
MET CA    HA     sing N N 232 
MET C     O      doub N N 233 
MET C     OXT    sing N N 234 
MET CB    CG     sing N N 235 
MET CB    HB2    sing N N 236 
MET CB    HB3    sing N N 237 
MET CG    SD     sing N N 238 
MET CG    HG2    sing N N 239 
MET CG    HG3    sing N N 240 
MET SD    CE     sing N N 241 
MET CE    HE1    sing N N 242 
MET CE    HE2    sing N N 243 
MET CE    HE3    sing N N 244 
MET OXT   HXT    sing N N 245 
PHE N     CA     sing N N 246 
PHE N     H      sing N N 247 
PHE N     H2     sing N N 248 
PHE CA    C      sing N N 249 
PHE CA    CB     sing N N 250 
PHE CA    HA     sing N N 251 
PHE C     O      doub N N 252 
PHE C     OXT    sing N N 253 
PHE CB    CG     sing N N 254 
PHE CB    HB2    sing N N 255 
PHE CB    HB3    sing N N 256 
PHE CG    CD1    doub Y N 257 
PHE CG    CD2    sing Y N 258 
PHE CD1   CE1    sing Y N 259 
PHE CD1   HD1    sing N N 260 
PHE CD2   CE2    doub Y N 261 
PHE CD2   HD2    sing N N 262 
PHE CE1   CZ     doub Y N 263 
PHE CE1   HE1    sing N N 264 
PHE CE2   CZ     sing Y N 265 
PHE CE2   HE2    sing N N 266 
PHE CZ    HZ     sing N N 267 
PHE OXT   HXT    sing N N 268 
PRO N     CA     sing N N 269 
PRO N     CD     sing N N 270 
PRO N     H      sing N N 271 
PRO CA    C      sing N N 272 
PRO CA    CB     sing N N 273 
PRO CA    HA     sing N N 274 
PRO C     O      doub N N 275 
PRO C     OXT    sing N N 276 
PRO CB    CG     sing N N 277 
PRO CB    HB2    sing N N 278 
PRO CB    HB3    sing N N 279 
PRO CG    CD     sing N N 280 
PRO CG    HG2    sing N N 281 
PRO CG    HG3    sing N N 282 
PRO CD    HD2    sing N N 283 
PRO CD    HD3    sing N N 284 
PRO OXT   HXT    sing N N 285 
SER N     CA     sing N N 286 
SER N     H      sing N N 287 
SER N     H2     sing N N 288 
SER CA    C      sing N N 289 
SER CA    CB     sing N N 290 
SER CA    HA     sing N N 291 
SER C     O      doub N N 292 
SER C     OXT    sing N N 293 
SER CB    OG     sing N N 294 
SER CB    HB2    sing N N 295 
SER CB    HB3    sing N N 296 
SER OG    HG     sing N N 297 
SER OXT   HXT    sing N N 298 
THR N     CA     sing N N 299 
THR N     H      sing N N 300 
THR N     H2     sing N N 301 
THR CA    C      sing N N 302 
THR CA    CB     sing N N 303 
THR CA    HA     sing N N 304 
THR C     O      doub N N 305 
THR C     OXT    sing N N 306 
THR CB    OG1    sing N N 307 
THR CB    CG2    sing N N 308 
THR CB    HB     sing N N 309 
THR OG1   HG1    sing N N 310 
THR CG2   HG21   sing N N 311 
THR CG2   HG22   sing N N 312 
THR CG2   HG23   sing N N 313 
THR OXT   HXT    sing N N 314 
TRP N     CA     sing N N 315 
TRP N     H      sing N N 316 
TRP N     H2     sing N N 317 
TRP CA    C      sing N N 318 
TRP CA    CB     sing N N 319 
TRP CA    HA     sing N N 320 
TRP C     O      doub N N 321 
TRP C     OXT    sing N N 322 
TRP CB    CG     sing N N 323 
TRP CB    HB2    sing N N 324 
TRP CB    HB3    sing N N 325 
TRP CG    CD1    doub Y N 326 
TRP CG    CD2    sing Y N 327 
TRP CD1   NE1    sing Y N 328 
TRP CD1   HD1    sing N N 329 
TRP CD2   CE2    doub Y N 330 
TRP CD2   CE3    sing Y N 331 
TRP NE1   CE2    sing Y N 332 
TRP NE1   HE1    sing N N 333 
TRP CE2   CZ2    sing Y N 334 
TRP CE3   CZ3    doub Y N 335 
TRP CE3   HE3    sing N N 336 
TRP CZ2   CH2    doub Y N 337 
TRP CZ2   HZ2    sing N N 338 
TRP CZ3   CH2    sing Y N 339 
TRP CZ3   HZ3    sing N N 340 
TRP CH2   HH2    sing N N 341 
TRP OXT   HXT    sing N N 342 
TYR N     CA     sing N N 343 
TYR N     H      sing N N 344 
TYR N     H2     sing N N 345 
TYR CA    C      sing N N 346 
TYR CA    CB     sing N N 347 
TYR CA    HA     sing N N 348 
TYR C     O      doub N N 349 
TYR C     OXT    sing N N 350 
TYR CB    CG     sing N N 351 
TYR CB    HB2    sing N N 352 
TYR CB    HB3    sing N N 353 
TYR CG    CD1    doub Y N 354 
TYR CG    CD2    sing Y N 355 
TYR CD1   CE1    sing Y N 356 
TYR CD1   HD1    sing N N 357 
TYR CD2   CE2    doub Y N 358 
TYR CD2   HD2    sing N N 359 
TYR CE1   CZ     doub Y N 360 
TYR CE1   HE1    sing N N 361 
TYR CE2   CZ     sing Y N 362 
TYR CE2   HE2    sing N N 363 
TYR CZ    OH     sing N N 364 
TYR OH    HH     sing N N 365 
TYR OXT   HXT    sing N N 366 
VAL N     CA     sing N N 367 
VAL N     H      sing N N 368 
VAL N     H2     sing N N 369 
VAL CA    C      sing N N 370 
VAL CA    CB     sing N N 371 
VAL CA    HA     sing N N 372 
VAL C     O      doub N N 373 
VAL C     OXT    sing N N 374 
VAL CB    CG1    sing N N 375 
VAL CB    CG2    sing N N 376 
VAL CB    HB     sing N N 377 
VAL CG1   HG11   sing N N 378 
VAL CG1   HG12   sing N N 379 
VAL CG1   HG13   sing N N 380 
VAL CG2   HG21   sing N N 381 
VAL CG2   HG22   sing N N 382 
VAL CG2   HG23   sing N N 383 
VAL OXT   HXT    sing N N 384 
# 
_atom_sites.entry_id                    1MR2 
_atom_sites.fract_transf_matrix[1][1]   0.00875135 
_atom_sites.fract_transf_matrix[1][2]   -0.00321590 
_atom_sites.fract_transf_matrix[1][3]   0.01548144 
_atom_sites.fract_transf_matrix[2][1]   0.00411025 
_atom_sites.fract_transf_matrix[2][2]   0.01368307 
_atom_sites.fract_transf_matrix[2][3]   0.01106692 
_atom_sites.fract_transf_matrix[3][1]   -0.00480510 
_atom_sites.fract_transf_matrix[3][2]   -0.00064511 
_atom_sites.fract_transf_matrix[3][3]   0.00258222 
_atom_sites.fract_transf_vector[1]      0.450227 
_atom_sites.fract_transf_vector[2]      0.344341 
_atom_sites.fract_transf_vector[3]      0.056121 
# 
loop_
_atom_type.symbol 
C  
MN 
N  
O  
P  
S  
# 
loop_
_atom_site.group_PDB 
_atom_site.id 
_atom_site.type_symbol 
_atom_site.label_atom_id 
_atom_site.label_alt_id 
_atom_site.label_comp_id 
_atom_site.label_asym_id 
_atom_site.label_entity_id 
_atom_site.label_seq_id 
_atom_site.pdbx_PDB_ins_code 
_atom_site.Cartn_x 
_atom_site.Cartn_y 
_atom_site.Cartn_z 
_atom_site.occupancy 
_atom_site.B_iso_or_equiv 
_atom_site.pdbx_formal_charge 
_atom_site.auth_seq_id 
_atom_site.auth_comp_id 
_atom_site.auth_asym_id 
_atom_site.auth_atom_id 
_atom_site.pdbx_PDB_model_num 
ATOM   1    N  N     . PHE A 1 6   ? -18.359 -5.278  21.334  1.00 80.73  ? 6   PHE A N     1 
ATOM   2    C  CA    . PHE A 1 6   ? -17.150 -5.922  21.928  1.00 80.83  ? 6   PHE A CA    1 
ATOM   3    C  C     . PHE A 1 6   ? -16.385 -4.901  22.745  1.00 80.12  ? 6   PHE A C     1 
ATOM   4    O  O     . PHE A 1 6   ? -16.669 -3.702  22.682  1.00 80.76  ? 6   PHE A O     1 
ATOM   5    C  CB    . PHE A 1 6   ? -16.211 -6.448  20.837  1.00 81.85  ? 6   PHE A CB    1 
ATOM   6    C  CG    . PHE A 1 6   ? -16.825 -7.489  19.942  1.00 83.29  ? 6   PHE A CG    1 
ATOM   7    C  CD1   . PHE A 1 6   ? -17.761 -7.133  18.974  1.00 82.77  ? 6   PHE A CD1   1 
ATOM   8    C  CD2   . PHE A 1 6   ? -16.458 -8.832  20.066  1.00 83.52  ? 6   PHE A CD2   1 
ATOM   9    C  CE1   . PHE A 1 6   ? -18.324 -8.097  18.139  1.00 83.04  ? 6   PHE A CE1   1 
ATOM   10   C  CE2   . PHE A 1 6   ? -17.015 -9.805  19.238  1.00 82.84  ? 6   PHE A CE2   1 
ATOM   11   C  CZ    . PHE A 1 6   ? -17.948 -9.438  18.272  1.00 82.96  ? 6   PHE A CZ    1 
ATOM   12   N  N     . GLU A 1 7   ? -15.407 -5.378  23.506  1.00 78.32  ? 7   GLU A N     1 
ATOM   13   C  CA    . GLU A 1 7   ? -14.588 -4.489  24.310  1.00 76.51  ? 7   GLU A CA    1 
ATOM   14   C  C     . GLU A 1 7   ? -13.275 -5.127  24.733  1.00 73.78  ? 7   GLU A C     1 
ATOM   15   O  O     . GLU A 1 7   ? -13.235 -6.285  25.145  1.00 74.01  ? 7   GLU A O     1 
ATOM   16   C  CB    . GLU A 1 7   ? -15.354 -4.013  25.546  1.00 78.30  ? 7   GLU A CB    1 
ATOM   17   C  CG    . GLU A 1 7   ? -14.616 -2.907  26.276  1.00 81.96  ? 7   GLU A CG    1 
ATOM   18   C  CD    . GLU A 1 7   ? -13.972 -1.920  25.302  1.00 84.28  ? 7   GLU A CD    1 
ATOM   19   O  OE1   . GLU A 1 7   ? -14.712 -1.276  24.524  1.00 85.02  ? 7   GLU A OE1   1 
ATOM   20   O  OE2   . GLU A 1 7   ? -12.724 -1.798  25.304  1.00 85.19  ? 7   GLU A OE2   1 
ATOM   21   N  N     . THR A 1 8   ? -12.197 -4.362  24.628  1.00 70.69  ? 8   THR A N     1 
ATOM   22   C  CA    . THR A 1 8   ? -10.888 -4.859  25.009  1.00 68.55  ? 8   THR A CA    1 
ATOM   23   C  C     . THR A 1 8   ? -10.762 -4.856  26.527  1.00 67.84  ? 8   THR A C     1 
ATOM   24   O  O     . THR A 1 8   ? -10.760 -3.805  27.170  1.00 66.66  ? 8   THR A O     1 
ATOM   25   C  CB    . THR A 1 8   ? -9.762  -3.992  24.421  1.00 68.14  ? 8   THR A CB    1 
ATOM   26   O  OG1   . THR A 1 8   ? -9.991  -3.785  23.020  1.00 66.08  ? 8   THR A OG1   1 
ATOM   27   C  CG2   . THR A 1 8   ? -8.422  -4.684  24.618  1.00 66.98  ? 8   THR A CG2   1 
ATOM   28   N  N     . ILE A 1 9   ? -10.657 -6.048  27.096  1.00 67.61  ? 9   ILE A N     1 
ATOM   29   C  CA    . ILE A 1 9   ? -10.536 -6.183  28.536  1.00 67.72  ? 9   ILE A CA    1 
ATOM   30   C  C     . ILE A 1 9   ? -9.103  -5.932  28.987  1.00 68.25  ? 9   ILE A C     1 
ATOM   31   O  O     . ILE A 1 9   ? -8.874  -5.413  30.080  1.00 69.36  ? 9   ILE A O     1 
ATOM   32   C  CB    . ILE A 1 9   ? -10.986 -7.590  28.991  1.00 66.20  ? 9   ILE A CB    1 
ATOM   33   C  CG1   . ILE A 1 9   ? -12.412 -7.857  28.498  1.00 65.63  ? 9   ILE A CG1   1 
ATOM   34   C  CG2   . ILE A 1 9   ? -10.902 -7.714  30.498  1.00 66.32  ? 9   ILE A CG2   1 
ATOM   35   C  CD1   . ILE A 1 9   ? -13.396 -6.719  28.753  1.00 64.24  ? 9   ILE A CD1   1 
ATOM   36   N  N     . SER A 1 10  ? -8.137  -6.287  28.142  1.00 68.24  ? 10  SER A N     1 
ATOM   37   C  CA    . SER A 1 10  ? -6.732  -6.091  28.490  1.00 68.04  ? 10  SER A CA    1 
ATOM   38   C  C     . SER A 1 10  ? -5.782  -6.282  27.312  1.00 67.17  ? 10  SER A C     1 
ATOM   39   O  O     . SER A 1 10  ? -5.899  -7.250  26.565  1.00 67.73  ? 10  SER A O     1 
ATOM   40   C  CB    . SER A 1 10  ? -6.341  -7.057  29.610  1.00 68.27  ? 10  SER A CB    1 
ATOM   41   O  OG    . SER A 1 10  ? -6.583  -8.400  29.224  1.00 67.75  ? 10  SER A OG    1 
ATOM   42   N  N     . SER A 1 11  ? -4.842  -5.353  27.160  1.00 66.36  ? 11  SER A N     1 
ATOM   43   C  CA    . SER A 1 11  ? -3.852  -5.410  26.086  1.00 66.19  ? 11  SER A CA    1 
ATOM   44   C  C     . SER A 1 11  ? -2.473  -5.738  26.655  1.00 65.37  ? 11  SER A C     1 
ATOM   45   O  O     . SER A 1 11  ? -2.036  -5.138  27.635  1.00 66.08  ? 11  SER A O     1 
ATOM   46   C  CB    . SER A 1 11  ? -3.786  -4.075  25.335  1.00 66.57  ? 11  SER A CB    1 
ATOM   47   O  OG    . SER A 1 11  ? -4.979  -3.824  24.611  1.00 66.93  ? 11  SER A OG    1 
ATOM   48   N  N     . GLU A 1 12  ? -1.787  -6.687  26.029  1.00 64.05  ? 12  GLU A N     1 
ATOM   49   C  CA    . GLU A 1 12  ? -0.463  -7.091  26.485  1.00 61.72  ? 12  GLU A CA    1 
ATOM   50   C  C     . GLU A 1 12  ? 0.502   -7.095  25.300  1.00 59.22  ? 12  GLU A C     1 
ATOM   51   O  O     . GLU A 1 12  ? 0.288   -7.814  24.326  1.00 58.47  ? 12  GLU A O     1 
ATOM   52   C  CB    . GLU A 1 12  ? -0.548  -8.493  27.096  1.00 63.32  ? 12  GLU A CB    1 
ATOM   53   C  CG    . GLU A 1 12  ? 0.632   -8.903  27.967  1.00 65.50  ? 12  GLU A CG    1 
ATOM   54   C  CD    . GLU A 1 12  ? 0.663   -10.406 28.220  1.00 67.62  ? 12  GLU A CD    1 
ATOM   55   O  OE1   . GLU A 1 12  ? -0.401  -10.987 28.524  1.00 67.90  ? 12  GLU A OE1   1 
ATOM   56   O  OE2   . GLU A 1 12  ? 1.754   -11.008 28.115  1.00 69.67  ? 12  GLU A OE2   1 
ATOM   57   N  N     . THR A 1 13  ? 1.557   -6.290  25.377  1.00 56.28  ? 13  THR A N     1 
ATOM   58   C  CA    . THR A 1 13  ? 2.540   -6.229  24.298  1.00 54.09  ? 13  THR A CA    1 
ATOM   59   C  C     . THR A 1 13  ? 3.565   -7.352  24.448  1.00 53.66  ? 13  THR A C     1 
ATOM   60   O  O     . THR A 1 13  ? 4.312   -7.396  25.420  1.00 54.85  ? 13  THR A O     1 
ATOM   61   C  CB    . THR A 1 13  ? 3.264   -4.861  24.277  1.00 52.34  ? 13  THR A CB    1 
ATOM   62   O  OG1   . THR A 1 13  ? 2.309   -3.829  24.016  1.00 51.53  ? 13  THR A OG1   1 
ATOM   63   C  CG2   . THR A 1 13  ? 4.333   -4.830  23.194  1.00 50.62  ? 13  THR A CG2   1 
ATOM   64   N  N     . LEU A 1 14  ? 3.590   -8.256  23.476  1.00 51.70  ? 14  LEU A N     1 
ATOM   65   C  CA    . LEU A 1 14  ? 4.500   -9.393  23.492  1.00 49.52  ? 14  LEU A CA    1 
ATOM   66   C  C     . LEU A 1 14  ? 5.857   -9.089  22.886  1.00 49.35  ? 14  LEU A C     1 
ATOM   67   O  O     . LEU A 1 14  ? 6.881   -9.533  23.389  1.00 50.67  ? 14  LEU A O     1 
ATOM   68   C  CB    . LEU A 1 14  ? 3.878   -10.566 22.732  1.00 47.39  ? 14  LEU A CB    1 
ATOM   69   C  CG    . LEU A 1 14  ? 2.743   -11.384 23.354  1.00 45.63  ? 14  LEU A CG    1 
ATOM   70   C  CD1   . LEU A 1 14  ? 1.836   -10.508 24.192  1.00 45.24  ? 14  LEU A CD1   1 
ATOM   71   C  CD2   . LEU A 1 14  ? 1.971   -12.072 22.232  1.00 44.65  ? 14  LEU A CD2   1 
ATOM   72   N  N     . HIS A 1 15  ? 5.869   -8.336  21.798  1.00 49.73  ? 15  HIS A N     1 
ATOM   73   C  CA    . HIS A 1 15  ? 7.123   -8.025  21.136  1.00 50.80  ? 15  HIS A CA    1 
ATOM   74   C  C     . HIS A 1 15  ? 7.027   -6.779  20.278  1.00 50.98  ? 15  HIS A C     1 
ATOM   75   O  O     . HIS A 1 15  ? 6.024   -6.563  19.604  1.00 52.44  ? 15  HIS A O     1 
ATOM   76   C  CB    . HIS A 1 15  ? 7.543   -9.205  20.252  1.00 52.60  ? 15  HIS A CB    1 
ATOM   77   C  CG    . HIS A 1 15  ? 8.673   -8.894  19.314  1.00 55.62  ? 15  HIS A CG    1 
ATOM   78   N  ND1   . HIS A 1 15  ? 9.994   -8.884  19.712  1.00 55.90  ? 15  HIS A ND1   1 
ATOM   79   C  CD2   . HIS A 1 15  ? 8.673   -8.560  18.000  1.00 55.33  ? 15  HIS A CD2   1 
ATOM   80   C  CE1   . HIS A 1 15  ? 10.758  -8.560  18.683  1.00 56.77  ? 15  HIS A CE1   1 
ATOM   81   N  NE2   . HIS A 1 15  ? 9.982   -8.359  17.633  1.00 56.55  ? 15  HIS A NE2   1 
ATOM   82   N  N     . THR A 1 16  ? 8.072   -5.959  20.319  1.00 50.45  ? 16  THR A N     1 
ATOM   83   C  CA    . THR A 1 16  ? 8.141   -4.758  19.497  1.00 48.77  ? 16  THR A CA    1 
ATOM   84   C  C     . THR A 1 16  ? 9.313   -4.987  18.568  1.00 47.60  ? 16  THR A C     1 
ATOM   85   O  O     . THR A 1 16  ? 10.425  -5.249  19.019  1.00 48.33  ? 16  THR A O     1 
ATOM   86   C  CB    . THR A 1 16  ? 8.406   -3.481  20.314  1.00 48.04  ? 16  THR A CB    1 
ATOM   87   O  OG1   . THR A 1 16  ? 7.244   -3.146  21.086  1.00 47.83  ? 16  THR A OG1   1 
ATOM   88   C  CG2   . THR A 1 16  ? 8.734   -2.326  19.376  1.00 48.70  ? 16  THR A CG2   1 
ATOM   89   N  N     . GLY A 1 17  ? 9.060   -4.905  17.271  1.00 46.18  ? 17  GLY A N     1 
ATOM   90   C  CA    . GLY A 1 17  ? 10.119  -5.128  16.318  1.00 43.89  ? 17  GLY A CA    1 
ATOM   91   C  C     . GLY A 1 17  ? 10.549  -3.857  15.631  1.00 44.70  ? 17  GLY A C     1 
ATOM   92   O  O     . GLY A 1 17  ? 10.384  -2.748  16.153  1.00 44.27  ? 17  GLY A O     1 
ATOM   93   N  N     . ALA A 1 18  ? 11.099  -4.036  14.436  1.00 45.09  ? 18  ALA A N     1 
ATOM   94   C  CA    . ALA A 1 18  ? 11.584  -2.938  13.624  1.00 44.82  ? 18  ALA A CA    1 
ATOM   95   C  C     . ALA A 1 18  ? 10.450  -2.217  12.898  1.00 45.16  ? 18  ALA A C     1 
ATOM   96   O  O     . ALA A 1 18  ? 10.401  -0.988  12.903  1.00 45.67  ? 18  ALA A O     1 
ATOM   97   C  CB    . ALA A 1 18  ? 12.596  -3.462  12.619  1.00 45.50  ? 18  ALA A CB    1 
ATOM   98   N  N     . ILE A 1 19  ? 9.538   -2.972  12.283  1.00 44.43  ? 19  ILE A N     1 
ATOM   99   C  CA    . ILE A 1 19  ? 8.423   -2.362  11.559  1.00 43.37  ? 19  ILE A CA    1 
ATOM   100  C  C     . ILE A 1 19  ? 7.026   -2.684  12.093  1.00 42.69  ? 19  ILE A C     1 
ATOM   101  O  O     . ILE A 1 19  ? 6.030   -2.158  11.582  1.00 41.96  ? 19  ILE A O     1 
ATOM   102  C  CB    . ILE A 1 19  ? 8.461   -2.707  10.043  1.00 42.77  ? 19  ILE A CB    1 
ATOM   103  C  CG1   . ILE A 1 19  ? 8.318   -4.210  9.831   1.00 41.55  ? 19  ILE A CG1   1 
ATOM   104  C  CG2   . ILE A 1 19  ? 9.757   -2.206  9.432   1.00 41.04  ? 19  ILE A CG2   1 
ATOM   105  C  CD1   . ILE A 1 19  ? 7.961   -4.568  8.404   1.00 41.53  ? 19  ILE A CD1   1 
ATOM   106  N  N     . PHE A 1 20  ? 6.944   -3.549  13.101  1.00 41.62  ? 20  PHE A N     1 
ATOM   107  C  CA    . PHE A 1 20  ? 5.657   -3.885  13.702  1.00 41.02  ? 20  PHE A CA    1 
ATOM   108  C  C     . PHE A 1 20  ? 5.812   -4.339  15.143  1.00 41.65  ? 20  PHE A C     1 
ATOM   109  O  O     . PHE A 1 20  ? 6.915   -4.633  15.591  1.00 43.20  ? 20  PHE A O     1 
ATOM   110  C  CB    . PHE A 1 20  ? 4.918   -4.957  12.883  1.00 40.05  ? 20  PHE A CB    1 
ATOM   111  C  CG    . PHE A 1 20  ? 5.661   -6.261  12.736  1.00 40.64  ? 20  PHE A CG    1 
ATOM   112  C  CD1   . PHE A 1 20  ? 5.827   -7.120  13.819  1.00 40.78  ? 20  PHE A CD1   1 
ATOM   113  C  CD2   . PHE A 1 20  ? 6.162   -6.650  11.494  1.00 39.02  ? 20  PHE A CD2   1 
ATOM   114  C  CE1   . PHE A 1 20  ? 6.478   -8.345  13.669  1.00 40.43  ? 20  PHE A CE1   1 
ATOM   115  C  CE2   . PHE A 1 20  ? 6.811   -7.871  11.332  1.00 38.33  ? 20  PHE A CE2   1 
ATOM   116  C  CZ    . PHE A 1 20  ? 6.969   -8.722  12.420  1.00 39.11  ? 20  PHE A CZ    1 
ATOM   117  N  N     . ALA A 1 21  ? 4.702   -4.366  15.870  1.00 40.67  ? 21  ALA A N     1 
ATOM   118  C  CA    . ALA A 1 21  ? 4.698   -4.806  17.254  1.00 39.57  ? 21  ALA A CA    1 
ATOM   119  C  C     . ALA A 1 21  ? 3.611   -5.869  17.398  1.00 40.82  ? 21  ALA A C     1 
ATOM   120  O  O     . ALA A 1 21  ? 2.575   -5.799  16.738  1.00 41.33  ? 21  ALA A O     1 
ATOM   121  C  CB    . ALA A 1 21  ? 4.412   -3.631  18.171  1.00 38.83  ? 21  ALA A CB    1 
ATOM   122  N  N     . LEU A 1 22  ? 3.857   -6.868  18.238  1.00 41.89  ? 22  LEU A N     1 
ATOM   123  C  CA    . LEU A 1 22  ? 2.878   -7.931  18.465  1.00 42.88  ? 22  LEU A CA    1 
ATOM   124  C  C     . LEU A 1 22  ? 2.193   -7.657  19.796  1.00 42.95  ? 22  LEU A C     1 
ATOM   125  O  O     . LEU A 1 22  ? 2.852   -7.364  20.786  1.00 42.82  ? 22  LEU A O     1 
ATOM   126  C  CB    . LEU A 1 22  ? 3.554   -9.304  18.491  1.00 42.66  ? 22  LEU A CB    1 
ATOM   127  C  CG    . LEU A 1 22  ? 2.642   -10.497 18.801  1.00 41.97  ? 22  LEU A CG    1 
ATOM   128  C  CD1   . LEU A 1 22  ? 1.507   -10.549 17.799  1.00 42.24  ? 22  LEU A CD1   1 
ATOM   129  C  CD2   . LEU A 1 22  ? 3.450   -11.780 18.768  1.00 41.73  ? 22  LEU A CD2   1 
ATOM   130  N  N     . ARG A 1 23  ? 0.870   -7.770  19.813  1.00 43.63  ? 23  ARG A N     1 
ATOM   131  C  CA    . ARG A 1 23  ? 0.086   -7.481  21.003  1.00 44.80  ? 23  ARG A CA    1 
ATOM   132  C  C     . ARG A 1 23  ? -0.990  -8.547  21.175  1.00 46.48  ? 23  ARG A C     1 
ATOM   133  O  O     . ARG A 1 23  ? -1.492  -9.076  20.188  1.00 47.35  ? 23  ARG A O     1 
ATOM   134  C  CB    . ARG A 1 23  ? -0.558  -6.104  20.813  1.00 45.20  ? 23  ARG A CB    1 
ATOM   135  C  CG    . ARG A 1 23  ? -1.220  -5.482  22.017  1.00 46.24  ? 23  ARG A CG    1 
ATOM   136  C  CD    . ARG A 1 23  ? -1.965  -4.227  21.581  1.00 45.55  ? 23  ARG A CD    1 
ATOM   137  N  NE    . ARG A 1 23  ? -3.187  -4.545  20.844  1.00 46.45  ? 23  ARG A NE    1 
ATOM   138  C  CZ    . ARG A 1 23  ? -3.543  -4.001  19.681  1.00 45.59  ? 23  ARG A CZ    1 
ATOM   139  N  NH1   . ARG A 1 23  ? -2.770  -3.099  19.092  1.00 43.34  ? 23  ARG A NH1   1 
ATOM   140  N  NH2   . ARG A 1 23  ? -4.687  -4.357  19.108  1.00 46.00  ? 23  ARG A NH2   1 
ATOM   141  N  N     . ARG A 1 24  ? -1.335  -8.872  22.421  1.00 48.14  ? 24  ARG A N     1 
ATOM   142  C  CA    . ARG A 1 24  ? -2.385  -9.860  22.704  1.00 48.32  ? 24  ARG A CA    1 
ATOM   143  C  C     . ARG A 1 24  ? -3.469  -9.235  23.568  1.00 48.34  ? 24  ARG A C     1 
ATOM   144  O  O     . ARG A 1 24  ? -3.198  -8.788  24.681  1.00 47.10  ? 24  ARG A O     1 
ATOM   145  C  CB    . ARG A 1 24  ? -1.835  -11.081 23.443  1.00 47.69  ? 24  ARG A CB    1 
ATOM   146  C  CG    . ARG A 1 24  ? -2.937  -12.079 23.794  1.00 48.17  ? 24  ARG A CG    1 
ATOM   147  C  CD    . ARG A 1 24  ? -2.514  -13.091 24.845  1.00 48.15  ? 24  ARG A CD    1 
ATOM   148  N  NE    . ARG A 1 24  ? -1.471  -13.990 24.372  1.00 49.45  ? 24  ARG A NE    1 
ATOM   149  C  CZ    . ARG A 1 24  ? -0.268  -14.083 24.927  1.00 50.54  ? 24  ARG A CZ    1 
ATOM   150  N  NH1   . ARG A 1 24  ? 0.040   -13.326 25.976  1.00 50.40  ? 24  ARG A NH1   1 
ATOM   151  N  NH2   . ARG A 1 24  ? 0.625   -14.935 24.437  1.00 51.37  ? 24  ARG A NH2   1 
ATOM   152  N  N     . ASP A 1 25  ? -4.696  -9.220  23.055  1.00 50.37  ? 25  ASP A N     1 
ATOM   153  C  CA    . ASP A 1 25  ? -5.823  -8.638  23.777  1.00 53.11  ? 25  ASP A CA    1 
ATOM   154  C  C     . ASP A 1 25  ? -6.909  -9.666  24.096  1.00 55.86  ? 25  ASP A C     1 
ATOM   155  O  O     . ASP A 1 25  ? -7.014  -10.696 23.426  1.00 55.71  ? 25  ASP A O     1 
ATOM   156  C  CB    . ASP A 1 25  ? -6.482  -7.511  22.962  1.00 51.12  ? 25  ASP A CB    1 
ATOM   157  C  CG    . ASP A 1 25  ? -5.488  -6.520  22.389  1.00 49.54  ? 25  ASP A CG    1 
ATOM   158  O  OD1   . ASP A 1 25  ? -4.381  -6.368  22.947  1.00 48.96  ? 25  ASP A OD1   1 
ATOM   159  O  OD2   . ASP A 1 25  ? -5.836  -5.876  21.378  1.00 49.19  ? 25  ASP A OD2   1 
ATOM   160  N  N     . GLN A 1 26  ? -7.711  -9.366  25.120  1.00 58.51  ? 26  GLN A N     1 
ATOM   161  C  CA    . GLN A 1 26  ? -8.841  -10.205 25.526  1.00 60.92  ? 26  GLN A CA    1 
ATOM   162  C  C     . GLN A 1 26  ? -10.042 -9.357  25.107  1.00 62.80  ? 26  GLN A C     1 
ATOM   163  O  O     . GLN A 1 26  ? -10.057 -8.148  25.353  1.00 62.13  ? 26  GLN A O     1 
ATOM   164  C  CB    . GLN A 1 26  ? -8.838  -10.431 27.041  1.00 60.61  ? 26  GLN A CB    1 
ATOM   165  C  CG    . GLN A 1 26  ? -7.557  -11.056 27.596  1.00 60.70  ? 26  GLN A CG    1 
ATOM   166  C  CD    . GLN A 1 26  ? -7.153  -12.350 26.887  1.00 61.44  ? 26  GLN A CD    1 
ATOM   167  O  OE1   . GLN A 1 26  ? -8.009  -13.134 26.466  1.00 61.51  ? 26  GLN A OE1   1 
ATOM   168  N  NE2   . GLN A 1 26  ? -5.845  -12.587 26.773  1.00 59.21  ? 26  GLN A NE2   1 
ATOM   169  N  N     . VAL A 1 27  ? -11.049 -9.969  24.488  1.00 65.45  ? 27  VAL A N     1 
ATOM   170  C  CA    . VAL A 1 27  ? -12.177 -9.179  23.993  1.00 68.56  ? 27  VAL A CA    1 
ATOM   171  C  C     . VAL A 1 27  ? -13.616 -9.549  24.400  1.00 70.43  ? 27  VAL A C     1 
ATOM   172  O  O     . VAL A 1 27  ? -13.883 -10.633 24.920  1.00 70.86  ? 27  VAL A O     1 
ATOM   173  C  CB    . VAL A 1 27  ? -12.114 -9.120  22.440  1.00 68.08  ? 27  VAL A CB    1 
ATOM   174  C  CG1   . VAL A 1 27  ? -12.902 -7.922  21.915  1.00 68.93  ? 27  VAL A CG1   1 
ATOM   175  C  CG2   . VAL A 1 27  ? -10.662 -9.054  21.984  1.00 66.91  ? 27  VAL A CG2   1 
ATOM   176  N  N     . ARG A 1 28  ? -14.526 -8.609  24.136  1.00 72.51  ? 28  ARG A N     1 
ATOM   177  C  CA    . ARG A 1 28  ? -15.958 -8.726  24.405  1.00 73.09  ? 28  ARG A CA    1 
ATOM   178  C  C     . ARG A 1 28  ? -16.261 -9.128  25.839  1.00 73.35  ? 28  ARG A C     1 
ATOM   179  O  O     . ARG A 1 28  ? -17.029 -8.452  26.525  1.00 73.96  ? 28  ARG A O     1 
ATOM   180  C  CB    . ARG A 1 28  ? -16.593 -9.728  23.441  1.00 74.21  ? 28  ARG A CB    1 
ATOM   181  C  CG    . ARG A 1 28  ? -18.111 -9.694  23.403  1.00 76.35  ? 28  ARG A CG    1 
ATOM   182  C  CD    . ARG A 1 28  ? -18.625 -10.944 22.720  1.00 79.51  ? 28  ARG A CD    1 
ATOM   183  N  NE    . ARG A 1 28  ? -18.103 -12.143 23.376  1.00 83.05  ? 28  ARG A NE    1 
ATOM   184  C  CZ    . ARG A 1 28  ? -18.565 -12.646 24.523  1.00 85.13  ? 28  ARG A CZ    1 
ATOM   185  N  NH1   . ARG A 1 28  ? -19.576 -12.064 25.159  1.00 85.40  ? 28  ARG A NH1   1 
ATOM   186  N  NH2   . ARG A 1 28  ? -18.004 -13.730 25.048  1.00 85.72  ? 28  ARG A NH2   1 
ATOM   187  N  N     . ILE A 1 34  ? -15.598 -13.661 26.379  1.00 75.56  ? 34  ILE A N     1 
ATOM   188  C  CA    . ILE A 1 34  ? -14.148 -13.495 26.344  1.00 77.20  ? 34  ILE A CA    1 
ATOM   189  C  C     . ILE A 1 34  ? -13.512 -14.281 25.208  1.00 77.74  ? 34  ILE A C     1 
ATOM   190  O  O     . ILE A 1 34  ? -13.879 -15.430 24.955  1.00 78.90  ? 34  ILE A O     1 
ATOM   191  C  CB    . ILE A 1 34  ? -13.485 -13.945 27.665  1.00 77.47  ? 34  ILE A CB    1 
ATOM   192  C  CG1   . ILE A 1 34  ? -13.687 -12.877 28.738  1.00 77.57  ? 34  ILE A CG1   1 
ATOM   193  C  CG2   . ILE A 1 34  ? -11.989 -14.211 27.448  1.00 76.53  ? 34  ILE A CG2   1 
ATOM   194  C  CD1   . ILE A 1 34  ? -13.057 -13.234 30.076  1.00 78.37  ? 34  ILE A CD1   1 
ATOM   195  N  N     . VAL A 1 35  ? -12.544 -13.648 24.545  1.00 76.97  ? 35  VAL A N     1 
ATOM   196  C  CA    . VAL A 1 35  ? -11.824 -14.242 23.421  1.00 74.53  ? 35  VAL A CA    1 
ATOM   197  C  C     . VAL A 1 35  ? -10.413 -13.653 23.340  1.00 72.41  ? 35  VAL A C     1 
ATOM   198  O  O     . VAL A 1 35  ? -10.196 -12.500 23.714  1.00 72.78  ? 35  VAL A O     1 
ATOM   199  C  CB    . VAL A 1 35  ? -12.548 -13.941 22.072  1.00 75.51  ? 35  VAL A CB    1 
ATOM   200  C  CG1   . VAL A 1 35  ? -14.028 -14.300 22.168  1.00 76.38  ? 35  VAL A CG1   1 
ATOM   201  C  CG2   . VAL A 1 35  ? -12.395 -12.469 21.709  1.00 75.26  ? 35  VAL A CG2   1 
ATOM   202  N  N     . THR A 1 36  ? -9.456  -14.444 22.861  1.00 69.54  ? 36  THR A N     1 
ATOM   203  C  CA    . THR A 1 36  ? -8.087  -13.958 22.704  1.00 66.01  ? 36  THR A CA    1 
ATOM   204  C  C     . THR A 1 36  ? -7.855  -13.517 21.258  1.00 63.40  ? 36  THR A C     1 
ATOM   205  O  O     . THR A 1 36  ? -8.189  -14.233 20.308  1.00 62.25  ? 36  THR A O     1 
ATOM   206  C  CB    . THR A 1 36  ? -7.039  -15.035 23.066  1.00 65.89  ? 36  THR A CB    1 
ATOM   207  O  OG1   . THR A 1 36  ? -7.085  -15.279 24.474  1.00 67.99  ? 36  THR A OG1   1 
ATOM   208  C  CG2   . THR A 1 36  ? -5.627  -14.577 22.680  1.00 64.27  ? 36  THR A CG2   1 
ATOM   209  N  N     . ARG A 1 37  ? -7.295  -12.323 21.104  1.00 60.48  ? 37  ARG A N     1 
ATOM   210  C  CA    . ARG A 1 37  ? -7.001  -11.774 19.793  1.00 56.53  ? 37  ARG A CA    1 
ATOM   211  C  C     . ARG A 1 37  ? -5.601  -11.189 19.770  1.00 54.03  ? 37  ARG A C     1 
ATOM   212  O  O     . ARG A 1 37  ? -5.325  -10.193 20.434  1.00 54.59  ? 37  ARG A O     1 
ATOM   213  C  CB    . ARG A 1 37  ? -8.023  -10.701 19.427  1.00 56.77  ? 37  ARG A CB    1 
ATOM   214  C  CG    . ARG A 1 37  ? -9.345  -11.267 18.945  1.00 57.40  ? 37  ARG A CG    1 
ATOM   215  C  CD    . ARG A 1 37  ? -9.192  -11.934 17.584  1.00 58.68  ? 37  ARG A CD    1 
ATOM   216  N  NE    . ARG A 1 37  ? -10.428 -12.571 17.125  1.00 62.39  ? 37  ARG A NE    1 
ATOM   217  C  CZ    . ARG A 1 37  ? -10.883 -13.751 17.553  1.00 63.87  ? 37  ARG A CZ    1 
ATOM   218  N  NH1   . ARG A 1 37  ? -10.205 -14.449 18.461  1.00 63.67  ? 37  ARG A NH1   1 
ATOM   219  N  NH2   . ARG A 1 37  ? -12.018 -14.240 17.064  1.00 64.16  ? 37  ARG A NH2   1 
ATOM   220  N  N     . GLU A 1 38  ? -4.713  -11.838 19.021  1.00 51.33  ? 38  GLU A N     1 
ATOM   221  C  CA    . GLU A 1 38  ? -3.337  -11.393 18.880  1.00 46.82  ? 38  GLU A CA    1 
ATOM   222  C  C     . GLU A 1 38  ? -3.285  -10.525 17.638  1.00 43.06  ? 38  GLU A C     1 
ATOM   223  O  O     . GLU A 1 38  ? -3.658  -10.954 16.552  1.00 40.50  ? 38  GLU A O     1 
ATOM   224  C  CB    . GLU A 1 38  ? -2.397  -12.597 18.760  1.00 48.19  ? 38  GLU A CB    1 
ATOM   225  C  CG    . GLU A 1 38  ? -2.188  -13.309 20.087  1.00 52.26  ? 38  GLU A CG    1 
ATOM   226  C  CD    . GLU A 1 38  ? -1.309  -14.543 19.985  1.00 55.27  ? 38  GLU A CD    1 
ATOM   227  O  OE1   . GLU A 1 38  ? -0.233  -14.463 19.360  1.00 57.76  ? 38  GLU A OE1   1 
ATOM   228  O  OE2   . GLU A 1 38  ? -1.694  -15.593 20.547  1.00 58.40  ? 38  GLU A OE2   1 
ATOM   229  N  N     . VAL A 1 39  ? -2.830  -9.292  17.823  1.00 41.36  ? 39  VAL A N     1 
ATOM   230  C  CA    . VAL A 1 39  ? -2.747  -8.308  16.759  1.00 39.25  ? 39  VAL A CA    1 
ATOM   231  C  C     . VAL A 1 39  ? -1.324  -7.855  16.434  1.00 39.18  ? 39  VAL A C     1 
ATOM   232  O  O     . VAL A 1 39  ? -0.506  -7.643  17.328  1.00 39.52  ? 39  VAL A O     1 
ATOM   233  C  CB    . VAL A 1 39  ? -3.575  -7.049  17.142  1.00 39.67  ? 39  VAL A CB    1 
ATOM   234  C  CG1   . VAL A 1 39  ? -3.457  -5.979  16.063  1.00 37.06  ? 39  VAL A CG1   1 
ATOM   235  C  CG2   . VAL A 1 39  ? -5.027  -7.433  17.367  1.00 38.40  ? 39  VAL A CG2   1 
ATOM   236  N  N     . VAL A 1 40  ? -1.042  -7.708  15.144  1.00 36.87  ? 40  VAL A N     1 
ATOM   237  C  CA    . VAL A 1 40  ? 0.249   -7.220  14.688  1.00 35.12  ? 40  VAL A CA    1 
ATOM   238  C  C     . VAL A 1 40  ? 0.080   -5.752  14.288  1.00 36.09  ? 40  VAL A C     1 
ATOM   239  O  O     . VAL A 1 40  ? -0.521  -5.444  13.253  1.00 34.94  ? 40  VAL A O     1 
ATOM   240  C  CB    . VAL A 1 40  ? 0.741   -8.002  13.467  1.00 34.42  ? 40  VAL A CB    1 
ATOM   241  C  CG1   . VAL A 1 40  ? 2.027   -7.395  12.943  1.00 32.35  ? 40  VAL A CG1   1 
ATOM   242  C  CG2   . VAL A 1 40  ? 0.951   -9.448  13.838  1.00 32.46  ? 40  VAL A CG2   1 
ATOM   243  N  N     . GLU A 1 41  ? 0.582   -4.849  15.128  1.00 37.59  ? 41  GLU A N     1 
ATOM   244  C  CA    . GLU A 1 41  ? 0.504   -3.409  14.867  1.00 39.30  ? 41  GLU A CA    1 
ATOM   245  C  C     . GLU A 1 41  ? 1.489   -3.051  13.771  1.00 41.14  ? 41  GLU A C     1 
ATOM   246  O  O     . GLU A 1 41  ? 2.673   -3.368  13.867  1.00 43.16  ? 41  GLU A O     1 
ATOM   247  C  CB    . GLU A 1 41  ? 0.851   -2.619  16.118  1.00 38.72  ? 41  GLU A CB    1 
ATOM   248  C  CG    . GLU A 1 41  ? -0.228  -2.618  17.163  1.00 40.31  ? 41  GLU A CG    1 
ATOM   249  C  CD    . GLU A 1 41  ? 0.272   -2.095  18.488  1.00 40.09  ? 41  GLU A CD    1 
ATOM   250  O  OE1   . GLU A 1 41  ? 1.219   -1.283  18.491  1.00 39.18  ? 41  GLU A OE1   1 
ATOM   251  O  OE2   . GLU A 1 41  ? -0.287  -2.490  19.529  1.00 41.23  ? 41  GLU A OE2   1 
ATOM   252  N  N     . HIS A 1 42  ? 1.006   -2.376  12.738  1.00 41.87  ? 42  HIS A N     1 
ATOM   253  C  CA    . HIS A 1 42  ? 1.856   -2.017  11.617  1.00 42.30  ? 42  HIS A CA    1 
ATOM   254  C  C     . HIS A 1 42  ? 1.831   -0.507  11.392  1.00 43.09  ? 42  HIS A C     1 
ATOM   255  O  O     . HIS A 1 42  ? 0.926   0.180   11.874  1.00 43.44  ? 42  HIS A O     1 
ATOM   256  C  CB    . HIS A 1 42  ? 1.364   -2.761  10.368  1.00 41.45  ? 42  HIS A CB    1 
ATOM   257  C  CG    . HIS A 1 42  ? 2.359   -2.816  9.249   1.00 42.39  ? 42  HIS A CG    1 
ATOM   258  N  ND1   . HIS A 1 42  ? 2.529   -1.785  8.350   1.00 42.06  ? 42  HIS A ND1   1 
ATOM   259  C  CD2   . HIS A 1 42  ? 3.221   -3.791  8.872   1.00 41.69  ? 42  HIS A CD2   1 
ATOM   260  C  CE1   . HIS A 1 42  ? 3.452   -2.124  7.465   1.00 41.81  ? 42  HIS A CE1   1 
ATOM   261  N  NE2   . HIS A 1 42  ? 3.887   -3.336  7.760   1.00 41.50  ? 42  HIS A NE2   1 
ATOM   262  N  N     . PHE A 1 43  ? 2.836   -0.004  10.673  1.00 42.72  ? 43  PHE A N     1 
ATOM   263  C  CA    . PHE A 1 43  ? 2.950   1.421   10.352  1.00 42.33  ? 43  PHE A CA    1 
ATOM   264  C  C     . PHE A 1 43  ? 1.861   1.868   9.383   1.00 41.22  ? 43  PHE A C     1 
ATOM   265  O  O     . PHE A 1 43  ? 1.275   2.946   9.520   1.00 41.01  ? 43  PHE A O     1 
ATOM   266  C  CB    . PHE A 1 43  ? 4.295   1.711   9.685   1.00 44.57  ? 43  PHE A CB    1 
ATOM   267  C  CG    . PHE A 1 43  ? 5.332   2.266   10.609  1.00 47.42  ? 43  PHE A CG    1 
ATOM   268  C  CD1   . PHE A 1 43  ? 5.023   3.315   11.471  1.00 47.62  ? 43  PHE A CD1   1 
ATOM   269  C  CD2   . PHE A 1 43  ? 6.631   1.754   10.601  1.00 47.42  ? 43  PHE A CD2   1 
ATOM   270  C  CE1   . PHE A 1 43  ? 5.991   3.845   12.315  1.00 47.42  ? 43  PHE A CE1   1 
ATOM   271  C  CE2   . PHE A 1 43  ? 7.607   2.277   11.441  1.00 46.35  ? 43  PHE A CE2   1 
ATOM   272  C  CZ    . PHE A 1 43  ? 7.287   3.322   12.300  1.00 46.48  ? 43  PHE A CZ    1 
ATOM   273  N  N     . GLY A 1 44  ? 1.608   1.011   8.401   1.00 39.51  ? 44  GLY A N     1 
ATOM   274  C  CA    . GLY A 1 44  ? 0.649   1.315   7.367   1.00 38.14  ? 44  GLY A CA    1 
ATOM   275  C  C     . GLY A 1 44  ? 1.552   1.604   6.188   1.00 37.32  ? 44  GLY A C     1 
ATOM   276  O  O     . GLY A 1 44  ? 2.755   1.806   6.367   1.00 37.02  ? 44  GLY A O     1 
ATOM   277  N  N     . ALA A 1 45  ? 0.999   1.626   4.985   1.00 36.08  ? 45  ALA A N     1 
ATOM   278  C  CA    . ALA A 1 45  ? 1.814   1.886   3.815   1.00 34.21  ? 45  ALA A CA    1 
ATOM   279  C  C     . ALA A 1 45  ? 1.023   2.590   2.731   1.00 34.03  ? 45  ALA A C     1 
ATOM   280  O  O     . ALA A 1 45  ? -0.197  2.742   2.828   1.00 33.34  ? 45  ALA A O     1 
ATOM   281  C  CB    . ALA A 1 45  ? 2.384   0.577   3.282   1.00 33.69  ? 45  ALA A CB    1 
ATOM   282  N  N     . VAL A 1 46  ? 1.740   3.028   1.704   1.00 33.50  ? 46  VAL A N     1 
ATOM   283  C  CA    . VAL A 1 46  ? 1.147   3.711   0.568   1.00 33.27  ? 46  VAL A CA    1 
ATOM   284  C  C     . VAL A 1 46  ? 1.740   3.109   -0.711  1.00 33.87  ? 46  VAL A C     1 
ATOM   285  O  O     . VAL A 1 46  ? 2.936   2.814   -0.764  1.00 33.70  ? 46  VAL A O     1 
ATOM   286  C  CB    . VAL A 1 46  ? 1.446   5.230   0.617   1.00 33.77  ? 46  VAL A CB    1 
ATOM   287  C  CG1   . VAL A 1 46  ? 0.590   5.897   1.687   1.00 32.62  ? 46  VAL A CG1   1 
ATOM   288  C  CG2   . VAL A 1 46  ? 2.917   5.461   0.922   1.00 33.17  ? 46  VAL A CG2   1 
ATOM   289  N  N     . ALA A 1 47  ? 0.901   2.891   -1.721  1.00 32.95  ? 47  ALA A N     1 
ATOM   290  C  CA    . ALA A 1 47  ? 1.364   2.337   -2.995  1.00 33.11  ? 47  ALA A CA    1 
ATOM   291  C  C     . ALA A 1 47  ? 0.887   3.270   -4.103  1.00 32.46  ? 47  ALA A C     1 
ATOM   292  O  O     . ALA A 1 47  ? -0.066  4.026   -3.908  1.00 32.13  ? 47  ALA A O     1 
ATOM   293  C  CB    . ALA A 1 47  ? 0.810   0.929   -3.196  1.00 32.96  ? 47  ALA A CB    1 
ATOM   294  N  N     . ILE A 1 48  ? 1.542   3.238   -5.259  1.00 32.70  ? 48  ILE A N     1 
ATOM   295  C  CA    . ILE A 1 48  ? 1.140   4.138   -6.337  1.00 33.91  ? 48  ILE A CA    1 
ATOM   296  C  C     . ILE A 1 48  ? 0.932   3.457   -7.674  1.00 35.84  ? 48  ILE A C     1 
ATOM   297  O  O     . ILE A 1 48  ? 1.767   2.663   -8.114  1.00 36.52  ? 48  ILE A O     1 
ATOM   298  C  CB    . ILE A 1 48  ? 2.186   5.272   -6.593  1.00 32.32  ? 48  ILE A CB    1 
ATOM   299  C  CG1   . ILE A 1 48  ? 2.623   5.933   -5.280  1.00 33.14  ? 48  ILE A CG1   1 
ATOM   300  C  CG2   . ILE A 1 48  ? 1.597   6.312   -7.535  1.00 30.41  ? 48  ILE A CG2   1 
ATOM   301  C  CD1   . ILE A 1 48  ? 3.728   5.172   -4.515  1.00 30.27  ? 48  ILE A CD1   1 
ATOM   302  N  N     . VAL A 1 49  ? -0.187  3.776   -8.321  1.00 36.71  ? 49  VAL A N     1 
ATOM   303  C  CA    . VAL A 1 49  ? -0.473  3.259   -9.657  1.00 37.30  ? 49  VAL A CA    1 
ATOM   304  C  C     . VAL A 1 49  ? -0.291  4.475   -10.572 1.00 38.37  ? 49  VAL A C     1 
ATOM   305  O  O     . VAL A 1 49  ? -1.200  5.289   -10.730 1.00 38.75  ? 49  VAL A O     1 
ATOM   306  C  CB    . VAL A 1 49  ? -1.920  2.714   -9.783  1.00 36.30  ? 49  VAL A CB    1 
ATOM   307  C  CG1   . VAL A 1 49  ? -2.200  2.306   -11.228 1.00 36.62  ? 49  VAL A CG1   1 
ATOM   308  C  CG2   . VAL A 1 49  ? -2.110  1.522   -8.864  1.00 34.48  ? 49  VAL A CG2   1 
ATOM   309  N  N     . ALA A 1 50  ? 0.904   4.609   -11.142 1.00 40.41  ? 50  ALA A N     1 
ATOM   310  C  CA    . ALA A 1 50  ? 1.215   5.731   -12.022 1.00 41.36  ? 50  ALA A CA    1 
ATOM   311  C  C     . ALA A 1 50  ? 0.884   5.400   -13.470 1.00 42.13  ? 50  ALA A C     1 
ATOM   312  O  O     . ALA A 1 50  ? 1.620   4.675   -14.136 1.00 42.57  ? 50  ALA A O     1 
ATOM   313  C  CB    . ALA A 1 50  ? 2.686   6.103   -11.894 1.00 40.87  ? 50  ALA A CB    1 
ATOM   314  N  N     . MET A 1 51  ? -0.230  5.940   -13.949 1.00 42.37  ? 51  MET A N     1 
ATOM   315  C  CA    . MET A 1 51  ? -0.663  5.700   -15.314 1.00 42.38  ? 51  MET A CA    1 
ATOM   316  C  C     . MET A 1 51  ? -0.268  6.833   -16.252 1.00 41.96  ? 51  MET A C     1 
ATOM   317  O  O     . MET A 1 51  ? -0.596  7.991   -16.009 1.00 41.14  ? 51  MET A O     1 
ATOM   318  C  CB    . MET A 1 51  ? -2.169  5.506   -15.341 1.00 43.55  ? 51  MET A CB    1 
ATOM   319  C  CG    . MET A 1 51  ? -2.746  5.496   -16.726 1.00 45.96  ? 51  MET A CG    1 
ATOM   320  S  SD    . MET A 1 51  ? -4.474  5.069   -16.670 1.00 51.20  ? 51  MET A SD    1 
ATOM   321  C  CE    . MET A 1 51  ? -5.109  6.295   -15.509 1.00 50.27  ? 51  MET A CE    1 
ATOM   322  N  N     . ASP A 1 52  ? 0.429   6.484   -17.331 1.00 41.80  ? 52  ASP A N     1 
ATOM   323  C  CA    . ASP A 1 52  ? 0.877   7.465   -18.310 1.00 42.18  ? 52  ASP A CA    1 
ATOM   324  C  C     . ASP A 1 52  ? -0.184  7.768   -19.370 1.00 43.59  ? 52  ASP A C     1 
ATOM   325  O  O     . ASP A 1 52  ? -1.247  7.145   -19.397 1.00 41.79  ? 52  ASP A O     1 
ATOM   326  C  CB    . ASP A 1 52  ? 2.184   6.998   -18.984 1.00 41.35  ? 52  ASP A CB    1 
ATOM   327  C  CG    . ASP A 1 52  ? 1.978   5.851   -19.972 1.00 40.55  ? 52  ASP A CG    1 
ATOM   328  O  OD1   . ASP A 1 52  ? 0.821   5.467   -20.228 1.00 41.39  ? 52  ASP A OD1   1 
ATOM   329  O  OD2   . ASP A 1 52  ? 2.985   5.335   -20.507 1.00 39.53  ? 52  ASP A OD2   1 
ATOM   330  N  N     . ASP A 1 53  ? 0.121   8.729   -20.238 1.00 46.35  ? 53  ASP A N     1 
ATOM   331  C  CA    . ASP A 1 53  ? -0.801  9.124   -21.288 1.00 49.09  ? 53  ASP A CA    1 
ATOM   332  C  C     . ASP A 1 53  ? -1.294  8.007   -22.190 1.00 51.10  ? 53  ASP A C     1 
ATOM   333  O  O     . ASP A 1 53  ? -2.330  8.150   -22.844 1.00 53.54  ? 53  ASP A O     1 
ATOM   334  N  N     . ASN A 1 54  ? -0.574  6.889   -22.235 1.00 52.27  ? 54  ASN A N     1 
ATOM   335  C  CA    . ASN A 1 54  ? -0.977  5.773   -23.088 1.00 53.44  ? 54  ASN A CA    1 
ATOM   336  C  C     . ASN A 1 54  ? -1.568  4.579   -22.345 1.00 52.65  ? 54  ASN A C     1 
ATOM   337  O  O     . ASN A 1 54  ? -1.711  3.500   -22.927 1.00 52.61  ? 54  ASN A O     1 
ATOM   338  C  CB    . ASN A 1 54  ? 0.204   5.298   -23.943 1.00 56.94  ? 54  ASN A CB    1 
ATOM   339  C  CG    . ASN A 1 54  ? 0.661   6.348   -24.942 1.00 59.59  ? 54  ASN A CG    1 
ATOM   340  O  OD1   . ASN A 1 54  ? -0.095  6.757   -25.832 1.00 60.49  ? 54  ASN A OD1   1 
ATOM   341  N  ND2   . ASN A 1 54  ? 1.905   6.794   -24.795 1.00 61.51  ? 54  ASN A ND2   1 
ATOM   342  N  N     . GLY A 1 55  ? -1.898  4.766   -21.068 1.00 50.70  ? 55  GLY A N     1 
ATOM   343  C  CA    . GLY A 1 55  ? -2.487  3.691   -20.288 1.00 47.95  ? 55  GLY A CA    1 
ATOM   344  C  C     . GLY A 1 55  ? -1.533  2.628   -19.759 1.00 46.45  ? 55  GLY A C     1 
ATOM   345  O  O     . GLY A 1 55  ? -1.939  1.483   -19.545 1.00 46.94  ? 55  GLY A O     1 
ATOM   346  N  N     . ASN A 1 56  ? -0.267  2.991   -19.566 1.00 44.32  ? 56  ASN A N     1 
ATOM   347  C  CA    . ASN A 1 56  ? 0.716   2.058   -19.035 1.00 41.75  ? 56  ASN A CA    1 
ATOM   348  C  C     . ASN A 1 56  ? 1.037   2.471   -17.617 1.00 41.76  ? 56  ASN A C     1 
ATOM   349  O  O     . ASN A 1 56  ? 0.909   3.638   -17.261 1.00 41.54  ? 56  ASN A O     1 
ATOM   350  C  CB    . ASN A 1 56  ? 2.010   2.094   -19.833 1.00 41.28  ? 56  ASN A CB    1 
ATOM   351  C  CG    . ASN A 1 56  ? 1.802   1.809   -21.285 1.00 41.59  ? 56  ASN A CG    1 
ATOM   352  O  OD1   . ASN A 1 56  ? 1.199   0.800   -21.654 1.00 42.46  ? 56  ASN A OD1   1 
ATOM   353  N  ND2   . ASN A 1 56  ? 2.303   2.694   -22.132 1.00 42.59  ? 56  ASN A ND2   1 
ATOM   354  N  N     . ILE A 1 57  ? 1.466   1.508   -16.812 1.00 41.26  ? 57  ILE A N     1 
ATOM   355  C  CA    . ILE A 1 57  ? 1.827   1.774   -15.431 1.00 37.32  ? 57  ILE A CA    1 
ATOM   356  C  C     . ILE A 1 57  ? 3.136   1.061   -15.185 1.00 36.43  ? 57  ILE A C     1 
ATOM   357  O  O     . ILE A 1 57  ? 3.411   0.041   -15.807 1.00 34.96  ? 57  ILE A O     1 
ATOM   358  C  CB    . ILE A 1 57  ? 0.784   1.217   -14.448 1.00 37.20  ? 57  ILE A CB    1 
ATOM   359  C  CG1   . ILE A 1 57  ? 0.673   -0.299  -14.637 1.00 36.39  ? 57  ILE A CG1   1 
ATOM   360  C  CG2   . ILE A 1 57  ? -0.567  1.912   -14.659 1.00 36.03  ? 57  ILE A CG2   1 
ATOM   361  C  CD1   . ILE A 1 57  ? -0.089  -1.016  -13.548 1.00 33.29  ? 57  ILE A CD1   1 
ATOM   362  N  N     . PRO A 1 58  ? 3.973   1.603   -14.287 1.00 37.53  ? 58  PRO A N     1 
ATOM   363  C  CA    . PRO A 1 58  ? 5.266   1.001   -13.960 1.00 37.24  ? 58  PRO A CA    1 
ATOM   364  C  C     . PRO A 1 58  ? 5.118   0.003   -12.800 1.00 39.00  ? 58  PRO A C     1 
ATOM   365  O  O     . PRO A 1 58  ? 4.347   0.238   -11.864 1.00 40.55  ? 58  PRO A O     1 
ATOM   366  C  CB    . PRO A 1 58  ? 6.094   2.209   -13.555 1.00 35.72  ? 58  PRO A CB    1 
ATOM   367  C  CG    . PRO A 1 58  ? 5.091   3.015   -12.781 1.00 34.80  ? 58  PRO A CG    1 
ATOM   368  C  CD    . PRO A 1 58  ? 3.847   2.933   -13.656 1.00 36.45  ? 58  PRO A CD    1 
ATOM   369  N  N     . MET A 1 59  ? 5.841   -1.110  -12.858 1.00 38.48  ? 59  MET A N     1 
ATOM   370  C  CA    . MET A 1 59  ? 5.794   -2.093  -11.779 1.00 37.45  ? 59  MET A CA    1 
ATOM   371  C  C     . MET A 1 59  ? 7.221   -2.543  -11.468 1.00 38.85  ? 59  MET A C     1 
ATOM   372  O  O     . MET A 1 59  ? 8.050   -2.630  -12.367 1.00 38.91  ? 59  MET A O     1 
ATOM   373  C  CB    . MET A 1 59  ? 4.929   -3.293  -12.180 1.00 37.20  ? 59  MET A CB    1 
ATOM   374  C  CG    . MET A 1 59  ? 3.429   -2.998  -12.199 1.00 36.15  ? 59  MET A CG    1 
ATOM   375  S  SD    . MET A 1 59  ? 2.341   -4.473  -12.278 1.00 35.12  ? 59  MET A SD    1 
ATOM   376  C  CE    . MET A 1 59  ? 2.024   -4.775  -10.519 1.00 35.97  ? 59  MET A CE    1 
ATOM   377  N  N     . VAL A 1 60  ? 7.516   -2.801  -10.196 1.00 39.54  ? 60  VAL A N     1 
ATOM   378  C  CA    . VAL A 1 60  ? 8.855   -3.248  -9.801  1.00 39.47  ? 60  VAL A CA    1 
ATOM   379  C  C     . VAL A 1 60  ? 8.883   -4.746  -9.482  1.00 40.14  ? 60  VAL A C     1 
ATOM   380  O  O     . VAL A 1 60  ? 7.874   -5.316  -9.070  1.00 40.26  ? 60  VAL A O     1 
ATOM   381  C  CB    . VAL A 1 60  ? 9.366   -2.473  -8.561  1.00 38.77  ? 60  VAL A CB    1 
ATOM   382  C  CG1   . VAL A 1 60  ? 9.588   -1.019  -8.925  1.00 38.16  ? 60  VAL A CG1   1 
ATOM   383  C  CG2   . VAL A 1 60  ? 8.355   -2.587  -7.413  1.00 37.65  ? 60  VAL A CG2   1 
ATOM   384  N  N     . TYR A 1 61  ? 10.037  -5.378  -9.693  1.00 41.01  ? 61  TYR A N     1 
ATOM   385  C  CA    . TYR A 1 61  ? 10.218  -6.808  -9.417  1.00 42.31  ? 61  TYR A CA    1 
ATOM   386  C  C     . TYR A 1 61  ? 11.126  -6.882  -8.179  1.00 43.76  ? 61  TYR A C     1 
ATOM   387  O  O     . TYR A 1 61  ? 12.344  -6.690  -8.268  1.00 42.77  ? 61  TYR A O     1 
ATOM   388  C  CB    . TYR A 1 61  ? 10.872  -7.497  -10.626 1.00 42.20  ? 61  TYR A CB    1 
ATOM   389  C  CG    . TYR A 1 61  ? 10.819  -9.019  -10.627 1.00 42.13  ? 61  TYR A CG    1 
ATOM   390  C  CD1   . TYR A 1 61  ? 9.622   -9.702  -10.408 1.00 42.42  ? 61  TYR A CD1   1 
ATOM   391  C  CD2   . TYR A 1 61  ? 11.962  -9.774  -10.893 1.00 42.11  ? 61  TYR A CD2   1 
ATOM   392  C  CE1   . TYR A 1 61  ? 9.566   -11.098 -10.456 1.00 40.67  ? 61  TYR A CE1   1 
ATOM   393  C  CE2   . TYR A 1 61  ? 11.914  -11.168 -10.944 1.00 41.46  ? 61  TYR A CE2   1 
ATOM   394  C  CZ    . TYR A 1 61  ? 10.718  -11.821 -10.724 1.00 41.17  ? 61  TYR A CZ    1 
ATOM   395  O  OH    . TYR A 1 61  ? 10.685  -13.197 -10.758 1.00 42.30  ? 61  TYR A OH    1 
ATOM   396  N  N     . GLN A 1 62  ? 10.520  -7.150  -7.024  1.00 44.07  ? 62  GLN A N     1 
ATOM   397  C  CA    . GLN A 1 62  ? 11.262  -7.197  -5.771  1.00 44.22  ? 62  GLN A CA    1 
ATOM   398  C  C     . GLN A 1 62  ? 11.238  -8.534  -5.029  1.00 42.85  ? 62  GLN A C     1 
ATOM   399  O  O     . GLN A 1 62  ? 10.218  -9.226  -4.974  1.00 42.11  ? 62  GLN A O     1 
ATOM   400  C  CB    . GLN A 1 62  ? 10.752  -6.080  -4.857  1.00 47.44  ? 62  GLN A CB    1 
ATOM   401  C  CG    . GLN A 1 62  ? 11.410  -6.011  -3.487  1.00 51.70  ? 62  GLN A CG    1 
ATOM   402  C  CD    . GLN A 1 62  ? 11.101  -4.710  -2.780  1.00 53.29  ? 62  GLN A CD    1 
ATOM   403  O  OE1   . GLN A 1 62  ? 10.010  -4.154  -2.939  1.00 54.08  ? 62  GLN A OE1   1 
ATOM   404  N  NE2   . GLN A 1 62  ? 12.056  -4.215  -1.990  1.00 55.10  ? 62  GLN A NE2   1 
ATOM   405  N  N     . TYR A 1 63  ? 12.383  -8.883  -4.454  1.00 41.49  ? 63  TYR A N     1 
ATOM   406  C  CA    . TYR A 1 63  ? 12.517  -10.118 -3.700  1.00 40.65  ? 63  TYR A CA    1 
ATOM   407  C  C     . TYR A 1 63  ? 11.780  -10.006 -2.364  1.00 40.78  ? 63  TYR A C     1 
ATOM   408  O  O     . TYR A 1 63  ? 11.969  -9.045  -1.608  1.00 38.69  ? 63  TYR A O     1 
ATOM   409  C  CB    . TYR A 1 63  ? 13.997  -10.427 -3.444  1.00 39.67  ? 63  TYR A CB    1 
ATOM   410  C  CG    . TYR A 1 63  ? 14.216  -11.624 -2.546  1.00 38.95  ? 63  TYR A CG    1 
ATOM   411  C  CD1   . TYR A 1 63  ? 14.119  -12.928 -3.037  1.00 38.36  ? 63  TYR A CD1   1 
ATOM   412  C  CD2   . TYR A 1 63  ? 14.465  -11.453 -1.184  1.00 39.94  ? 63  TYR A CD2   1 
ATOM   413  C  CE1   . TYR A 1 63  ? 14.263  -14.032 -2.189  1.00 38.40  ? 63  TYR A CE1   1 
ATOM   414  C  CE2   . TYR A 1 63  ? 14.606  -12.550 -0.328  1.00 40.10  ? 63  TYR A CE2   1 
ATOM   415  C  CZ    . TYR A 1 63  ? 14.503  -13.832 -0.836  1.00 39.27  ? 63  TYR A CZ    1 
ATOM   416  O  OH    . TYR A 1 63  ? 14.640  -14.901 0.023   1.00 42.56  ? 63  TYR A OH    1 
ATOM   417  N  N     . ARG A 1 64  ? 10.928  -10.992 -2.093  1.00 40.65  ? 64  ARG A N     1 
ATOM   418  C  CA    . ARG A 1 64  ? 10.171  -11.036 -0.848  1.00 40.69  ? 64  ARG A CA    1 
ATOM   419  C  C     . ARG A 1 64  ? 10.602  -12.232 -0.009  1.00 41.21  ? 64  ARG A C     1 
ATOM   420  O  O     . ARG A 1 64  ? 10.222  -13.372 -0.283  1.00 42.12  ? 64  ARG A O     1 
ATOM   421  C  CB    . ARG A 1 64  ? 8.667   -11.104 -1.136  1.00 39.03  ? 64  ARG A CB    1 
ATOM   422  C  CG    . ARG A 1 64  ? 8.084   -9.789  -1.612  1.00 37.30  ? 64  ARG A CG    1 
ATOM   423  C  CD    . ARG A 1 64  ? 8.371   -8.685  -0.603  1.00 36.12  ? 64  ARG A CD    1 
ATOM   424  N  NE    . ARG A 1 64  ? 7.830   -7.390  -1.003  1.00 36.59  ? 64  ARG A NE    1 
ATOM   425  C  CZ    . ARG A 1 64  ? 7.945   -6.276  -0.286  1.00 36.99  ? 64  ARG A CZ    1 
ATOM   426  N  NH1   . ARG A 1 64  ? 8.590   -6.293  0.877   1.00 36.55  ? 64  ARG A NH1   1 
ATOM   427  N  NH2   . ARG A 1 64  ? 7.409   -5.144  -0.728  1.00 37.29  ? 64  ARG A NH2   1 
ATOM   428  N  N     . HIS A 1 65  ? 11.405  -11.968 1.014   1.00 41.24  ? 65  HIS A N     1 
ATOM   429  C  CA    . HIS A 1 65  ? 11.894  -13.024 1.886   1.00 42.01  ? 65  HIS A CA    1 
ATOM   430  C  C     . HIS A 1 65  ? 10.759  -13.918 2.406   1.00 41.96  ? 65  HIS A C     1 
ATOM   431  O  O     . HIS A 1 65  ? 10.921  -15.135 2.520   1.00 42.05  ? 65  HIS A O     1 
ATOM   432  C  CB    . HIS A 1 65  ? 12.655  -12.424 3.073   1.00 41.66  ? 65  HIS A CB    1 
ATOM   433  C  CG    . HIS A 1 65  ? 13.227  -13.455 3.998   1.00 42.18  ? 65  HIS A CG    1 
ATOM   434  N  ND1   . HIS A 1 65  ? 13.094  -13.383 5.368   1.00 42.43  ? 65  HIS A ND1   1 
ATOM   435  C  CD2   . HIS A 1 65  ? 13.925  -14.588 3.746   1.00 40.90  ? 65  HIS A CD2   1 
ATOM   436  C  CE1   . HIS A 1 65  ? 13.683  -14.428 5.921   1.00 40.93  ? 65  HIS A CE1   1 
ATOM   437  N  NE2   . HIS A 1 65  ? 14.196  -15.173 4.959   1.00 41.99  ? 65  HIS A NE2   1 
ATOM   438  N  N     . THR A 1 66  ? 9.615   -13.316 2.723   1.00 40.96  ? 66  THR A N     1 
ATOM   439  C  CA    . THR A 1 66  ? 8.486   -14.080 3.231   1.00 39.84  ? 66  THR A CA    1 
ATOM   440  C  C     . THR A 1 66  ? 8.111   -15.233 2.300   1.00 40.30  ? 66  THR A C     1 
ATOM   441  O  O     . THR A 1 66  ? 7.611   -16.265 2.753   1.00 42.58  ? 66  THR A O     1 
ATOM   442  C  CB    . THR A 1 66  ? 7.254   -13.171 3.460   1.00 38.66  ? 66  THR A CB    1 
ATOM   443  O  OG1   . THR A 1 66  ? 7.163   -12.218 2.401   1.00 38.03  ? 66  THR A OG1   1 
ATOM   444  C  CG2   . THR A 1 66  ? 7.361   -12.443 4.790   1.00 36.34  ? 66  THR A CG2   1 
ATOM   445  N  N     . TYR A 1 67  ? 8.367   -15.072 1.006   1.00 39.36  ? 67  TYR A N     1 
ATOM   446  C  CA    . TYR A 1 67  ? 8.039   -16.123 0.045   1.00 37.97  ? 67  TYR A CA    1 
ATOM   447  C  C     . TYR A 1 67  ? 9.279   -16.736 -0.577  1.00 38.22  ? 67  TYR A C     1 
ATOM   448  O  O     . TYR A 1 67  ? 9.199   -17.749 -1.272  1.00 38.57  ? 67  TYR A O     1 
ATOM   449  C  CB    . TYR A 1 67  ? 7.123   -15.565 -1.044  1.00 35.91  ? 67  TYR A CB    1 
ATOM   450  C  CG    . TYR A 1 67  ? 5.846   -15.008 -0.474  1.00 35.32  ? 67  TYR A CG    1 
ATOM   451  C  CD1   . TYR A 1 67  ? 4.947   -15.834 0.197   1.00 33.69  ? 67  TYR A CD1   1 
ATOM   452  C  CD2   . TYR A 1 67  ? 5.557   -13.644 -0.550  1.00 35.51  ? 67  TYR A CD2   1 
ATOM   453  C  CE1   . TYR A 1 67  ? 3.797   -15.318 0.783   1.00 34.42  ? 67  TYR A CE1   1 
ATOM   454  C  CE2   . TYR A 1 67  ? 4.405   -13.115 0.032   1.00 34.64  ? 67  TYR A CE2   1 
ATOM   455  C  CZ    . TYR A 1 67  ? 3.532   -13.959 0.697   1.00 33.26  ? 67  TYR A CZ    1 
ATOM   456  O  OH    . TYR A 1 67  ? 2.401   -13.449 1.286   1.00 31.34  ? 67  TYR A OH    1 
ATOM   457  N  N     . GLY A 1 68  ? 10.428  -16.121 -0.315  1.00 38.29  ? 68  GLY A N     1 
ATOM   458  C  CA    . GLY A 1 68  ? 11.675  -16.621 -0.862  1.00 38.73  ? 68  GLY A CA    1 
ATOM   459  C  C     . GLY A 1 68  ? 11.770  -16.487 -2.374  1.00 40.34  ? 68  GLY A C     1 
ATOM   460  O  O     . GLY A 1 68  ? 12.398  -17.313 -3.028  1.00 41.31  ? 68  GLY A O     1 
ATOM   461  N  N     . ARG A 1 69  ? 11.151  -15.455 -2.938  1.00 39.24  ? 69  ARG A N     1 
ATOM   462  C  CA    . ARG A 1 69  ? 11.203  -15.243 -4.375  1.00 38.39  ? 69  ARG A CA    1 
ATOM   463  C  C     . ARG A 1 69  ? 10.839  -13.801 -4.687  1.00 40.49  ? 69  ARG A C     1 
ATOM   464  O  O     . ARG A 1 69  ? 10.435  -13.049 -3.793  1.00 40.66  ? 69  ARG A O     1 
ATOM   465  C  CB    . ARG A 1 69  ? 10.235  -16.189 -5.086  1.00 36.46  ? 69  ARG A CB    1 
ATOM   466  C  CG    . ARG A 1 69  ? 8.763   -15.843 -4.926  1.00 34.67  ? 69  ARG A CG    1 
ATOM   467  C  CD    . ARG A 1 69  ? 7.898   -17.004 -5.374  1.00 33.46  ? 69  ARG A CD    1 
ATOM   468  N  NE    . ARG A 1 69  ? 6.480   -16.669 -5.450  1.00 34.78  ? 69  ARG A NE    1 
ATOM   469  C  CZ    . ARG A 1 69  ? 5.922   -16.000 -6.453  1.00 38.03  ? 69  ARG A CZ    1 
ATOM   470  N  NH1   . ARG A 1 69  ? 6.669   -15.588 -7.471  1.00 41.52  ? 69  ARG A NH1   1 
ATOM   471  N  NH2   . ARG A 1 69  ? 4.617   -15.742 -6.448  1.00 38.89  ? 69  ARG A NH2   1 
ATOM   472  N  N     . ARG A 1 70  ? 10.985  -13.415 -5.952  1.00 41.09  ? 70  ARG A N     1 
ATOM   473  C  CA    . ARG A 1 70  ? 10.652  -12.061 -6.370  1.00 39.94  ? 70  ARG A CA    1 
ATOM   474  C  C     . ARG A 1 70  ? 9.191   -11.990 -6.798  1.00 37.92  ? 70  ARG A C     1 
ATOM   475  O  O     . ARG A 1 70  ? 8.660   -12.930 -7.392  1.00 37.06  ? 70  ARG A O     1 
ATOM   476  C  CB    . ARG A 1 70  ? 11.553  -11.631 -7.517  1.00 42.55  ? 70  ARG A CB    1 
ATOM   477  C  CG    . ARG A 1 70  ? 13.019  -11.580 -7.141  1.00 48.92  ? 70  ARG A CG    1 
ATOM   478  C  CD    . ARG A 1 70  ? 13.878  -11.587 -8.386  1.00 55.20  ? 70  ARG A CD    1 
ATOM   479  N  NE    . ARG A 1 70  ? 15.279  -11.886 -8.104  1.00 60.42  ? 70  ARG A NE    1 
ATOM   480  C  CZ    . ARG A 1 70  ? 16.120  -11.036 -7.525  1.00 63.98  ? 70  ARG A CZ    1 
ATOM   481  N  NH1   . ARG A 1 70  ? 15.700  -9.825  -7.162  1.00 64.94  ? 70  ARG A NH1   1 
ATOM   482  N  NH2   . ARG A 1 70  ? 17.384  -11.397 -7.318  1.00 65.53  ? 70  ARG A NH2   1 
ATOM   483  N  N     . LEU A 1 71  ? 8.548   -10.870 -6.481  1.00 35.77  ? 71  LEU A N     1 
ATOM   484  C  CA    . LEU A 1 71  ? 7.146   -10.648 -6.821  1.00 34.12  ? 71  LEU A CA    1 
ATOM   485  C  C     . LEU A 1 71  ? 6.992   -9.342  -7.588  1.00 33.42  ? 71  LEU A C     1 
ATOM   486  O  O     . LEU A 1 71  ? 7.790   -8.426  -7.419  1.00 32.13  ? 71  LEU A O     1 
ATOM   487  C  CB    . LEU A 1 71  ? 6.291   -10.549 -5.548  1.00 33.57  ? 71  LEU A CB    1 
ATOM   488  C  CG    . LEU A 1 71  ? 6.082   -11.736 -4.603  1.00 32.61  ? 71  LEU A CG    1 
ATOM   489  C  CD1   . LEU A 1 71  ? 5.161   -11.296 -3.465  1.00 29.03  ? 71  LEU A CD1   1 
ATOM   490  C  CD2   . LEU A 1 71  ? 5.468   -12.901 -5.363  1.00 30.80  ? 71  LEU A CD2   1 
ATOM   491  N  N     . TRP A 1 72  ? 5.966   -9.255  -8.427  1.00 34.27  ? 72  TRP A N     1 
ATOM   492  C  CA    . TRP A 1 72  ? 5.705   -8.021  -9.165  1.00 35.21  ? 72  TRP A CA    1 
ATOM   493  C  C     . TRP A 1 72  ? 4.791   -7.145  -8.310  1.00 35.21  ? 72  TRP A C     1 
ATOM   494  O  O     . TRP A 1 72  ? 3.723   -7.585  -7.875  1.00 36.18  ? 72  TRP A O     1 
ATOM   495  C  CB    . TRP A 1 72  ? 5.065   -8.320  -10.525 1.00 36.02  ? 72  TRP A CB    1 
ATOM   496  C  CG    . TRP A 1 72  ? 6.086   -8.747  -11.543 1.00 38.65  ? 72  TRP A CG    1 
ATOM   497  C  CD1   . TRP A 1 72  ? 6.390   -10.027 -11.925 1.00 39.12  ? 72  TRP A CD1   1 
ATOM   498  C  CD2   . TRP A 1 72  ? 7.007   -7.893  -12.238 1.00 38.61  ? 72  TRP A CD2   1 
ATOM   499  N  NE1   . TRP A 1 72  ? 7.445   -10.019 -12.808 1.00 40.14  ? 72  TRP A NE1   1 
ATOM   500  C  CE2   . TRP A 1 72  ? 7.841   -8.723  -13.019 1.00 39.46  ? 72  TRP A CE2   1 
ATOM   501  C  CE3   . TRP A 1 72  ? 7.210   -6.505  -12.276 1.00 39.38  ? 72  TRP A CE3   1 
ATOM   502  C  CZ2   . TRP A 1 72  ? 8.863   -8.209  -13.830 1.00 39.02  ? 72  TRP A CZ2   1 
ATOM   503  C  CZ3   . TRP A 1 72  ? 8.229   -5.995  -13.085 1.00 37.94  ? 72  TRP A CZ3   1 
ATOM   504  C  CH2   . TRP A 1 72  ? 9.038   -6.847  -13.848 1.00 37.14  ? 72  TRP A CH2   1 
ATOM   505  N  N     . GLU A 1 73  ? 5.215   -5.905  -8.070  1.00 34.38  ? 73  GLU A N     1 
ATOM   506  C  CA    . GLU A 1 73  ? 4.448   -5.002  -7.217  1.00 35.44  ? 73  GLU A CA    1 
ATOM   507  C  C     . GLU A 1 73  ? 4.412   -3.544  -7.657  1.00 36.13  ? 73  GLU A C     1 
ATOM   508  O  O     . GLU A 1 73  ? 5.135   -3.122  -8.557  1.00 36.61  ? 73  GLU A O     1 
ATOM   509  C  CB    . GLU A 1 73  ? 5.013   -5.039  -5.801  1.00 33.51  ? 73  GLU A CB    1 
ATOM   510  C  CG    . GLU A 1 73  ? 5.622   -6.358  -5.414  1.00 33.64  ? 73  GLU A CG    1 
ATOM   511  C  CD    . GLU A 1 73  ? 6.269   -6.305  -4.056  1.00 33.30  ? 73  GLU A CD    1 
ATOM   512  O  OE1   . GLU A 1 73  ? 6.960   -5.304  -3.777  1.00 33.98  ? 73  GLU A OE1   1 
ATOM   513  O  OE2   . GLU A 1 73  ? 6.095   -7.262  -3.271  1.00 33.11  ? 73  GLU A OE2   1 
ATOM   514  N  N     . LEU A 1 74  ? 3.569   -2.771  -6.985  1.00 35.79  ? 74  LEU A N     1 
ATOM   515  C  CA    . LEU A 1 74  ? 3.449   -1.356  -7.276  1.00 36.07  ? 74  LEU A CA    1 
ATOM   516  C  C     . LEU A 1 74  ? 4.490   -0.650  -6.426  1.00 37.13  ? 74  LEU A C     1 
ATOM   517  O  O     . LEU A 1 74  ? 4.931   -1.186  -5.404  1.00 37.91  ? 74  LEU A O     1 
ATOM   518  C  CB    . LEU A 1 74  ? 2.057   -0.836  -6.895  1.00 33.00  ? 74  LEU A CB    1 
ATOM   519  C  CG    . LEU A 1 74  ? 0.847   -1.465  -7.585  1.00 33.59  ? 74  LEU A CG    1 
ATOM   520  C  CD1   . LEU A 1 74  ? -0.444  -0.943  -6.953  1.00 28.43  ? 74  LEU A CD1   1 
ATOM   521  C  CD2   . LEU A 1 74  ? 0.906   -1.159  -9.083  1.00 32.26  ? 74  LEU A CD2   1 
ATOM   522  N  N     . PRO A 1 75  ? 4.931   0.544   -6.856  1.00 37.68  ? 75  PRO A N     1 
ATOM   523  C  CA    . PRO A 1 75  ? 5.921   1.255   -6.045  1.00 38.28  ? 75  PRO A CA    1 
ATOM   524  C  C     . PRO A 1 75  ? 5.219   1.526   -4.716  1.00 38.51  ? 75  PRO A C     1 
ATOM   525  O  O     . PRO A 1 75  ? 4.091   2.012   -4.689  1.00 38.60  ? 75  PRO A O     1 
ATOM   526  C  CB    . PRO A 1 75  ? 6.171   2.528   -6.845  1.00 37.68  ? 75  PRO A CB    1 
ATOM   527  C  CG    . PRO A 1 75  ? 5.966   2.077   -8.258  1.00 38.47  ? 75  PRO A CG    1 
ATOM   528  C  CD    . PRO A 1 75  ? 4.738   1.207   -8.159  1.00 37.00  ? 75  PRO A CD    1 
ATOM   529  N  N     . ALA A 1 76  ? 5.874   1.196   -3.614  1.00 39.42  ? 76  ALA A N     1 
ATOM   530  C  CA    . ALA A 1 76  ? 5.256   1.386   -2.319  1.00 41.41  ? 76  ALA A CA    1 
ATOM   531  C  C     . ALA A 1 76  ? 6.257   1.609   -1.180  1.00 42.50  ? 76  ALA A C     1 
ATOM   532  O  O     . ALA A 1 76  ? 7.433   1.231   -1.270  1.00 46.82  ? 76  ALA A O     1 
ATOM   533  C  CB    . ALA A 1 76  ? 4.366   0.182   -2.017  1.00 41.09  ? 76  ALA A CB    1 
ATOM   534  N  N     . GLY A 1 77  ? 5.775   2.227   -0.105  1.00 40.95  ? 77  GLY A N     1 
ATOM   535  C  CA    . GLY A 1 77  ? 6.623   2.488   1.040   1.00 41.21  ? 77  GLY A CA    1 
ATOM   536  C  C     . GLY A 1 77  ? 5.843   2.460   2.341   1.00 41.06  ? 77  GLY A C     1 
ATOM   537  O  O     . GLY A 1 77  ? 4.619   2.616   2.343   1.00 40.10  ? 77  GLY A O     1 
ATOM   538  N  N     . LEU A 1 78  ? 6.555   2.250   3.445   1.00 40.93  ? 78  LEU A N     1 
ATOM   539  C  CA    . LEU A 1 78  ? 5.949   2.206   4.770   1.00 40.90  ? 78  LEU A CA    1 
ATOM   540  C  C     . LEU A 1 78  ? 5.728   3.627   5.242   1.00 41.07  ? 78  LEU A C     1 
ATOM   541  O  O     . LEU A 1 78  ? 6.423   4.533   4.804   1.00 40.68  ? 78  LEU A O     1 
ATOM   542  C  CB    . LEU A 1 78  ? 6.889   1.502   5.750   1.00 41.23  ? 78  LEU A CB    1 
ATOM   543  C  CG    . LEU A 1 78  ? 7.257   0.044   5.480   1.00 42.91  ? 78  LEU A CG    1 
ATOM   544  C  CD1   . LEU A 1 78  ? 8.434   -0.370  6.336   1.00 42.54  ? 78  LEU A CD1   1 
ATOM   545  C  CD2   . LEU A 1 78  ? 6.059   -0.838  5.771   1.00 44.56  ? 78  LEU A CD2   1 
ATOM   546  N  N     . LEU A 1 79  ? 4.750   3.830   6.121   1.00 42.93  ? 79  LEU A N     1 
ATOM   547  C  CA    . LEU A 1 79  ? 4.503   5.166   6.666   1.00 45.67  ? 79  LEU A CA    1 
ATOM   548  C  C     . LEU A 1 79  ? 5.415   5.334   7.884   1.00 46.86  ? 79  LEU A C     1 
ATOM   549  O  O     . LEU A 1 79  ? 4.959   5.701   8.965   1.00 47.27  ? 79  LEU A O     1 
ATOM   550  C  CB    . LEU A 1 79  ? 3.034   5.332   7.096   1.00 44.26  ? 79  LEU A CB    1 
ATOM   551  C  CG    . LEU A 1 79  ? 1.939   5.560   6.045   1.00 44.37  ? 79  LEU A CG    1 
ATOM   552  C  CD1   . LEU A 1 79  ? 0.597   5.712   6.740   1.00 41.93  ? 79  LEU A CD1   1 
ATOM   553  C  CD2   . LEU A 1 79  ? 2.243   6.809   5.228   1.00 44.71  ? 79  LEU A CD2   1 
ATOM   554  N  N     . ASP A 1 80  ? 6.702   5.055   7.703   1.00 50.20  ? 80  ASP A N     1 
ATOM   555  C  CA    . ASP A 1 80  ? 7.662   5.157   8.799   1.00 54.64  ? 80  ASP A CA    1 
ATOM   556  C  C     . ASP A 1 80  ? 8.150   6.575   9.053   1.00 58.28  ? 80  ASP A C     1 
ATOM   557  O  O     . ASP A 1 80  ? 8.918   6.805   9.993   1.00 58.41  ? 80  ASP A O     1 
ATOM   558  C  CB    . ASP A 1 80  ? 8.872   4.237   8.560   1.00 53.31  ? 80  ASP A CB    1 
ATOM   559  C  CG    . ASP A 1 80  ? 9.578   4.517   7.245   1.00 53.63  ? 80  ASP A CG    1 
ATOM   560  O  OD1   . ASP A 1 80  ? 9.629   5.694   6.843   1.00 54.54  ? 80  ASP A OD1   1 
ATOM   561  O  OD2   . ASP A 1 80  ? 10.095  3.567   6.613   1.00 53.49  ? 80  ASP A OD2   1 
ATOM   562  N  N     . VAL A 1 81  ? 7.710   7.523   8.223   1.00 61.57  ? 81  VAL A N     1 
ATOM   563  C  CA    . VAL A 1 81  ? 8.116   8.921   8.382   1.00 63.32  ? 81  VAL A CA    1 
ATOM   564  C  C     . VAL A 1 81  ? 7.089   9.654   9.240   1.00 64.46  ? 81  VAL A C     1 
ATOM   565  O  O     . VAL A 1 81  ? 6.082   10.165  8.736   1.00 64.47  ? 81  VAL A O     1 
ATOM   566  C  CB    . VAL A 1 81  ? 8.256   9.647   7.017   1.00 62.95  ? 81  VAL A CB    1 
ATOM   567  C  CG1   . VAL A 1 81  ? 8.719   11.081  7.241   1.00 63.23  ? 81  VAL A CG1   1 
ATOM   568  C  CG2   . VAL A 1 81  ? 9.255   8.914   6.132   1.00 62.02  ? 81  VAL A CG2   1 
ATOM   569  N  N     . ALA A 1 82  ? 7.367   9.688   10.541  1.00 65.66  ? 82  ALA A N     1 
ATOM   570  C  CA    . ALA A 1 82  ? 6.508   10.326  11.535  1.00 66.49  ? 82  ALA A CA    1 
ATOM   571  C  C     . ALA A 1 82  ? 6.035   11.720  11.136  1.00 67.10  ? 82  ALA A C     1 
ATOM   572  O  O     . ALA A 1 82  ? 6.843   12.588  10.799  1.00 67.34  ? 82  ALA A O     1 
ATOM   573  C  CB    . ALA A 1 82  ? 7.238   10.387  12.875  1.00 66.43  ? 82  ALA A CB    1 
ATOM   574  N  N     . GLY A 1 83  ? 4.718   11.918  11.172  1.00 67.27  ? 83  GLY A N     1 
ATOM   575  C  CA    . GLY A 1 83  ? 4.133   13.208  10.836  1.00 66.76  ? 83  GLY A CA    1 
ATOM   576  C  C     . GLY A 1 83  ? 4.072   13.600  9.369   1.00 66.86  ? 83  GLY A C     1 
ATOM   577  O  O     . GLY A 1 83  ? 3.513   14.646  9.038   1.00 67.16  ? 83  GLY A O     1 
ATOM   578  N  N     . GLU A 1 84  ? 4.634   12.775  8.488   1.00 66.45  ? 84  GLU A N     1 
ATOM   579  C  CA    . GLU A 1 84  ? 4.638   13.063  7.052   1.00 65.22  ? 84  GLU A CA    1 
ATOM   580  C  C     . GLU A 1 84  ? 3.348   12.620  6.363   1.00 64.14  ? 84  GLU A C     1 
ATOM   581  O  O     . GLU A 1 84  ? 2.954   11.461  6.460   1.00 65.12  ? 84  GLU A O     1 
ATOM   582  C  CB    . GLU A 1 84  ? 5.825   12.365  6.393   1.00 65.27  ? 84  GLU A CB    1 
ATOM   583  C  CG    . GLU A 1 84  ? 5.981   12.648  4.915   1.00 65.05  ? 84  GLU A CG    1 
ATOM   584  C  CD    . GLU A 1 84  ? 7.104   11.842  4.295   1.00 65.31  ? 84  GLU A CD    1 
ATOM   585  O  OE1   . GLU A 1 84  ? 6.961   10.605  4.195   1.00 64.84  ? 84  GLU A OE1   1 
ATOM   586  O  OE2   . GLU A 1 84  ? 8.132   12.441  3.916   1.00 65.99  ? 84  GLU A OE2   1 
ATOM   587  N  N     . PRO A 1 85  ? 2.675   13.541  5.655   1.00 63.10  ? 85  PRO A N     1 
ATOM   588  C  CA    . PRO A 1 85  ? 1.424   13.232  4.949   1.00 62.00  ? 85  PRO A CA    1 
ATOM   589  C  C     . PRO A 1 85  ? 1.589   12.045  4.007   1.00 60.43  ? 85  PRO A C     1 
ATOM   590  O  O     . PRO A 1 85  ? 2.531   11.993  3.219   1.00 60.81  ? 85  PRO A O     1 
ATOM   591  C  CB    . PRO A 1 85  ? 1.123   14.527  4.202   1.00 61.83  ? 85  PRO A CB    1 
ATOM   592  C  CG    . PRO A 1 85  ? 1.657   15.559  5.128   1.00 62.28  ? 85  PRO A CG    1 
ATOM   593  C  CD    . PRO A 1 85  ? 2.995   14.972  5.536   1.00 62.61  ? 85  PRO A CD    1 
ATOM   594  N  N     . PRO A 1 86  ? 0.659   11.082  4.072   1.00 58.83  ? 86  PRO A N     1 
ATOM   595  C  CA    . PRO A 1 86  ? 0.692   9.882   3.237   1.00 57.38  ? 86  PRO A CA    1 
ATOM   596  C  C     . PRO A 1 86  ? 1.014   10.103  1.767   1.00 56.16  ? 86  PRO A C     1 
ATOM   597  O  O     . PRO A 1 86  ? 1.883   9.425   1.226   1.00 54.61  ? 86  PRO A O     1 
ATOM   598  C  CB    . PRO A 1 86  ? -0.694  9.286   3.447   1.00 57.02  ? 86  PRO A CB    1 
ATOM   599  C  CG    . PRO A 1 86  ? -0.973  9.634   4.858   1.00 57.70  ? 86  PRO A CG    1 
ATOM   600  C  CD    . PRO A 1 86  ? -0.549  11.083  4.915   1.00 58.72  ? 86  PRO A CD    1 
ATOM   601  N  N     . HIS A 1 87  ? 0.337   11.045  1.115   1.00 56.22  ? 87  HIS A N     1 
ATOM   602  C  CA    . HIS A 1 87  ? 0.609   11.251  -0.299  1.00 56.81  ? 87  HIS A CA    1 
ATOM   603  C  C     . HIS A 1 87  ? 1.973   11.879  -0.540  1.00 55.10  ? 87  HIS A C     1 
ATOM   604  O  O     . HIS A 1 87  ? 2.504   11.818  -1.649  1.00 55.36  ? 87  HIS A O     1 
ATOM   605  C  CB    . HIS A 1 87  ? -0.516  12.056  -0.975  1.00 60.55  ? 87  HIS A CB    1 
ATOM   606  C  CG    . HIS A 1 87  ? -0.508  13.521  -0.672  1.00 63.36  ? 87  HIS A CG    1 
ATOM   607  N  ND1   . HIS A 1 87  ? -0.178  14.470  -1.616  1.00 63.43  ? 87  HIS A ND1   1 
ATOM   608  C  CD2   . HIS A 1 87  ? -0.845  14.203  0.448   1.00 64.87  ? 87  HIS A CD2   1 
ATOM   609  C  CE1   . HIS A 1 87  ? -0.316  15.675  -1.090  1.00 64.94  ? 87  HIS A CE1   1 
ATOM   610  N  NE2   . HIS A 1 87  ? -0.720  15.541  0.160   1.00 65.61  ? 87  HIS A NE2   1 
ATOM   611  N  N     . LEU A 1 88  ? 2.552   12.465  0.502   1.00 53.69  ? 88  LEU A N     1 
ATOM   612  C  CA    . LEU A 1 88  ? 3.885   13.034  0.378   1.00 52.46  ? 88  LEU A CA    1 
ATOM   613  C  C     . LEU A 1 88  ? 4.814   11.819  0.348   1.00 49.93  ? 88  LEU A C     1 
ATOM   614  O  O     . LEU A 1 88  ? 5.718   11.720  -0.485  1.00 48.47  ? 88  LEU A O     1 
ATOM   615  C  CB    . LEU A 1 88  ? 4.222   13.903  1.588   1.00 54.50  ? 88  LEU A CB    1 
ATOM   616  C  CG    . LEU A 1 88  ? 5.536   14.668  1.424   1.00 56.95  ? 88  LEU A CG    1 
ATOM   617  C  CD1   . LEU A 1 88  ? 5.330   15.761  0.383   1.00 58.99  ? 88  LEU A CD1   1 
ATOM   618  C  CD2   . LEU A 1 88  ? 5.980   15.268  2.747   1.00 57.49  ? 88  LEU A CD2   1 
ATOM   619  N  N     . THR A 1 89  ? 4.572   10.890  1.271   1.00 47.59  ? 89  THR A N     1 
ATOM   620  C  CA    . THR A 1 89  ? 5.343   9.658   1.350   1.00 45.34  ? 89  THR A CA    1 
ATOM   621  C  C     . THR A 1 89  ? 5.230   8.938   0.008   1.00 44.98  ? 89  THR A C     1 
ATOM   622  O  O     . THR A 1 89  ? 6.219   8.453   -0.534  1.00 45.01  ? 89  THR A O     1 
ATOM   623  C  CB    . THR A 1 89  ? 4.795   8.723   2.445   1.00 44.68  ? 89  THR A CB    1 
ATOM   624  O  OG1   . THR A 1 89  ? 4.828   9.386   3.714   1.00 44.83  ? 89  THR A OG1   1 
ATOM   625  C  CG2   . THR A 1 89  ? 5.629   7.462   2.529   1.00 43.80  ? 89  THR A CG2   1 
ATOM   626  N  N     . ALA A 1 90  ? 4.012   8.881   -0.525  1.00 44.28  ? 90  ALA A N     1 
ATOM   627  C  CA    . ALA A 1 90  ? 3.747   8.220   -1.799  1.00 44.23  ? 90  ALA A CA    1 
ATOM   628  C  C     . ALA A 1 90  ? 4.481   8.874   -2.963  1.00 44.93  ? 90  ALA A C     1 
ATOM   629  O  O     . ALA A 1 90  ? 4.967   8.188   -3.866  1.00 46.25  ? 90  ALA A O     1 
ATOM   630  C  CB    . ALA A 1 90  ? 2.251   8.208   -2.070  1.00 43.66  ? 90  ALA A CB    1 
ATOM   631  N  N     . ALA A 1 91  ? 4.550   10.200  -2.952  1.00 44.77  ? 91  ALA A N     1 
ATOM   632  C  CA    . ALA A 1 91  ? 5.228   10.937  -4.017  1.00 44.14  ? 91  ALA A CA    1 
ATOM   633  C  C     . ALA A 1 91  ? 6.740   10.720  -3.975  1.00 42.11  ? 91  ALA A C     1 
ATOM   634  O  O     . ALA A 1 91  ? 7.418   10.739  -5.002  1.00 40.40  ? 91  ALA A O     1 
ATOM   635  C  CB    . ALA A 1 91  ? 4.905   12.426  -3.899  1.00 43.55  ? 91  ALA A CB    1 
ATOM   636  N  N     . ARG A 1 92  ? 7.257   10.509  -2.771  1.00 43.02  ? 92  ARG A N     1 
ATOM   637  C  CA    . ARG A 1 92  ? 8.681   10.285  -2.558  1.00 44.09  ? 92  ARG A CA    1 
ATOM   638  C  C     . ARG A 1 92  ? 9.074   8.896   -3.058  1.00 43.69  ? 92  ARG A C     1 
ATOM   639  O  O     . ARG A 1 92  ? 10.108  8.719   -3.702  1.00 41.91  ? 92  ARG A O     1 
ATOM   640  C  CB    . ARG A 1 92  ? 8.987   10.391  -1.064  1.00 46.15  ? 92  ARG A CB    1 
ATOM   641  C  CG    . ARG A 1 92  ? 10.348  10.973  -0.719  1.00 50.92  ? 92  ARG A CG    1 
ATOM   642  C  CD    . ARG A 1 92  ? 11.239  9.976   0.011   1.00 53.12  ? 92  ARG A CD    1 
ATOM   643  N  NE    . ARG A 1 92  ? 10.546  9.226   1.062   1.00 55.41  ? 92  ARG A NE    1 
ATOM   644  C  CZ    . ARG A 1 92  ? 9.887   9.766   2.082   1.00 57.10  ? 92  ARG A CZ    1 
ATOM   645  N  NH1   . ARG A 1 92  ? 9.807   11.085  2.214   1.00 57.30  ? 92  ARG A NH1   1 
ATOM   646  N  NH2   . ARG A 1 92  ? 9.312   8.979   2.981   1.00 58.75  ? 92  ARG A NH2   1 
ATOM   647  N  N     . GLU A 1 93  ? 8.229   7.915   -2.752  1.00 43.71  ? 93  GLU A N     1 
ATOM   648  C  CA    . GLU A 1 93  ? 8.474   6.535   -3.134  1.00 43.60  ? 93  GLU A CA    1 
ATOM   649  C  C     . GLU A 1 93  ? 8.372   6.379   -4.641  1.00 42.93  ? 93  GLU A C     1 
ATOM   650  O  O     . GLU A 1 93  ? 9.158   5.653   -5.250  1.00 43.54  ? 93  GLU A O     1 
ATOM   651  C  CB    . GLU A 1 93  ? 7.469   5.615   -2.438  1.00 45.09  ? 93  GLU A CB    1 
ATOM   652  C  CG    . GLU A 1 93  ? 7.947   4.179   -2.268  1.00 49.62  ? 93  GLU A CG    1 
ATOM   653  C  CD    . GLU A 1 93  ? 9.181   4.063   -1.377  1.00 50.95  ? 93  GLU A CD    1 
ATOM   654  O  OE1   . GLU A 1 93  ? 9.114   4.482   -0.199  1.00 50.24  ? 93  GLU A OE1   1 
ATOM   655  O  OE2   . GLU A 1 93  ? 10.217  3.550   -1.855  1.00 53.88  ? 93  GLU A OE2   1 
ATOM   656  N  N     . LEU A 1 94  ? 7.404   7.061   -5.243  1.00 42.16  ? 94  LEU A N     1 
ATOM   657  C  CA    . LEU A 1 94  ? 7.229   6.993   -6.688  1.00 41.72  ? 94  LEU A CA    1 
ATOM   658  C  C     . LEU A 1 94  ? 8.500   7.500   -7.362  1.00 42.62  ? 94  LEU A C     1 
ATOM   659  O  O     . LEU A 1 94  ? 8.977   6.921   -8.337  1.00 42.03  ? 94  LEU A O     1 
ATOM   660  C  CB    . LEU A 1 94  ? 6.045   7.854   -7.124  1.00 40.93  ? 94  LEU A CB    1 
ATOM   661  C  CG    . LEU A 1 94  ? 5.853   7.956   -8.640  1.00 40.53  ? 94  LEU A CG    1 
ATOM   662  C  CD1   . LEU A 1 94  ? 5.438   6.605   -9.201  1.00 40.25  ? 94  LEU A CD1   1 
ATOM   663  C  CD2   . LEU A 1 94  ? 4.806   8.997   -8.954  1.00 40.22  ? 94  LEU A CD2   1 
ATOM   664  N  N     . ARG A 1 95  ? 9.044   8.585   -6.820  1.00 44.06  ? 95  ARG A N     1 
ATOM   665  C  CA    . ARG A 1 95  ? 10.258  9.198   -7.346  1.00 44.83  ? 95  ARG A CA    1 
ATOM   666  C  C     . ARG A 1 95  ? 11.468  8.291   -7.177  1.00 44.99  ? 95  ARG A C     1 
ATOM   667  O  O     . ARG A 1 95  ? 12.185  8.017   -8.136  1.00 44.10  ? 95  ARG A O     1 
ATOM   668  C  CB    . ARG A 1 95  ? 10.521  10.525  -6.631  1.00 46.48  ? 95  ARG A CB    1 
ATOM   669  C  CG    . ARG A 1 95  ? 11.583  11.403  -7.273  1.00 47.70  ? 95  ARG A CG    1 
ATOM   670  C  CD    . ARG A 1 95  ? 11.774  12.662  -6.453  1.00 51.38  ? 95  ARG A CD    1 
ATOM   671  N  NE    . ARG A 1 95  ? 12.398  12.370  -5.162  1.00 55.74  ? 95  ARG A NE    1 
ATOM   672  C  CZ    . ARG A 1 95  ? 11.903  12.726  -3.978  1.00 57.68  ? 95  ARG A CZ    1 
ATOM   673  N  NH1   . ARG A 1 95  ? 10.753  13.396  -3.898  1.00 57.13  ? 95  ARG A NH1   1 
ATOM   674  N  NH2   . ARG A 1 95  ? 12.570  12.419  -2.870  1.00 58.96  ? 95  ARG A NH2   1 
ATOM   675  N  N     . GLU A 1 96  ? 11.682  7.823   -5.952  1.00 46.05  ? 96  GLU A N     1 
ATOM   676  C  CA    . GLU A 1 96  ? 12.818  6.963   -5.638  1.00 47.78  ? 96  GLU A CA    1 
ATOM   677  C  C     . GLU A 1 96  ? 12.748  5.568   -6.261  1.00 47.93  ? 96  GLU A C     1 
ATOM   678  O  O     . GLU A 1 96  ? 13.774  4.977   -6.584  1.00 47.35  ? 96  GLU A O     1 
ATOM   679  C  CB    . GLU A 1 96  ? 12.958  6.812   -4.120  1.00 50.01  ? 96  GLU A CB    1 
ATOM   680  C  CG    . GLU A 1 96  ? 12.863  8.114   -3.329  1.00 52.64  ? 96  GLU A CG    1 
ATOM   681  C  CD    . GLU A 1 96  ? 13.154  7.921   -1.845  1.00 54.19  ? 96  GLU A CD    1 
ATOM   682  O  OE1   . GLU A 1 96  ? 12.704  6.903   -1.270  1.00 53.25  ? 96  GLU A OE1   1 
ATOM   683  O  OE2   . GLU A 1 96  ? 13.826  8.799   -1.253  1.00 55.12  ? 96  GLU A OE2   1 
ATOM   684  N  N     . GLU A 1 97  ? 11.538  5.050   -6.434  1.00 48.73  ? 97  GLU A N     1 
ATOM   685  C  CA    . GLU A 1 97  ? 11.355  3.713   -6.975  1.00 49.96  ? 97  GLU A CA    1 
ATOM   686  C  C     . GLU A 1 97  ? 11.407  3.610   -8.501  1.00 47.86  ? 97  GLU A C     1 
ATOM   687  O  O     . GLU A 1 97  ? 12.036  2.710   -9.053  1.00 45.54  ? 97  GLU A O     1 
ATOM   688  C  CB    . GLU A 1 97  ? 10.030  3.152   -6.469  1.00 56.29  ? 97  GLU A CB    1 
ATOM   689  C  CG    . GLU A 1 97  ? 9.957   1.637   -6.476  1.00 66.05  ? 97  GLU A CG    1 
ATOM   690  C  CD    . GLU A 1 97  ? 10.923  1.006   -5.481  1.00 70.62  ? 97  GLU A CD    1 
ATOM   691  O  OE1   . GLU A 1 97  ? 10.883  1.412   -4.293  1.00 72.25  ? 97  GLU A OE1   1 
ATOM   692  O  OE2   . GLU A 1 97  ? 11.705  0.106   -5.891  1.00 72.24  ? 97  GLU A OE2   1 
ATOM   693  N  N     . VAL A 1 98  ? 10.738  4.523   -9.190  1.00 46.47  ? 98  VAL A N     1 
ATOM   694  C  CA    . VAL A 1 98  ? 10.736  4.475   -10.638 1.00 44.32  ? 98  VAL A CA    1 
ATOM   695  C  C     . VAL A 1 98  ? 11.072  5.818   -11.278 1.00 44.23  ? 98  VAL A C     1 
ATOM   696  O  O     . VAL A 1 98  ? 10.851  6.009   -12.468 1.00 45.08  ? 98  VAL A O     1 
ATOM   697  C  CB    . VAL A 1 98  ? 9.374   3.967   -11.160 1.00 43.29  ? 98  VAL A CB    1 
ATOM   698  C  CG1   . VAL A 1 98  ? 9.176   2.512   -10.756 1.00 42.56  ? 98  VAL A CG1   1 
ATOM   699  C  CG2   . VAL A 1 98  ? 8.249   4.807   -10.600 1.00 43.29  ? 98  VAL A CG2   1 
ATOM   700  N  N     . GLY A 1 99  ? 11.614  6.742   -10.487 1.00 44.23  ? 99  GLY A N     1 
ATOM   701  C  CA    . GLY A 1 99  ? 11.986  8.055   -10.999 1.00 44.46  ? 99  GLY A CA    1 
ATOM   702  C  C     . GLY A 1 99  ? 10.911  8.793   -11.777 1.00 44.92  ? 99  GLY A C     1 
ATOM   703  O  O     . GLY A 1 99  ? 11.128  9.185   -12.919 1.00 45.55  ? 99  GLY A O     1 
ATOM   704  N  N     . LEU A 1 100 ? 9.753   8.991   -11.160 1.00 45.11  ? 100 LEU A N     1 
ATOM   705  C  CA    . LEU A 1 100 ? 8.645   9.684   -11.804 1.00 45.72  ? 100 LEU A CA    1 
ATOM   706  C  C     . LEU A 1 100 ? 8.021   10.727  -10.888 1.00 46.75  ? 100 LEU A C     1 
ATOM   707  O  O     . LEU A 1 100 ? 7.913   10.518  -9.683  1.00 46.37  ? 100 LEU A O     1 
ATOM   708  C  CB    . LEU A 1 100 ? 7.549   8.690   -12.211 1.00 45.15  ? 100 LEU A CB    1 
ATOM   709  C  CG    . LEU A 1 100 ? 7.772   7.690   -13.347 1.00 45.39  ? 100 LEU A CG    1 
ATOM   710  C  CD1   . LEU A 1 100 ? 6.540   6.793   -13.483 1.00 43.57  ? 100 LEU A CD1   1 
ATOM   711  C  CD2   . LEU A 1 100 ? 8.036   8.438   -14.647 1.00 44.88  ? 100 LEU A CD2   1 
ATOM   712  N  N     . GLN A 1 101 ? 7.613   11.850  -11.468 1.00 48.45  ? 101 GLN A N     1 
ATOM   713  C  CA    . GLN A 1 101 ? 6.949   12.904  -10.710 1.00 50.38  ? 101 GLN A CA    1 
ATOM   714  C  C     . GLN A 1 101 ? 5.574   13.009  -11.353 1.00 49.94  ? 101 GLN A C     1 
ATOM   715  O  O     . GLN A 1 101 ? 5.445   12.866  -12.565 1.00 49.84  ? 101 GLN A O     1 
ATOM   716  C  CB    . GLN A 1 101 ? 7.692   14.243  -10.826 1.00 53.18  ? 101 GLN A CB    1 
ATOM   717  C  CG    . GLN A 1 101 ? 7.551   15.119  -9.574  1.00 58.58  ? 101 GLN A CG    1 
ATOM   718  C  CD    . GLN A 1 101 ? 8.114   16.524  -9.740  1.00 61.56  ? 101 GLN A CD    1 
ATOM   719  O  OE1   . GLN A 1 101 ? 7.588   17.317  -10.520 1.00 61.70  ? 101 GLN A OE1   1 
ATOM   720  N  NE2   . GLN A 1 101 ? 9.186   16.839  -9.002  1.00 63.18  ? 101 GLN A NE2   1 
ATOM   721  N  N     . ALA A 1 102 ? 4.543   13.234  -10.551 1.00 49.10  ? 102 ALA A N     1 
ATOM   722  C  CA    . ALA A 1 102 ? 3.200   13.328  -11.098 1.00 49.61  ? 102 ALA A CA    1 
ATOM   723  C  C     . ALA A 1 102 ? 2.512   14.601  -10.651 1.00 50.26  ? 102 ALA A C     1 
ATOM   724  O  O     . ALA A 1 102 ? 2.573   14.984  -9.483  1.00 51.08  ? 102 ALA A O     1 
ATOM   725  C  CB    . ALA A 1 102 ? 2.373   12.103  -10.681 1.00 48.72  ? 102 ALA A CB    1 
ATOM   726  N  N     . SER A 1 103 ? 1.851   15.260  -11.591 1.00 51.14  ? 103 SER A N     1 
ATOM   727  C  CA    . SER A 1 103 ? 1.144   16.490  -11.284 1.00 51.62  ? 103 SER A CA    1 
ATOM   728  C  C     . SER A 1 103 ? -0.217  16.236  -10.626 1.00 51.07  ? 103 SER A C     1 
ATOM   729  O  O     . SER A 1 103 ? -0.644  17.019  -9.776  1.00 52.22  ? 103 SER A O     1 
ATOM   730  C  CB    . SER A 1 103 ? 0.990   17.327  -12.556 1.00 53.27  ? 103 SER A CB    1 
ATOM   731  O  OG    . SER A 1 103 ? 0.571   16.532  -13.653 1.00 56.44  ? 103 SER A OG    1 
ATOM   732  N  N     . THR A 1 104 ? -0.884  15.139  -10.987 1.00 49.83  ? 104 THR A N     1 
ATOM   733  C  CA    . THR A 1 104 ? -2.194  14.831  -10.410 1.00 49.17  ? 104 THR A CA    1 
ATOM   734  C  C     . THR A 1 104 ? -2.238  13.572  -9.546  1.00 48.84  ? 104 THR A C     1 
ATOM   735  O  O     . THR A 1 104 ? -1.850  12.492  -9.983  1.00 49.70  ? 104 THR A O     1 
ATOM   736  C  CB    . THR A 1 104 ? -3.261  14.687  -11.503 1.00 49.16  ? 104 THR A CB    1 
ATOM   737  O  OG1   . THR A 1 104 ? -3.222  15.835  -12.362 1.00 50.32  ? 104 THR A OG1   1 
ATOM   738  C  CG2   . THR A 1 104 ? -4.645  14.582  -10.878 1.00 46.07  ? 104 THR A CG2   1 
ATOM   739  N  N     . TRP A 1 105 ? -2.727  13.726  -8.318  1.00 48.74  ? 105 TRP A N     1 
ATOM   740  C  CA    . TRP A 1 105 ? -2.837  12.612  -7.388  1.00 48.19  ? 105 TRP A CA    1 
ATOM   741  C  C     . TRP A 1 105 ? -4.257  12.418  -6.881  1.00 48.46  ? 105 TRP A C     1 
ATOM   742  O  O     . TRP A 1 105 ? -4.891  13.364  -6.406  1.00 50.23  ? 105 TRP A O     1 
ATOM   743  C  CB    . TRP A 1 105 ? -1.915  12.818  -6.189  1.00 47.61  ? 105 TRP A CB    1 
ATOM   744  C  CG    . TRP A 1 105 ? -0.464  12.699  -6.519  1.00 49.34  ? 105 TRP A CG    1 
ATOM   745  C  CD1   . TRP A 1 105 ? 0.301   13.611  -7.184  1.00 49.10  ? 105 TRP A CD1   1 
ATOM   746  C  CD2   . TRP A 1 105 ? 0.400   11.590  -6.220  1.00 50.02  ? 105 TRP A CD2   1 
ATOM   747  N  NE1   . TRP A 1 105 ? 1.588   13.141  -7.320  1.00 50.32  ? 105 TRP A NE1   1 
ATOM   748  C  CE2   . TRP A 1 105 ? 1.676   11.903  -6.738  1.00 50.24  ? 105 TRP A CE2   1 
ATOM   749  C  CE3   . TRP A 1 105 ? 0.217   10.362  -5.568  1.00 49.08  ? 105 TRP A CE3   1 
ATOM   750  C  CZ2   . TRP A 1 105 ? 2.771   11.032  -6.623  1.00 49.45  ? 105 TRP A CZ2   1 
ATOM   751  C  CZ3   . TRP A 1 105 ? 1.309   9.492   -5.455  1.00 48.90  ? 105 TRP A CZ3   1 
ATOM   752  C  CH2   . TRP A 1 105 ? 2.566   9.836   -5.981  1.00 48.19  ? 105 TRP A CH2   1 
ATOM   753  N  N     . GLN A 1 106 ? -4.751  11.185  -6.986  1.00 48.04  ? 106 GLN A N     1 
ATOM   754  C  CA    . GLN A 1 106 ? -6.093  10.837  -6.517  1.00 47.16  ? 106 GLN A CA    1 
ATOM   755  C  C     . GLN A 1 106 ? -6.032  9.543   -5.728  1.00 45.95  ? 106 GLN A C     1 
ATOM   756  O  O     . GLN A 1 106 ? -5.051  8.802   -5.805  1.00 44.85  ? 106 GLN A O     1 
ATOM   757  C  CB    . GLN A 1 106 ? -7.041  10.619  -7.684  1.00 47.86  ? 106 GLN A CB    1 
ATOM   758  C  CG    . GLN A 1 106 ? -6.954  11.662  -8.746  1.00 50.47  ? 106 GLN A CG    1 
ATOM   759  C  CD    . GLN A 1 106 ? -7.913  11.376  -9.859  1.00 50.97  ? 106 GLN A CD    1 
ATOM   760  O  OE1   . GLN A 1 106 ? -9.117  11.527  -9.696  1.00 52.65  ? 106 GLN A OE1   1 
ATOM   761  N  NE2   . GLN A 1 106 ? -7.390  10.939  -10.998 1.00 51.39  ? 106 GLN A NE2   1 
ATOM   762  N  N     . VAL A 1 107 ? -7.089  9.266   -4.974  1.00 44.16  ? 107 VAL A N     1 
ATOM   763  C  CA    . VAL A 1 107 ? -7.141  8.040   -4.200  1.00 42.50  ? 107 VAL A CA    1 
ATOM   764  C  C     . VAL A 1 107 ? -7.806  6.990   -5.077  1.00 43.26  ? 107 VAL A C     1 
ATOM   765  O  O     . VAL A 1 107 ? -8.905  7.199   -5.595  1.00 43.19  ? 107 VAL A O     1 
ATOM   766  C  CB    . VAL A 1 107 ? -7.926  8.228   -2.880  1.00 39.87  ? 107 VAL A CB    1 
ATOM   767  C  CG1   . VAL A 1 107 ? -8.170  6.882   -2.217  1.00 37.66  ? 107 VAL A CG1   1 
ATOM   768  C  CG2   . VAL A 1 107 ? -7.136  9.134   -1.945  1.00 36.31  ? 107 VAL A CG2   1 
ATOM   769  N  N     . LEU A 1 108 ? -7.105  5.877   -5.264  1.00 43.55  ? 108 LEU A N     1 
ATOM   770  C  CA    . LEU A 1 108 ? -7.580  4.777   -6.086  1.00 42.51  ? 108 LEU A CA    1 
ATOM   771  C  C     . LEU A 1 108 ? -8.300  3.777   -5.194  1.00 43.87  ? 108 LEU A C     1 
ATOM   772  O  O     . LEU A 1 108 ? -9.514  3.581   -5.325  1.00 44.55  ? 108 LEU A O     1 
ATOM   773  C  CB    . LEU A 1 108 ? -6.399  4.110   -6.789  1.00 40.50  ? 108 LEU A CB    1 
ATOM   774  C  CG    . LEU A 1 108 ? -6.699  3.040   -7.832  1.00 41.39  ? 108 LEU A CG    1 
ATOM   775  C  CD1   . LEU A 1 108 ? -7.621  3.610   -8.908  1.00 40.86  ? 108 LEU A CD1   1 
ATOM   776  C  CD2   . LEU A 1 108 ? -5.393  2.551   -8.434  1.00 38.90  ? 108 LEU A CD2   1 
ATOM   777  N  N     . VAL A 1 109 ? -7.559  3.152   -4.277  1.00 43.40  ? 109 VAL A N     1 
ATOM   778  C  CA    . VAL A 1 109 ? -8.164  2.179   -3.367  1.00 42.03  ? 109 VAL A CA    1 
ATOM   779  C  C     . VAL A 1 109 ? -7.400  1.956   -2.061  1.00 41.42  ? 109 VAL A C     1 
ATOM   780  O  O     . VAL A 1 109 ? -6.165  1.968   -2.035  1.00 40.20  ? 109 VAL A O     1 
ATOM   781  C  CB    . VAL A 1 109 ? -8.342  0.799   -4.062  1.00 41.95  ? 109 VAL A CB    1 
ATOM   782  C  CG1   . VAL A 1 109 ? -6.986  0.217   -4.442  1.00 40.90  ? 109 VAL A CG1   1 
ATOM   783  C  CG2   . VAL A 1 109 ? -9.103  -0.146  -3.147  1.00 40.22  ? 109 VAL A CG2   1 
ATOM   784  N  N     . ASP A 1 110 ? -8.152  1.785   -0.975  1.00 39.84  ? 110 ASP A N     1 
ATOM   785  C  CA    . ASP A 1 110 ? -7.572  1.501   0.336   1.00 39.46  ? 110 ASP A CA    1 
ATOM   786  C  C     . ASP A 1 110 ? -7.807  0.018   0.552   1.00 39.54  ? 110 ASP A C     1 
ATOM   787  O  O     . ASP A 1 110 ? -8.864  -0.502  0.187   1.00 41.08  ? 110 ASP A O     1 
ATOM   788  C  CB    . ASP A 1 110 ? -8.288  2.253   1.460   1.00 38.72  ? 110 ASP A CB    1 
ATOM   789  C  CG    . ASP A 1 110 ? -8.140  3.744   1.351   1.00 39.65  ? 110 ASP A CG    1 
ATOM   790  O  OD1   . ASP A 1 110 ? -7.026  4.209   1.043   1.00 38.83  ? 110 ASP A OD1   1 
ATOM   791  O  OD2   . ASP A 1 110 ? -9.140  4.454   1.593   1.00 40.12  ? 110 ASP A OD2   1 
ATOM   792  N  N     . LEU A 1 111 ? -6.833  -0.675  1.129   1.00 37.58  ? 111 LEU A N     1 
ATOM   793  C  CA    . LEU A 1 111 ? -7.011  -2.096  1.390   1.00 34.53  ? 111 LEU A CA    1 
ATOM   794  C  C     . LEU A 1 111 ? -6.481  -2.469  2.753   1.00 34.41  ? 111 LEU A C     1 
ATOM   795  O  O     . LEU A 1 111 ? -5.468  -1.938  3.209   1.00 35.08  ? 111 LEU A O     1 
ATOM   796  C  CB    . LEU A 1 111 ? -6.320  -2.961  0.320   1.00 32.09  ? 111 LEU A CB    1 
ATOM   797  C  CG    . LEU A 1 111 ? -4.799  -2.920  0.154   1.00 30.04  ? 111 LEU A CG    1 
ATOM   798  C  CD1   . LEU A 1 111 ? -4.320  -4.295  -0.217  1.00 28.53  ? 111 LEU A CD1   1 
ATOM   799  C  CD2   . LEU A 1 111 ? -4.389  -1.894  -0.905  1.00 27.19  ? 111 LEU A CD2   1 
ATOM   800  N  N     . ASP A 1 112 ? -7.194  -3.366  3.419   1.00 33.51  ? 112 ASP A N     1 
ATOM   801  C  CA    . ASP A 1 112 ? -6.764  -3.849  4.717   1.00 33.83  ? 112 ASP A CA    1 
ATOM   802  C  C     . ASP A 1 112 ? -6.210  -5.221  4.380   1.00 33.47  ? 112 ASP A C     1 
ATOM   803  O  O     . ASP A 1 112 ? -6.956  -6.155  4.113   1.00 33.58  ? 112 ASP A O     1 
ATOM   804  C  CB    . ASP A 1 112 ? -7.946  -3.924  5.677   1.00 34.12  ? 112 ASP A CB    1 
ATOM   805  C  CG    . ASP A 1 112 ? -8.552  -2.556  5.951   1.00 35.87  ? 112 ASP A CG    1 
ATOM   806  O  OD1   . ASP A 1 112 ? -7.830  -1.543  5.799   1.00 33.62  ? 112 ASP A OD1   1 
ATOM   807  O  OD2   . ASP A 1 112 ? -9.743  -2.490  6.331   1.00 35.47  ? 112 ASP A OD2   1 
ATOM   808  N  N     . THR A 1 113 ? -4.887  -5.309  4.371   1.00 32.61  ? 113 THR A N     1 
ATOM   809  C  CA    . THR A 1 113 ? -4.158  -6.516  3.997   1.00 32.76  ? 113 THR A CA    1 
ATOM   810  C  C     . THR A 1 113 ? -4.521  -7.852  4.645   1.00 33.55  ? 113 THR A C     1 
ATOM   811  O  O     . THR A 1 113 ? -4.904  -8.789  3.948   1.00 32.98  ? 113 THR A O     1 
ATOM   812  C  CB    . THR A 1 113 ? -2.665  -6.271  4.159   1.00 32.31  ? 113 THR A CB    1 
ATOM   813  O  OG1   . THR A 1 113 ? -2.416  -5.801  5.488   1.00 32.97  ? 113 THR A OG1   1 
ATOM   814  C  CG2   . THR A 1 113 ? -2.191  -5.227  3.143   1.00 30.13  ? 113 THR A CG2   1 
ATOM   815  N  N     . ALA A 1 114 ? -4.369  -7.961  5.958   1.00 33.29  ? 114 ALA A N     1 
ATOM   816  C  CA    . ALA A 1 114 ? -4.714  -9.199  6.658   1.00 32.84  ? 114 ALA A CA    1 
ATOM   817  C  C     . ALA A 1 114 ? -5.530  -8.796  7.872   1.00 33.66  ? 114 ALA A C     1 
ATOM   818  O  O     . ALA A 1 114 ? -5.017  -8.777  8.992   1.00 33.90  ? 114 ALA A O     1 
ATOM   819  C  CB    . ALA A 1 114 ? -3.462  -9.932  7.086   1.00 30.57  ? 114 ALA A CB    1 
ATOM   820  N  N     . PRO A 1 115 ? -6.820  -8.466  7.662   1.00 33.92  ? 115 PRO A N     1 
ATOM   821  C  CA    . PRO A 1 115 ? -7.730  -8.045  8.734   1.00 33.87  ? 115 PRO A CA    1 
ATOM   822  C  C     . PRO A 1 115 ? -7.819  -9.053  9.865   1.00 34.15  ? 115 PRO A C     1 
ATOM   823  O  O     . PRO A 1 115 ? -8.222  -8.717  10.975  1.00 35.26  ? 115 PRO A O     1 
ATOM   824  C  CB    . PRO A 1 115 ? -9.067  -7.859  8.006   1.00 35.02  ? 115 PRO A CB    1 
ATOM   825  C  CG    . PRO A 1 115 ? -8.655  -7.530  6.579   1.00 33.31  ? 115 PRO A CG    1 
ATOM   826  C  CD    . PRO A 1 115 ? -7.535  -8.524  6.371   1.00 33.95  ? 115 PRO A CD    1 
ATOM   827  N  N     . GLY A 1 116 ? -7.430  -10.289 9.581   1.00 34.13  ? 116 GLY A N     1 
ATOM   828  C  CA    . GLY A 1 116 ? -7.486  -11.328 10.588  1.00 34.62  ? 116 GLY A CA    1 
ATOM   829  C  C     . GLY A 1 116 ? -6.507  -11.207 11.745  1.00 35.92  ? 116 GLY A C     1 
ATOM   830  O  O     . GLY A 1 116 ? -6.824  -11.650 12.853  1.00 36.74  ? 116 GLY A O     1 
ATOM   831  N  N     . PHE A 1 117 ? -5.328  -10.620 11.524  1.00 35.42  ? 117 PHE A N     1 
ATOM   832  C  CA    . PHE A 1 117 ? -4.344  -10.509 12.610  1.00 34.68  ? 117 PHE A CA    1 
ATOM   833  C  C     . PHE A 1 117 ? -3.457  -9.265  12.626  1.00 34.05  ? 117 PHE A C     1 
ATOM   834  O  O     . PHE A 1 117 ? -2.517  -9.194  13.414  1.00 35.32  ? 117 PHE A O     1 
ATOM   835  C  CB    . PHE A 1 117 ? -3.423  -11.734 12.606  1.00 33.72  ? 117 PHE A CB    1 
ATOM   836  C  CG    . PHE A 1 117 ? -2.538  -11.816 11.392  1.00 33.99  ? 117 PHE A CG    1 
ATOM   837  C  CD1   . PHE A 1 117 ? -3.014  -12.358 10.201  1.00 35.03  ? 117 PHE A CD1   1 
ATOM   838  C  CD2   . PHE A 1 117 ? -1.240  -11.293 11.423  1.00 33.71  ? 117 PHE A CD2   1 
ATOM   839  C  CE1   . PHE A 1 117 ? -2.210  -12.375 9.056   1.00 35.98  ? 117 PHE A CE1   1 
ATOM   840  C  CE2   . PHE A 1 117 ? -0.430  -11.303 10.290  1.00 32.31  ? 117 PHE A CE2   1 
ATOM   841  C  CZ    . PHE A 1 117 ? -0.914  -11.844 9.105   1.00 35.01  ? 117 PHE A CZ    1 
ATOM   842  N  N     . SER A 1 118 ? -3.731  -8.292  11.770  1.00 32.85  ? 118 SER A N     1 
ATOM   843  C  CA    . SER A 1 118 ? -2.897  -7.098  11.734  1.00 33.91  ? 118 SER A CA    1 
ATOM   844  C  C     . SER A 1 118 ? -3.736  -5.864  11.483  1.00 34.41  ? 118 SER A C     1 
ATOM   845  O  O     . SER A 1 118 ? -4.796  -5.951  10.869  1.00 35.74  ? 118 SER A O     1 
ATOM   846  C  CB    . SER A 1 118 ? -1.842  -7.239  10.629  1.00 33.37  ? 118 SER A CB    1 
ATOM   847  O  OG    . SER A 1 118 ? -1.048  -6.070  10.506  1.00 31.03  ? 118 SER A OG    1 
ATOM   848  N  N     . ASP A 1 119 ? -3.270  -4.711  11.949  1.00 34.32  ? 119 ASP A N     1 
ATOM   849  C  CA    . ASP A 1 119 ? -4.026  -3.489  11.723  1.00 34.02  ? 119 ASP A CA    1 
ATOM   850  C  C     . ASP A 1 119 ? -3.503  -2.730  10.502  1.00 33.88  ? 119 ASP A C     1 
ATOM   851  O  O     . ASP A 1 119 ? -3.909  -1.595  10.251  1.00 34.25  ? 119 ASP A O     1 
ATOM   852  C  CB    . ASP A 1 119 ? -3.975  -2.594  12.963  1.00 33.38  ? 119 ASP A CB    1 
ATOM   853  C  CG    . ASP A 1 119 ? -2.583  -2.137  13.282  1.00 34.50  ? 119 ASP A CG    1 
ATOM   854  O  OD1   . ASP A 1 119 ? -1.656  -2.524  12.538  1.00 33.56  ? 119 ASP A OD1   1 
ATOM   855  O  OD2   . ASP A 1 119 ? -2.413  -1.392  14.269  1.00 35.11  ? 119 ASP A OD2   1 
ATOM   856  N  N     . GLU A 1 120 ? -2.616  -3.361  9.736   1.00 34.57  ? 120 GLU A N     1 
ATOM   857  C  CA    . GLU A 1 120 ? -2.065  -2.719  8.543   1.00 34.46  ? 120 GLU A CA    1 
ATOM   858  C  C     . GLU A 1 120 ? -3.130  -2.394  7.509   1.00 34.34  ? 120 GLU A C     1 
ATOM   859  O  O     . GLU A 1 120 ? -4.006  -3.204  7.214   1.00 34.98  ? 120 GLU A O     1 
ATOM   860  C  CB    . GLU A 1 120 ? -0.996  -3.590  7.871   1.00 34.30  ? 120 GLU A CB    1 
ATOM   861  C  CG    . GLU A 1 120 ? -0.532  -3.028  6.514   1.00 34.51  ? 120 GLU A CG    1 
ATOM   862  C  CD    . GLU A 1 120 ? 0.541   -3.872  5.817   1.00 37.35  ? 120 GLU A CD    1 
ATOM   863  O  OE1   . GLU A 1 120 ? 0.370   -5.108  5.674   1.00 36.64  ? 120 GLU A OE1   1 
ATOM   864  O  OE2   . GLU A 1 120 ? 1.559   -3.282  5.393   1.00 36.88  ? 120 GLU A OE2   1 
ATOM   865  N  N     . SER A 1 121 ? -3.039  -1.192  6.962   1.00 34.42  ? 121 SER A N     1 
ATOM   866  C  CA    . SER A 1 121 ? -3.952  -0.734  5.935   1.00 34.51  ? 121 SER A CA    1 
ATOM   867  C  C     . SER A 1 121 ? -3.067  0.004   4.943   1.00 34.55  ? 121 SER A C     1 
ATOM   868  O  O     . SER A 1 121 ? -2.122  0.691   5.339   1.00 35.14  ? 121 SER A O     1 
ATOM   869  C  CB    . SER A 1 121 ? -4.999  0.210   6.524   1.00 33.56  ? 121 SER A CB    1 
ATOM   870  O  OG    . SER A 1 121 ? -6.020  0.476   5.575   1.00 33.84  ? 121 SER A OG    1 
ATOM   871  N  N     . VAL A 1 122 ? -3.358  -0.146  3.658   1.00 33.56  ? 122 VAL A N     1 
ATOM   872  C  CA    . VAL A 1 122 ? -2.552  0.494   2.629   1.00 32.39  ? 122 VAL A CA    1 
ATOM   873  C  C     . VAL A 1 122 ? -3.370  1.372   1.688   1.00 33.27  ? 122 VAL A C     1 
ATOM   874  O  O     . VAL A 1 122 ? -4.360  0.917   1.109   1.00 33.52  ? 122 VAL A O     1 
ATOM   875  C  CB    . VAL A 1 122 ? -1.815  -0.574  1.798   1.00 31.39  ? 122 VAL A CB    1 
ATOM   876  C  CG1   . VAL A 1 122 ? -1.022  0.087   0.676   1.00 31.32  ? 122 VAL A CG1   1 
ATOM   877  C  CG2   . VAL A 1 122 ? -0.914  -1.401  2.707   1.00 30.44  ? 122 VAL A CG2   1 
ATOM   878  N  N     . ARG A 1 123 ? -2.959  2.630   1.537   1.00 32.89  ? 123 ARG A N     1 
ATOM   879  C  CA    . ARG A 1 123 ? -3.656  3.538   0.638   1.00 32.59  ? 123 ARG A CA    1 
ATOM   880  C  C     . ARG A 1 123 ? -2.959  3.500   -0.707  1.00 32.11  ? 123 ARG A C     1 
ATOM   881  O  O     . ARG A 1 123 ? -1.760  3.759   -0.798  1.00 32.39  ? 123 ARG A O     1 
ATOM   882  C  CB    . ARG A 1 123 ? -3.661  4.974   1.176   1.00 32.88  ? 123 ARG A CB    1 
ATOM   883  C  CG    . ARG A 1 123 ? -4.024  5.994   0.095   1.00 35.24  ? 123 ARG A CG    1 
ATOM   884  C  CD    . ARG A 1 123 ? -4.777  7.209   0.624   1.00 38.89  ? 123 ARG A CD    1 
ATOM   885  N  NE    . ARG A 1 123 ? -6.139  6.883   1.049   1.00 41.77  ? 123 ARG A NE    1 
ATOM   886  C  CZ    . ARG A 1 123 ? -7.080  7.782   1.345   1.00 41.89  ? 123 ARG A CZ    1 
ATOM   887  N  NH1   . ARG A 1 123 ? -6.817  9.083   1.260   1.00 41.39  ? 123 ARG A NH1   1 
ATOM   888  N  NH2   . ARG A 1 123 ? -8.283  7.380   1.738   1.00 40.61  ? 123 ARG A NH2   1 
ATOM   889  N  N     . VAL A 1 124 ? -3.708  3.154   -1.747  1.00 32.11  ? 124 VAL A N     1 
ATOM   890  C  CA    . VAL A 1 124 ? -3.151  3.086   -3.086  1.00 33.22  ? 124 VAL A CA    1 
ATOM   891  C  C     . VAL A 1 124 ? -3.607  4.319   -3.852  1.00 34.80  ? 124 VAL A C     1 
ATOM   892  O  O     . VAL A 1 124 ? -4.805  4.566   -3.984  1.00 34.83  ? 124 VAL A O     1 
ATOM   893  C  CB    . VAL A 1 124 ? -3.621  1.813   -3.840  1.00 32.26  ? 124 VAL A CB    1 
ATOM   894  C  CG1   . VAL A 1 124 ? -2.971  1.756   -5.214  1.00 30.57  ? 124 VAL A CG1   1 
ATOM   895  C  CG2   . VAL A 1 124 ? -3.269  0.570   -3.042  1.00 32.29  ? 124 VAL A CG2   1 
ATOM   896  N  N     . TYR A 1 125 ? -2.645  5.095   -4.343  1.00 35.23  ? 125 TYR A N     1 
ATOM   897  C  CA    . TYR A 1 125 ? -2.945  6.305   -5.093  1.00 37.01  ? 125 TYR A CA    1 
ATOM   898  C  C     . TYR A 1 125 ? -2.874  6.071   -6.589  1.00 38.15  ? 125 TYR A C     1 
ATOM   899  O  O     . TYR A 1 125 ? -2.263  5.111   -7.052  1.00 39.50  ? 125 TYR A O     1 
ATOM   900  C  CB    . TYR A 1 125 ? -1.950  7.418   -4.759  1.00 36.08  ? 125 TYR A CB    1 
ATOM   901  C  CG    . TYR A 1 125 ? -2.015  7.915   -3.342  1.00 35.50  ? 125 TYR A CG    1 
ATOM   902  C  CD1   . TYR A 1 125 ? -2.880  8.951   -2.994  1.00 35.32  ? 125 TYR A CD1   1 
ATOM   903  C  CD2   . TYR A 1 125 ? -1.217  7.355   -2.348  1.00 34.58  ? 125 TYR A CD2   1 
ATOM   904  C  CE1   . TYR A 1 125 ? -2.951  9.419   -1.698  1.00 34.27  ? 125 TYR A CE1   1 
ATOM   905  C  CE2   . TYR A 1 125 ? -1.284  7.821   -1.045  1.00 35.97  ? 125 TYR A CE2   1 
ATOM   906  C  CZ    . TYR A 1 125 ? -2.157  8.854   -0.731  1.00 35.65  ? 125 TYR A CZ    1 
ATOM   907  O  OH    . TYR A 1 125 ? -2.250  9.326   0.555   1.00 37.40  ? 125 TYR A OH    1 
ATOM   908  N  N     . LEU A 1 126 ? -3.502  6.968   -7.337  1.00 39.74  ? 126 LEU A N     1 
ATOM   909  C  CA    . LEU A 1 126 ? -3.481  6.926   -8.790  1.00 41.04  ? 126 LEU A CA    1 
ATOM   910  C  C     . LEU A 1 126 ? -2.800  8.222   -9.202  1.00 42.75  ? 126 LEU A C     1 
ATOM   911  O  O     . LEU A 1 126 ? -3.385  9.302   -9.077  1.00 43.09  ? 126 LEU A O     1 
ATOM   912  C  CB    . LEU A 1 126 ? -4.892  6.888   -9.369  1.00 40.33  ? 126 LEU A CB    1 
ATOM   913  C  CG    . LEU A 1 126 ? -4.970  7.120   -10.885 1.00 41.25  ? 126 LEU A CG    1 
ATOM   914  C  CD1   . LEU A 1 126 ? -4.195  6.054   -11.658 1.00 39.69  ? 126 LEU A CD1   1 
ATOM   915  C  CD2   . LEU A 1 126 ? -6.425  7.109   -11.296 1.00 42.31  ? 126 LEU A CD2   1 
ATOM   916  N  N     . ALA A 1 127 ? -1.559  8.112   -9.667  1.00 43.99  ? 127 ALA A N     1 
ATOM   917  C  CA    . ALA A 1 127 ? -0.783  9.271   -10.094 1.00 44.80  ? 127 ALA A CA    1 
ATOM   918  C  C     . ALA A 1 127 ? -0.802  9.402   -11.622 1.00 45.67  ? 127 ALA A C     1 
ATOM   919  O  O     . ALA A 1 127 ? -0.532  8.437   -12.340 1.00 45.91  ? 127 ALA A O     1 
ATOM   920  C  CB    . ALA A 1 127 ? 0.656   9.152   -9.587  1.00 42.92  ? 127 ALA A CB    1 
ATOM   921  N  N     . THR A 1 128 ? -1.131  10.599  -12.107 1.00 46.37  ? 128 THR A N     1 
ATOM   922  C  CA    . THR A 1 128 ? -1.193  10.874  -13.539 1.00 46.31  ? 128 THR A CA    1 
ATOM   923  C  C     . THR A 1 128 ? -0.446  12.165  -13.841 1.00 46.61  ? 128 THR A C     1 
ATOM   924  O  O     . THR A 1 128 ? -0.006  12.845  -12.918 1.00 46.30  ? 128 THR A O     1 
ATOM   925  C  CB    . THR A 1 128 ? -2.650  10.995  -14.006 1.00 45.76  ? 128 THR A CB    1 
ATOM   926  O  OG1   . THR A 1 128 ? -3.338  11.942  -13.185 1.00 46.15  ? 128 THR A OG1   1 
ATOM   927  C  CG2   . THR A 1 128 ? -3.350  9.654   -13.894 1.00 46.91  ? 128 THR A CG2   1 
ATOM   928  N  N     . GLY A 1 129 ? -0.311  12.503  -15.123 1.00 47.72  ? 129 GLY A N     1 
ATOM   929  C  CA    . GLY A 1 129 ? 0.419   13.707  -15.503 1.00 49.10  ? 129 GLY A CA    1 
ATOM   930  C  C     . GLY A 1 129 ? 1.868   13.449  -15.146 1.00 50.74  ? 129 GLY A C     1 
ATOM   931  O  O     . GLY A 1 129 ? 2.501   14.220  -14.423 1.00 51.45  ? 129 GLY A O     1 
ATOM   932  N  N     . LEU A 1 130 ? 2.385   12.344  -15.679 1.00 52.39  ? 130 LEU A N     1 
ATOM   933  C  CA    . LEU A 1 130 ? 3.739   11.871  -15.408 1.00 53.06  ? 130 LEU A CA    1 
ATOM   934  C  C     . LEU A 1 130 ? 4.902   12.600  -16.069 1.00 54.31  ? 130 LEU A C     1 
ATOM   935  O  O     . LEU A 1 130 ? 4.839   13.004  -17.227 1.00 55.31  ? 130 LEU A O     1 
ATOM   936  C  CB    . LEU A 1 130 ? 3.820   10.378  -15.746 1.00 51.14  ? 130 LEU A CB    1 
ATOM   937  C  CG    . LEU A 1 130 ? 2.642   9.532   -15.251 1.00 48.74  ? 130 LEU A CG    1 
ATOM   938  C  CD1   . LEU A 1 130 ? 2.860   8.082   -15.645 1.00 48.37  ? 130 LEU A CD1   1 
ATOM   939  C  CD2   . LEU A 1 130 ? 2.494   9.676   -13.743 1.00 46.69  ? 130 LEU A CD2   1 
ATOM   940  N  N     . ARG A 1 131 ? 5.982   12.736  -15.310 1.00 55.27  ? 131 ARG A N     1 
ATOM   941  C  CA    . ARG A 1 131 ? 7.181   13.401  -15.781 1.00 55.70  ? 131 ARG A CA    1 
ATOM   942  C  C     . ARG A 1 131 ? 8.370   12.602  -15.259 1.00 55.66  ? 131 ARG A C     1 
ATOM   943  O  O     . ARG A 1 131 ? 8.479   12.364  -14.061 1.00 56.04  ? 131 ARG A O     1 
ATOM   944  C  CB    . ARG A 1 131 ? 7.228   14.830  -15.237 1.00 57.78  ? 131 ARG A CB    1 
ATOM   945  C  CG    . ARG A 1 131 ? 8.392   15.671  -15.747 1.00 61.01  ? 131 ARG A CG    1 
ATOM   946  C  CD    . ARG A 1 131 ? 7.982   16.548  -16.926 1.00 61.81  ? 131 ARG A CD    1 
ATOM   947  N  NE    . ARG A 1 131 ? 9.133   16.943  -17.738 1.00 63.38  ? 131 ARG A NE    1 
ATOM   948  C  CZ    . ARG A 1 131 ? 9.042   17.510  -18.939 1.00 63.45  ? 131 ARG A CZ    1 
ATOM   949  N  NH1   . ARG A 1 131 ? 7.852   17.761  -19.471 1.00 62.95  ? 131 ARG A NH1   1 
ATOM   950  N  NH2   . ARG A 1 131 ? 10.141  17.792  -19.626 1.00 65.35  ? 131 ARG A NH2   1 
ATOM   951  N  N     . GLU A 1 132 ? 9.247   12.178  -16.162 1.00 55.97  ? 132 GLU A N     1 
ATOM   952  C  CA    . GLU A 1 132 ? 10.437  11.417  -15.794 1.00 56.12  ? 132 GLU A CA    1 
ATOM   953  C  C     . GLU A 1 132 ? 11.465  12.386  -15.193 1.00 54.87  ? 132 GLU A C     1 
ATOM   954  O  O     . GLU A 1 132 ? 11.893  13.336  -15.849 1.00 54.17  ? 132 GLU A O     1 
ATOM   955  C  CB    . GLU A 1 132 ? 10.985  10.706  -17.042 1.00 58.14  ? 132 GLU A CB    1 
ATOM   956  C  CG    . GLU A 1 132 ? 9.889   9.908   -17.785 1.00 62.98  ? 132 GLU A CG    1 
ATOM   957  C  CD    . GLU A 1 132 ? 10.372  9.168   -19.034 1.00 65.01  ? 132 GLU A CD    1 
ATOM   958  O  OE1   . GLU A 1 132 ? 10.936  9.821   -19.938 1.00 67.04  ? 132 GLU A OE1   1 
ATOM   959  O  OE2   . GLU A 1 132 ? 10.171  7.931   -19.116 1.00 65.90  ? 132 GLU A OE2   1 
ATOM   960  N  N     . VAL A 1 133 ? 11.838  12.147  -13.933 1.00 54.52  ? 133 VAL A N     1 
ATOM   961  C  CA    . VAL A 1 133 ? 12.780  13.008  -13.215 1.00 54.09  ? 133 VAL A CA    1 
ATOM   962  C  C     . VAL A 1 133 ? 13.966  12.271  -12.582 1.00 54.70  ? 133 VAL A C     1 
ATOM   963  O  O     . VAL A 1 133 ? 13.991  11.040  -12.542 1.00 53.47  ? 133 VAL A O     1 
ATOM   964  C  CB    . VAL A 1 133 ? 12.056  13.806  -12.082 1.00 53.66  ? 133 VAL A CB    1 
ATOM   965  C  CG1   . VAL A 1 133 ? 10.901  14.627  -12.655 1.00 52.40  ? 133 VAL A CG1   1 
ATOM   966  C  CG2   . VAL A 1 133 ? 11.551  12.850  -11.013 1.00 53.29  ? 133 VAL A CG2   1 
ATOM   967  N  N     . GLY A 1 134 ? 14.939  13.049  -12.100 1.00 55.85  ? 134 GLY A N     1 
ATOM   968  C  CA    . GLY A 1 134 ? 16.121  12.502  -11.449 1.00 57.49  ? 134 GLY A CA    1 
ATOM   969  C  C     . GLY A 1 134 ? 17.415  12.410  -12.255 1.00 59.60  ? 134 GLY A C     1 
ATOM   970  O  O     . GLY A 1 134 ? 17.678  13.216  -13.151 1.00 58.60  ? 134 GLY A O     1 
ATOM   971  N  N     . ARG A 1 135 ? 18.224  11.410  -11.905 1.00 61.32  ? 135 ARG A N     1 
ATOM   972  C  CA    . ARG A 1 135 ? 19.510  11.120  -12.540 1.00 62.58  ? 135 ARG A CA    1 
ATOM   973  C  C     . ARG A 1 135 ? 20.646  11.892  -11.884 1.00 62.45  ? 135 ARG A C     1 
ATOM   974  O  O     . ARG A 1 135 ? 20.881  11.755  -10.684 1.00 61.82  ? 135 ARG A O     1 
ATOM   975  C  CB    . ARG A 1 135 ? 19.473  11.430  -14.042 1.00 64.71  ? 135 ARG A CB    1 
ATOM   976  C  CG    . ARG A 1 135 ? 20.504  10.648  -14.823 1.00 67.43  ? 135 ARG A CG    1 
ATOM   977  C  CD    . ARG A 1 135 ? 20.296  9.162   -14.567 1.00 71.37  ? 135 ARG A CD    1 
ATOM   978  N  NE    . ARG A 1 135 ? 21.370  8.329   -15.105 1.00 76.12  ? 135 ARG A NE    1 
ATOM   979  C  CZ    . ARG A 1 135 ? 21.488  7.019   -14.880 1.00 78.40  ? 135 ARG A CZ    1 
ATOM   980  N  NH1   . ARG A 1 135 ? 20.594  6.388   -14.122 1.00 79.54  ? 135 ARG A NH1   1 
ATOM   981  N  NH2   . ARG A 1 135 ? 22.497  6.334   -15.416 1.00 77.55  ? 135 ARG A NH2   1 
ATOM   982  N  N     . THR A 1 146 ? 14.877  -3.332  -10.026 1.00 55.85  ? 146 THR A N     1 
ATOM   983  C  CA    . THR A 1 146 ? 14.483  -3.493  -11.430 1.00 57.03  ? 146 THR A CA    1 
ATOM   984  C  C     . THR A 1 146 ? 12.966  -3.287  -11.610 1.00 56.22  ? 146 THR A C     1 
ATOM   985  O  O     . THR A 1 146 ? 12.193  -3.536  -10.686 1.00 57.23  ? 146 THR A O     1 
ATOM   986  C  CB    . THR A 1 146 ? 14.895  -4.900  -11.978 1.00 57.34  ? 146 THR A CB    1 
ATOM   987  O  OG1   . THR A 1 146 ? 13.800  -5.813  -11.841 1.00 56.50  ? 146 THR A OG1   1 
ATOM   988  C  CG2   . THR A 1 146 ? 16.116  -5.446  -11.216 1.00 57.00  ? 146 THR A CG2   1 
ATOM   989  N  N     . MET A 1 147 ? 12.542  -2.839  -12.796 1.00 54.32  ? 147 MET A N     1 
ATOM   990  C  CA    . MET A 1 147 ? 11.125  -2.579  -13.060 1.00 51.08  ? 147 MET A CA    1 
ATOM   991  C  C     . MET A 1 147 ? 10.737  -2.641  -14.532 1.00 49.36  ? 147 MET A C     1 
ATOM   992  O  O     . MET A 1 147 ? 11.594  -2.684  -15.405 1.00 50.12  ? 147 MET A O     1 
ATOM   993  C  CB    . MET A 1 147 ? 10.752  -1.205  -12.507 1.00 53.91  ? 147 MET A CB    1 
ATOM   994  C  CG    . MET A 1 147 ? 11.511  -0.054  -13.152 1.00 56.35  ? 147 MET A CG    1 
ATOM   995  S  SD    . MET A 1 147 ? 10.550  0.810   -14.422 1.00 61.81  ? 147 MET A SD    1 
ATOM   996  C  CE    . MET A 1 147 ? 10.889  2.522   -13.988 1.00 58.22  ? 147 MET A CE    1 
ATOM   997  N  N     . GLY A 1 148 ? 9.433   -2.638  -14.801 1.00 47.47  ? 148 GLY A N     1 
ATOM   998  C  CA    . GLY A 1 148 ? 8.942   -2.689  -16.170 1.00 44.84  ? 148 GLY A CA    1 
ATOM   999  C  C     . GLY A 1 148 ? 7.626   -1.943  -16.345 1.00 44.23  ? 148 GLY A C     1 
ATOM   1000 O  O     . GLY A 1 148 ? 6.911   -1.676  -15.371 1.00 43.99  ? 148 GLY A O     1 
ATOM   1001 N  N     . TRP A 1 149 ? 7.307   -1.595  -17.589 1.00 41.72  ? 149 TRP A N     1 
ATOM   1002 C  CA    . TRP A 1 149 ? 6.065   -0.884  -17.892 1.00 39.60  ? 149 TRP A CA    1 
ATOM   1003 C  C     . TRP A 1 149 ? 5.039   -1.836  -18.481 1.00 39.82  ? 149 TRP A C     1 
ATOM   1004 O  O     . TRP A 1 149 ? 5.348   -2.580  -19.408 1.00 40.11  ? 149 TRP A O     1 
ATOM   1005 C  CB    . TRP A 1 149 ? 6.316   0.256   -18.877 1.00 38.11  ? 149 TRP A CB    1 
ATOM   1006 C  CG    . TRP A 1 149 ? 6.872   1.483   -18.247 1.00 37.61  ? 149 TRP A CG    1 
ATOM   1007 C  CD1   . TRP A 1 149 ? 8.187   1.784   -18.045 1.00 36.22  ? 149 TRP A CD1   1 
ATOM   1008 C  CD2   . TRP A 1 149 ? 6.120   2.581   -17.715 1.00 37.75  ? 149 TRP A CD2   1 
ATOM   1009 N  NE1   . TRP A 1 149 ? 8.303   3.000   -17.423 1.00 36.18  ? 149 TRP A NE1   1 
ATOM   1010 C  CE2   . TRP A 1 149 ? 7.051   3.514   -17.208 1.00 37.32  ? 149 TRP A CE2   1 
ATOM   1011 C  CE3   . TRP A 1 149 ? 4.749   2.867   -17.617 1.00 36.54  ? 149 TRP A CE3   1 
ATOM   1012 C  CZ2   . TRP A 1 149 ? 6.656   4.718   -16.609 1.00 38.02  ? 149 TRP A CZ2   1 
ATOM   1013 C  CZ3   . TRP A 1 149 ? 4.356   4.060   -17.024 1.00 37.86  ? 149 TRP A CZ3   1 
ATOM   1014 C  CH2   . TRP A 1 149 ? 5.308   4.973   -16.528 1.00 38.56  ? 149 TRP A CH2   1 
ATOM   1015 N  N     . TYR A 1 150 ? 3.816   -1.799  -17.956 1.00 39.75  ? 150 TYR A N     1 
ATOM   1016 C  CA    . TYR A 1 150 ? 2.766   -2.693  -18.429 1.00 39.77  ? 150 TYR A CA    1 
ATOM   1017 C  C     . TYR A 1 150 ? 1.466   -2.018  -18.822 1.00 40.45  ? 150 TYR A C     1 
ATOM   1018 O  O     . TYR A 1 150 ? 0.973   -1.136  -18.116 1.00 39.78  ? 150 TYR A O     1 
ATOM   1019 C  CB    . TYR A 1 150 ? 2.411   -3.740  -17.360 1.00 40.40  ? 150 TYR A CB    1 
ATOM   1020 C  CG    . TYR A 1 150 ? 3.546   -4.629  -16.902 1.00 40.69  ? 150 TYR A CG    1 
ATOM   1021 C  CD1   . TYR A 1 150 ? 4.578   -4.129  -16.088 1.00 40.55  ? 150 TYR A CD1   1 
ATOM   1022 C  CD2   . TYR A 1 150 ? 3.590   -5.973  -17.282 1.00 39.58  ? 150 TYR A CD2   1 
ATOM   1023 C  CE1   . TYR A 1 150 ? 5.632   -4.958  -15.665 1.00 39.88  ? 150 TYR A CE1   1 
ATOM   1024 C  CE2   . TYR A 1 150 ? 4.631   -6.805  -16.867 1.00 39.64  ? 150 TYR A CE2   1 
ATOM   1025 C  CZ    . TYR A 1 150 ? 5.647   -6.296  -16.063 1.00 38.98  ? 150 TYR A CZ    1 
ATOM   1026 O  OH    . TYR A 1 150 ? 6.672   -7.126  -15.677 1.00 37.83  ? 150 TYR A OH    1 
ATOM   1027 N  N     . PRO A 1 151 ? 0.898   -2.422  -19.968 1.00 41.25  ? 151 PRO A N     1 
ATOM   1028 C  CA    . PRO A 1 151 ? -0.373  -1.819  -20.378 1.00 41.08  ? 151 PRO A CA    1 
ATOM   1029 C  C     . PRO A 1 151 ? -1.350  -2.312  -19.311 1.00 40.32  ? 151 PRO A C     1 
ATOM   1030 O  O     . PRO A 1 151 ? -1.304  -3.486  -18.941 1.00 40.03  ? 151 PRO A O     1 
ATOM   1031 C  CB    . PRO A 1 151 ? -0.631  -2.458  -21.741 1.00 40.32  ? 151 PRO A CB    1 
ATOM   1032 C  CG    . PRO A 1 151 ? 0.750   -2.688  -22.266 1.00 39.72  ? 151 PRO A CG    1 
ATOM   1033 C  CD    . PRO A 1 151 ? 1.472   -3.233  -21.057 1.00 40.99  ? 151 PRO A CD    1 
ATOM   1034 N  N     . ILE A 1 152 ? -2.213  -1.434  -18.811 1.00 39.15  ? 152 ILE A N     1 
ATOM   1035 C  CA    . ILE A 1 152 ? -3.146  -1.819  -17.757 1.00 38.91  ? 152 ILE A CA    1 
ATOM   1036 C  C     . ILE A 1 152 ? -3.891  -3.115  -18.030 1.00 40.13  ? 152 ILE A C     1 
ATOM   1037 O  O     . ILE A 1 152 ? -4.036  -3.955  -17.135 1.00 39.85  ? 152 ILE A O     1 
ATOM   1038 C  CB    . ILE A 1 152 ? -4.153  -0.685  -17.459 1.00 38.19  ? 152 ILE A CB    1 
ATOM   1039 C  CG1   . ILE A 1 152 ? -3.385  0.523   -16.912 1.00 37.88  ? 152 ILE A CG1   1 
ATOM   1040 C  CG2   . ILE A 1 152 ? -5.204  -1.154  -16.444 1.00 35.63  ? 152 ILE A CG2   1 
ATOM   1041 C  CD1   . ILE A 1 152 ? -4.239  1.665   -16.462 1.00 38.58  ? 152 ILE A CD1   1 
ATOM   1042 N  N     . ALA A 1 153 ? -4.351  -3.287  -19.263 1.00 40.72  ? 153 ALA A N     1 
ATOM   1043 C  CA    . ALA A 1 153 ? -5.070  -4.500  -19.622 1.00 41.36  ? 153 ALA A CA    1 
ATOM   1044 C  C     . ALA A 1 153 ? -4.197  -5.732  -19.368 1.00 41.15  ? 153 ALA A C     1 
ATOM   1045 O  O     . ALA A 1 153 ? -4.677  -6.734  -18.842 1.00 41.30  ? 153 ALA A O     1 
ATOM   1046 C  CB    . ALA A 1 153 ? -5.502  -4.443  -21.089 1.00 42.66  ? 153 ALA A CB    1 
ATOM   1047 N  N     . GLU A 1 154 ? -2.920  -5.659  -19.736 1.00 40.79  ? 154 GLU A N     1 
ATOM   1048 C  CA    . GLU A 1 154 ? -2.018  -6.786  -19.527 1.00 42.33  ? 154 GLU A CA    1 
ATOM   1049 C  C     . GLU A 1 154 ? -1.786  -7.059  -18.036 1.00 41.68  ? 154 GLU A C     1 
ATOM   1050 O  O     . GLU A 1 154 ? -1.846  -8.209  -17.582 1.00 41.92  ? 154 GLU A O     1 
ATOM   1051 C  CB    . GLU A 1 154 ? -0.678  -6.531  -20.219 1.00 45.44  ? 154 GLU A CB    1 
ATOM   1052 C  CG    . GLU A 1 154 ? 0.326   -7.690  -20.110 1.00 51.10  ? 154 GLU A CG    1 
ATOM   1053 C  CD    . GLU A 1 154 ? -0.130  -8.987  -20.809 1.00 54.49  ? 154 GLU A CD    1 
ATOM   1054 O  OE1   . GLU A 1 154 ? -0.568  -8.925  -21.985 1.00 54.67  ? 154 GLU A OE1   1 
ATOM   1055 O  OE2   . GLU A 1 154 ? -0.026  -10.071 -20.182 1.00 53.72  ? 154 GLU A OE2   1 
ATOM   1056 N  N     . ALA A 1 155 ? -1.514  -5.998  -17.282 1.00 39.77  ? 155 ALA A N     1 
ATOM   1057 C  CA    . ALA A 1 155 ? -1.273  -6.116  -15.853 1.00 36.72  ? 155 ALA A CA    1 
ATOM   1058 C  C     . ALA A 1 155 ? -2.450  -6.830  -15.229 1.00 35.34  ? 155 ALA A C     1 
ATOM   1059 O  O     . ALA A 1 155 ? -2.280  -7.682  -14.358 1.00 36.72  ? 155 ALA A O     1 
ATOM   1060 C  CB    . ALA A 1 155 ? -1.113  -4.743  -15.241 1.00 35.39  ? 155 ALA A CB    1 
ATOM   1061 N  N     . ALA A 1 156 ? -3.643  -6.477  -15.696 1.00 33.30  ? 156 ALA A N     1 
ATOM   1062 C  CA    . ALA A 1 156 ? -4.880  -7.079  -15.210 1.00 33.28  ? 156 ALA A CA    1 
ATOM   1063 C  C     . ALA A 1 156 ? -4.952  -8.560  -15.560 1.00 34.13  ? 156 ALA A C     1 
ATOM   1064 O  O     . ALA A 1 156 ? -5.352  -9.383  -14.734 1.00 33.36  ? 156 ALA A O     1 
ATOM   1065 C  CB    . ALA A 1 156 ? -6.074  -6.356  -15.800 1.00 30.96  ? 156 ALA A CB    1 
ATOM   1066 N  N     . ARG A 1 157 ? -4.574  -8.896  -16.791 1.00 35.24  ? 157 ARG A N     1 
ATOM   1067 C  CA    . ARG A 1 157 ? -4.603  -10.283 -17.239 1.00 36.05  ? 157 ARG A CA    1 
ATOM   1068 C  C     . ARG A 1 157 ? -3.539  -11.068 -16.498 1.00 34.99  ? 157 ARG A C     1 
ATOM   1069 O  O     . ARG A 1 157 ? -3.682  -12.270 -16.278 1.00 34.74  ? 157 ARG A O     1 
ATOM   1070 C  CB    . ARG A 1 157 ? -4.389  -10.369 -18.758 1.00 36.65  ? 157 ARG A CB    1 
ATOM   1071 C  CG    . ARG A 1 157 ? -5.488  -9.659  -19.554 1.00 39.73  ? 157 ARG A CG    1 
ATOM   1072 C  CD    . ARG A 1 157 ? -5.499  -10.063 -21.023 1.00 42.85  ? 157 ARG A CD    1 
ATOM   1073 N  NE    . ARG A 1 157 ? -4.325  -9.579  -21.747 1.00 46.09  ? 157 ARG A NE    1 
ATOM   1074 C  CZ    . ARG A 1 157 ? -4.198  -8.363  -22.275 1.00 46.87  ? 157 ARG A CZ    1 
ATOM   1075 N  NH1   . ARG A 1 157 ? -5.182  -7.480  -22.176 1.00 49.61  ? 157 ARG A NH1   1 
ATOM   1076 N  NH2   . ARG A 1 157 ? -3.071  -8.024  -22.891 1.00 46.66  ? 157 ARG A NH2   1 
ATOM   1077 N  N     . ARG A 1 158 ? -2.473  -10.380 -16.106 1.00 33.09  ? 158 ARG A N     1 
ATOM   1078 C  CA    . ARG A 1 158 ? -1.407  -11.025 -15.358 1.00 33.63  ? 158 ARG A CA    1 
ATOM   1079 C  C     . ARG A 1 158 ? -1.939  -11.393 -13.975 1.00 32.63  ? 158 ARG A C     1 
ATOM   1080 O  O     . ARG A 1 158 ? -1.593  -12.439 -13.431 1.00 32.18  ? 158 ARG A O     1 
ATOM   1081 C  CB    . ARG A 1 158 ? -0.197  -10.095 -15.223 1.00 33.42  ? 158 ARG A CB    1 
ATOM   1082 C  CG    . ARG A 1 158 ? 0.569   -9.866  -16.515 1.00 34.77  ? 158 ARG A CG    1 
ATOM   1083 C  CD    . ARG A 1 158 ? 1.576   -8.722  -16.360 1.00 35.34  ? 158 ARG A CD    1 
ATOM   1084 N  NE    . ARG A 1 158 ? 2.704   -9.036  -15.481 1.00 33.91  ? 158 ARG A NE    1 
ATOM   1085 C  CZ    . ARG A 1 158 ? 3.713   -9.845  -15.803 1.00 35.44  ? 158 ARG A CZ    1 
ATOM   1086 N  NH1   . ARG A 1 158 ? 3.741   -10.437 -16.989 1.00 33.32  ? 158 ARG A NH1   1 
ATOM   1087 N  NH2   . ARG A 1 158 ? 4.711   -10.046 -14.947 1.00 33.31  ? 158 ARG A NH2   1 
ATOM   1088 N  N     . VAL A 1 159 ? -2.787  -10.536 -13.410 1.00 31.38  ? 159 VAL A N     1 
ATOM   1089 C  CA    . VAL A 1 159 ? -3.353  -10.809 -12.093 1.00 32.52  ? 159 VAL A CA    1 
ATOM   1090 C  C     . VAL A 1 159 ? -4.191  -12.075 -12.153 1.00 34.47  ? 159 VAL A C     1 
ATOM   1091 O  O     . VAL A 1 159 ? -4.047  -12.966 -11.315 1.00 34.17  ? 159 VAL A O     1 
ATOM   1092 C  CB    . VAL A 1 159 ? -4.279  -9.675  -11.604 1.00 32.31  ? 159 VAL A CB    1 
ATOM   1093 C  CG1   . VAL A 1 159 ? -5.094  -10.170 -10.421 1.00 31.07  ? 159 VAL A CG1   1 
ATOM   1094 C  CG2   . VAL A 1 159 ? -3.464  -8.444  -11.207 1.00 30.16  ? 159 VAL A CG2   1 
ATOM   1095 N  N     . LEU A 1 160 ? -5.068  -12.129 -13.155 1.00 36.83  ? 160 LEU A N     1 
ATOM   1096 C  CA    . LEU A 1 160 ? -5.969  -13.256 -13.377 1.00 37.74  ? 160 LEU A CA    1 
ATOM   1097 C  C     . LEU A 1 160 ? -5.257  -14.497 -13.870 1.00 38.57  ? 160 LEU A C     1 
ATOM   1098 O  O     . LEU A 1 160 ? -5.868  -15.549 -14.038 1.00 40.18  ? 160 LEU A O     1 
ATOM   1099 C  CB    . LEU A 1 160 ? -7.059  -12.873 -14.377 1.00 37.94  ? 160 LEU A CB    1 
ATOM   1100 C  CG    . LEU A 1 160 ? -8.292  -12.186 -13.783 1.00 40.64  ? 160 LEU A CG    1 
ATOM   1101 C  CD1   . LEU A 1 160 ? -8.986  -13.158 -12.828 1.00 41.76  ? 160 LEU A CD1   1 
ATOM   1102 C  CD2   . LEU A 1 160 ? -7.896  -10.909 -13.050 1.00 41.10  ? 160 LEU A CD2   1 
ATOM   1103 N  N     . ARG A 1 161 ? -3.962  -14.376 -14.101 1.00 39.07  ? 161 ARG A N     1 
ATOM   1104 C  CA    . ARG A 1 161 ? -3.183  -15.500 -14.571 1.00 38.95  ? 161 ARG A CA    1 
ATOM   1105 C  C     . ARG A 1 161 ? -2.241  -15.898 -13.444 1.00 37.68  ? 161 ARG A C     1 
ATOM   1106 O  O     . ARG A 1 161 ? -1.436  -16.815 -13.587 1.00 37.47  ? 161 ARG A O     1 
ATOM   1107 C  CB    . ARG A 1 161 ? -2.401  -15.088 -15.814 1.00 40.74  ? 161 ARG A CB    1 
ATOM   1108 C  CG    . ARG A 1 161 ? -1.801  -16.231 -16.582 1.00 43.71  ? 161 ARG A CG    1 
ATOM   1109 C  CD    . ARG A 1 161 ? -1.031  -15.702 -17.762 1.00 45.32  ? 161 ARG A CD    1 
ATOM   1110 N  NE    . ARG A 1 161 ? -1.922  -14.948 -18.638 1.00 46.68  ? 161 ARG A NE    1 
ATOM   1111 C  CZ    . ARG A 1 161 ? -1.669  -13.728 -19.101 1.00 48.14  ? 161 ARG A CZ    1 
ATOM   1112 N  NH1   . ARG A 1 161 ? -0.545  -13.092 -18.778 1.00 45.28  ? 161 ARG A NH1   1 
ATOM   1113 N  NH2   . ARG A 1 161 ? -2.547  -13.146 -19.895 1.00 48.18  ? 161 ARG A NH2   1 
ATOM   1114 N  N     . GLY A 1 162 ? -2.344  -15.192 -12.323 1.00 36.59  ? 162 GLY A N     1 
ATOM   1115 C  CA    . GLY A 1 162 ? -1.508  -15.498 -11.172 1.00 35.93  ? 162 GLY A CA    1 
ATOM   1116 C  C     . GLY A 1 162 ? -0.065  -15.009 -11.194 1.00 35.89  ? 162 GLY A C     1 
ATOM   1117 O  O     . GLY A 1 162 ? 0.727   -15.389 -10.323 1.00 32.93  ? 162 GLY A O     1 
ATOM   1118 N  N     . GLU A 1 163 ? 0.276   -14.161 -12.167 1.00 35.68  ? 163 GLU A N     1 
ATOM   1119 C  CA    . GLU A 1 163 ? 1.636   -13.632 -12.291 1.00 35.24  ? 163 GLU A CA    1 
ATOM   1120 C  C     . GLU A 1 163 ? 1.875   -12.418 -11.387 1.00 34.41  ? 163 GLU A C     1 
ATOM   1121 O  O     . GLU A 1 163 ? 3.019   -11.988 -11.175 1.00 33.60  ? 163 GLU A O     1 
ATOM   1122 C  CB    . GLU A 1 163 ? 1.923   -13.324 -13.766 1.00 35.15  ? 163 GLU A CB    1 
ATOM   1123 C  CG    . GLU A 1 163 ? 1.849   -14.596 -14.605 1.00 37.30  ? 163 GLU A CG    1 
ATOM   1124 C  CD    . GLU A 1 163 ? 1.820   -14.348 -16.095 1.00 39.12  ? 163 GLU A CD    1 
ATOM   1125 O  OE1   . GLU A 1 163 ? 1.026   -13.493 -16.539 1.00 43.13  ? 163 GLU A OE1   1 
ATOM   1126 O  OE2   . GLU A 1 163 ? 2.571   -15.023 -16.828 1.00 40.25  ? 163 GLU A OE2   1 
ATOM   1127 N  N     . ILE A 1 164 ? 0.779   -11.888 -10.852 1.00 33.10  ? 164 ILE A N     1 
ATOM   1128 C  CA    . ILE A 1 164 ? 0.804   -10.765 -9.921  1.00 32.50  ? 164 ILE A CA    1 
ATOM   1129 C  C     . ILE A 1 164 ? -0.043  -11.248 -8.751  1.00 33.27  ? 164 ILE A C     1 
ATOM   1130 O  O     . ILE A 1 164 ? -1.253  -11.439 -8.905  1.00 33.45  ? 164 ILE A O     1 
ATOM   1131 C  CB    . ILE A 1 164 ? 0.148   -9.492  -10.513 1.00 31.52  ? 164 ILE A CB    1 
ATOM   1132 C  CG1   . ILE A 1 164 ? 0.963   -8.976  -11.702 1.00 29.18  ? 164 ILE A CG1   1 
ATOM   1133 C  CG2   . ILE A 1 164 ? 0.042   -8.407  -9.434  1.00 31.25  ? 164 ILE A CG2   1 
ATOM   1134 C  CD1   . ILE A 1 164 ? 0.313   -7.806  -12.428 1.00 26.54  ? 164 ILE A CD1   1 
ATOM   1135 N  N     . VAL A 1 165 ? 0.589   -11.459 -7.597  1.00 32.65  ? 165 VAL A N     1 
ATOM   1136 C  CA    . VAL A 1 165 ? -0.124  -11.941 -6.413  1.00 32.13  ? 165 VAL A CA    1 
ATOM   1137 C  C     . VAL A 1 165 ? -0.117  -10.990 -5.216  1.00 32.81  ? 165 VAL A C     1 
ATOM   1138 O  O     . VAL A 1 165 ? -0.972  -11.092 -4.328  1.00 33.77  ? 165 VAL A O     1 
ATOM   1139 C  CB    . VAL A 1 165 ? 0.425   -13.304 -5.951  1.00 30.83  ? 165 VAL A CB    1 
ATOM   1140 C  CG1   . VAL A 1 165 ? 0.030   -14.366 -6.945  1.00 28.66  ? 165 VAL A CG1   1 
ATOM   1141 C  CG2   . VAL A 1 165 ? 1.946   -13.237 -5.785  1.00 28.61  ? 165 VAL A CG2   1 
ATOM   1142 N  N     . ASN A 1 166 ? 0.852   -10.083 -5.174  1.00 32.60  ? 166 ASN A N     1 
ATOM   1143 C  CA    . ASN A 1 166 ? 0.923   -9.116  -4.088  1.00 32.36  ? 166 ASN A CA    1 
ATOM   1144 C  C     . ASN A 1 166 ? -0.459  -8.457  -3.976  1.00 32.16  ? 166 ASN A C     1 
ATOM   1145 O  O     . ASN A 1 166 ? -0.946  -7.850  -4.938  1.00 31.67  ? 166 ASN A O     1 
ATOM   1146 C  CB    . ASN A 1 166 ? 2.012   -8.080  -4.399  1.00 31.79  ? 166 ASN A CB    1 
ATOM   1147 C  CG    . ASN A 1 166 ? 2.133   -7.023  -3.331  1.00 30.14  ? 166 ASN A CG    1 
ATOM   1148 O  OD1   . ASN A 1 166 ? 1.225   -6.218  -3.124  1.00 29.79  ? 166 ASN A OD1   1 
ATOM   1149 N  ND2   . ASN A 1 166 ? 3.258   -7.019  -2.641  1.00 28.45  ? 166 ASN A ND2   1 
ATOM   1150 N  N     . SER A 1 167 ? -1.085  -8.594  -2.806  1.00 32.29  ? 167 SER A N     1 
ATOM   1151 C  CA    . SER A 1 167 ? -2.425  -8.049  -2.557  1.00 31.80  ? 167 SER A CA    1 
ATOM   1152 C  C     . SER A 1 167 ? -2.573  -6.576  -2.899  1.00 31.75  ? 167 SER A C     1 
ATOM   1153 O  O     . SER A 1 167 ? -3.588  -6.168  -3.453  1.00 32.05  ? 167 SER A O     1 
ATOM   1154 C  CB    . SER A 1 167 ? -2.824  -8.245  -1.097  1.00 31.40  ? 167 SER A CB    1 
ATOM   1155 O  OG    . SER A 1 167 ? -2.152  -7.310  -0.278  1.00 32.93  ? 167 SER A OG    1 
ATOM   1156 N  N     . ILE A 1 168 ? -1.569  -5.781  -2.551  1.00 31.44  ? 168 ILE A N     1 
ATOM   1157 C  CA    . ILE A 1 168 ? -1.588  -4.349  -2.829  1.00 31.07  ? 168 ILE A CA    1 
ATOM   1158 C  C     . ILE A 1 168 ? -1.597  -4.120  -4.339  1.00 32.04  ? 168 ILE A C     1 
ATOM   1159 O  O     . ILE A 1 168 ? -2.335  -3.268  -4.849  1.00 31.92  ? 168 ILE A O     1 
ATOM   1160 C  CB    . ILE A 1 168 ? -0.349  -3.663  -2.189  1.00 32.53  ? 168 ILE A CB    1 
ATOM   1161 C  CG1   . ILE A 1 168 ? -0.376  -3.888  -0.671  1.00 31.20  ? 168 ILE A CG1   1 
ATOM   1162 C  CG2   . ILE A 1 168 ? -0.324  -2.161  -2.522  1.00 30.37  ? 168 ILE A CG2   1 
ATOM   1163 C  CD1   . ILE A 1 168 ? 0.899   -3.526  0.029   1.00 31.83  ? 168 ILE A CD1   1 
ATOM   1164 N  N     . ALA A 1 169 ? -0.786  -4.906  -5.047  1.00 32.69  ? 169 ALA A N     1 
ATOM   1165 C  CA    . ALA A 1 169 ? -0.671  -4.820  -6.496  1.00 31.31  ? 169 ALA A CA    1 
ATOM   1166 C  C     . ALA A 1 169 ? -1.979  -5.224  -7.166  1.00 31.56  ? 169 ALA A C     1 
ATOM   1167 O  O     . ALA A 1 169 ? -2.475  -4.535  -8.063  1.00 31.92  ? 169 ALA A O     1 
ATOM   1168 C  CB    . ALA A 1 169 ? 0.470   -5.716  -6.982  1.00 31.43  ? 169 ALA A CB    1 
ATOM   1169 N  N     . ILE A 1 170 ? -2.539  -6.347  -6.736  1.00 30.34  ? 170 ILE A N     1 
ATOM   1170 C  CA    . ILE A 1 170 ? -3.795  -6.824  -7.304  1.00 29.52  ? 170 ILE A CA    1 
ATOM   1171 C  C     . ILE A 1 170 ? -4.897  -5.764  -7.205  1.00 31.40  ? 170 ILE A C     1 
ATOM   1172 O  O     . ILE A 1 170 ? -5.579  -5.455  -8.195  1.00 30.90  ? 170 ILE A O     1 
ATOM   1173 C  CB    . ILE A 1 170 ? -4.265  -8.098  -6.586  1.00 27.64  ? 170 ILE A CB    1 
ATOM   1174 C  CG1   . ILE A 1 170 ? -3.296  -9.248  -6.888  1.00 25.78  ? 170 ILE A CG1   1 
ATOM   1175 C  CG2   . ILE A 1 170 ? -5.704  -8.424  -7.000  1.00 26.87  ? 170 ILE A CG2   1 
ATOM   1176 C  CD1   . ILE A 1 170 ? -3.698  -10.570 -6.280  1.00 23.42  ? 170 ILE A CD1   1 
ATOM   1177 N  N     . ALA A 1 171 ? -5.053  -5.217  -5.999  1.00 31.74  ? 171 ALA A N     1 
ATOM   1178 C  CA    . ALA A 1 171 ? -6.042  -4.189  -5.699  1.00 31.33  ? 171 ALA A CA    1 
ATOM   1179 C  C     . ALA A 1 171 ? -5.854  -2.960  -6.584  1.00 32.07  ? 171 ALA A C     1 
ATOM   1180 O  O     . ALA A 1 171 ? -6.818  -2.463  -7.166  1.00 32.42  ? 171 ALA A O     1 
ATOM   1181 C  CB    . ALA A 1 171 ? -5.946  -3.789  -4.232  1.00 29.68  ? 171 ALA A CB    1 
ATOM   1182 N  N     . GLY A 1 172 ? -4.616  -2.475  -6.682  1.00 31.87  ? 172 GLY A N     1 
ATOM   1183 C  CA    . GLY A 1 172 ? -4.341  -1.310  -7.509  1.00 32.26  ? 172 GLY A CA    1 
ATOM   1184 C  C     . GLY A 1 172 ? -4.511  -1.531  -9.008  1.00 32.09  ? 172 GLY A C     1 
ATOM   1185 O  O     . GLY A 1 172 ? -5.115  -0.704  -9.707  1.00 30.98  ? 172 GLY A O     1 
ATOM   1186 N  N     . VAL A 1 173 ? -3.975  -2.643  -9.508  1.00 30.26  ? 173 VAL A N     1 
ATOM   1187 C  CA    . VAL A 1 173 ? -4.070  -2.962  -10.926 1.00 30.58  ? 173 VAL A CA    1 
ATOM   1188 C  C     . VAL A 1 173 ? -5.514  -3.123  -11.361 1.00 31.48  ? 173 VAL A C     1 
ATOM   1189 O  O     . VAL A 1 173 ? -5.949  -2.510  -12.340 1.00 31.92  ? 173 VAL A O     1 
ATOM   1190 C  CB    . VAL A 1 173 ? -3.322  -4.276  -11.279 1.00 31.33  ? 173 VAL A CB    1 
ATOM   1191 C  CG1   . VAL A 1 173 ? -3.672  -4.706  -12.699 1.00 28.07  ? 173 VAL A CG1   1 
ATOM   1192 C  CG2   . VAL A 1 173 ? -1.815  -4.077  -11.146 1.00 29.69  ? 173 VAL A CG2   1 
ATOM   1193 N  N     . LEU A 1 174 ? -6.259  -3.955  -10.646 1.00 29.87  ? 174 LEU A N     1 
ATOM   1194 C  CA    . LEU A 1 174 ? -7.640  -4.186  -11.020 1.00 31.89  ? 174 LEU A CA    1 
ATOM   1195 C  C     . LEU A 1 174 ? -8.534  -2.982  -10.791 1.00 34.04  ? 174 LEU A C     1 
ATOM   1196 O  O     . LEU A 1 174 ? -9.540  -2.836  -11.475 1.00 36.32  ? 174 LEU A O     1 
ATOM   1197 C  CB    . LEU A 1 174 ? -8.197  -5.398  -10.277 1.00 31.36  ? 174 LEU A CB    1 
ATOM   1198 C  CG    . LEU A 1 174 ? -7.473  -6.722  -10.512 1.00 29.88  ? 174 LEU A CG    1 
ATOM   1199 C  CD1   . LEU A 1 174 ? -8.236  -7.852  -9.830  1.00 24.77  ? 174 LEU A CD1   1 
ATOM   1200 C  CD2   . LEU A 1 174 ? -7.355  -6.973  -12.005 1.00 27.59  ? 174 LEU A CD2   1 
ATOM   1201 N  N     . ALA A 1 175 ? -8.184  -2.122  -9.837  1.00 34.74  ? 175 ALA A N     1 
ATOM   1202 C  CA    . ALA A 1 175 ? -8.987  -0.930  -9.568  1.00 34.99  ? 175 ALA A CA    1 
ATOM   1203 C  C     . ALA A 1 175 ? -8.829  0.063   -10.714 1.00 36.09  ? 175 ALA A C     1 
ATOM   1204 O  O     . ALA A 1 175 ? -9.815  0.576   -11.247 1.00 37.31  ? 175 ALA A O     1 
ATOM   1205 C  CB    . ALA A 1 175 ? -8.561  -0.279  -8.255  1.00 33.97  ? 175 ALA A CB    1 
ATOM   1206 N  N     . VAL A 1 176 ? -7.587  0.334   -11.098 1.00 37.18  ? 176 VAL A N     1 
ATOM   1207 C  CA    . VAL A 1 176 ? -7.346  1.271   -12.184 1.00 38.47  ? 176 VAL A CA    1 
ATOM   1208 C  C     . VAL A 1 176 ? -7.884  0.667   -13.480 1.00 39.38  ? 176 VAL A C     1 
ATOM   1209 O  O     . VAL A 1 176 ? -8.166  1.385   -14.435 1.00 41.46  ? 176 VAL A O     1 
ATOM   1210 C  CB    . VAL A 1 176 ? -5.832  1.610   -12.320 1.00 36.87  ? 176 VAL A CB    1 
ATOM   1211 C  CG1   . VAL A 1 176 ? -5.086  0.450   -12.934 1.00 37.93  ? 176 VAL A CG1   1 
ATOM   1212 C  CG2   . VAL A 1 176 ? -5.646  2.882   -13.129 1.00 34.84  ? 176 VAL A CG2   1 
ATOM   1213 N  N     . HIS A 1 177 ? -8.048  -0.651  -13.509 1.00 40.21  ? 177 HIS A N     1 
ATOM   1214 C  CA    . HIS A 1 177 ? -8.571  -1.300  -14.704 1.00 40.00  ? 177 HIS A CA    1 
ATOM   1215 C  C     . HIS A 1 177 ? -10.066 -1.043  -14.819 1.00 39.71  ? 177 HIS A C     1 
ATOM   1216 O  O     . HIS A 1 177 ? -10.604 -0.969  -15.923 1.00 40.79  ? 177 HIS A O     1 
ATOM   1217 C  CB    . HIS A 1 177 ? -8.317  -2.802  -14.680 1.00 39.48  ? 177 HIS A CB    1 
ATOM   1218 C  CG    . HIS A 1 177 ? -8.888  -3.519  -15.863 1.00 38.55  ? 177 HIS A CG    1 
ATOM   1219 N  ND1   . HIS A 1 177 ? -8.483  -3.263  -17.155 1.00 37.88  ? 177 HIS A ND1   1 
ATOM   1220 C  CD2   . HIS A 1 177 ? -9.853  -4.465  -15.953 1.00 38.46  ? 177 HIS A CD2   1 
ATOM   1221 C  CE1   . HIS A 1 177 ? -9.172  -4.018  -17.988 1.00 38.32  ? 177 HIS A CE1   1 
ATOM   1222 N  NE2   . HIS A 1 177 ? -10.012 -4.757  -17.285 1.00 38.20  ? 177 HIS A NE2   1 
ATOM   1223 N  N     . ALA A 1 178 ? -10.732 -0.917  -13.672 1.00 40.38  ? 178 ALA A N     1 
ATOM   1224 C  CA    . ALA A 1 178 ? -12.168 -0.624  -13.627 1.00 40.39  ? 178 ALA A CA    1 
ATOM   1225 C  C     . ALA A 1 178 ? -12.359 0.838   -14.057 1.00 40.49  ? 178 ALA A C     1 
ATOM   1226 O  O     . ALA A 1 178 ? -13.359 1.202   -14.672 1.00 40.09  ? 178 ALA A O     1 
ATOM   1227 C  CB    . ALA A 1 178 ? -12.706 -0.827  -12.208 1.00 37.62  ? 178 ALA A CB    1 
ATOM   1228 N  N     . VAL A 1 179 ? -11.378 1.664   -13.722 1.00 41.39  ? 179 VAL A N     1 
ATOM   1229 C  CA    . VAL A 1 179 ? -11.401 3.069   -14.073 1.00 42.48  ? 179 VAL A CA    1 
ATOM   1230 C  C     . VAL A 1 179 ? -11.098 3.251   -15.566 1.00 44.60  ? 179 VAL A C     1 
ATOM   1231 O  O     . VAL A 1 179 ? -11.770 4.027   -16.242 1.00 46.16  ? 179 VAL A O     1 
ATOM   1232 C  CB    . VAL A 1 179 ? -10.360 3.864   -13.238 1.00 42.03  ? 179 VAL A CB    1 
ATOM   1233 C  CG1   . VAL A 1 179 ? -10.323 5.310   -13.692 1.00 41.34  ? 179 VAL A CG1   1 
ATOM   1234 C  CG2   . VAL A 1 179 ? -10.710 3.784   -11.756 1.00 40.95  ? 179 VAL A CG2   1 
ATOM   1235 N  N     . THR A 1 180 ? -10.097 2.534   -16.079 1.00 45.59  ? 180 THR A N     1 
ATOM   1236 C  CA    . THR A 1 180 ? -9.722  2.641   -17.493 1.00 46.84  ? 180 THR A CA    1 
ATOM   1237 C  C     . THR A 1 180 ? -10.806 2.151   -18.434 1.00 47.90  ? 180 THR A C     1 
ATOM   1238 O  O     . THR A 1 180 ? -10.822 2.516   -19.608 1.00 47.87  ? 180 THR A O     1 
ATOM   1239 C  CB    . THR A 1 180 ? -8.475  1.826   -17.831 1.00 45.96  ? 180 THR A CB    1 
ATOM   1240 O  OG1   . THR A 1 180 ? -8.752  0.435   -17.634 1.00 47.47  ? 180 THR A OG1   1 
ATOM   1241 C  CG2   . THR A 1 180 ? -7.323  2.251   -16.967 1.00 46.94  ? 180 THR A CG2   1 
ATOM   1242 N  N     . THR A 1 181 ? -11.689 1.302   -17.920 1.00 48.56  ? 181 THR A N     1 
ATOM   1243 C  CA    . THR A 1 181 ? -12.784 0.752   -18.708 1.00 50.01  ? 181 THR A CA    1 
ATOM   1244 C  C     . THR A 1 181 ? -14.044 1.603   -18.553 1.00 51.29  ? 181 THR A C     1 
ATOM   1245 O  O     . THR A 1 181 ? -15.088 1.305   -19.134 1.00 52.17  ? 181 THR A O     1 
ATOM   1246 C  CB    . THR A 1 181 ? -13.104 -0.680  -18.270 1.00 50.00  ? 181 THR A CB    1 
ATOM   1247 O  OG1   . THR A 1 181 ? -13.423 -0.686  -16.873 1.00 51.15  ? 181 THR A OG1   1 
ATOM   1248 C  CG2   . THR A 1 181 ? -11.915 -1.590  -18.520 1.00 49.69  ? 181 THR A CG2   1 
ATOM   1249 N  N     . GLY A 1 182 ? -13.935 2.660   -17.757 1.00 52.13  ? 182 GLY A N     1 
ATOM   1250 C  CA    . GLY A 1 182 ? -15.058 3.553   -17.543 1.00 52.22  ? 182 GLY A CA    1 
ATOM   1251 C  C     . GLY A 1 182 ? -16.039 3.066   -16.497 1.00 52.61  ? 182 GLY A C     1 
ATOM   1252 O  O     . GLY A 1 182 ? -17.018 3.758   -16.199 1.00 52.90  ? 182 GLY A O     1 
ATOM   1253 N  N     . PHE A 1 183 ? -15.774 1.890   -15.929 1.00 52.17  ? 183 PHE A N     1 
ATOM   1254 C  CA    . PHE A 1 183 ? -16.654 1.315   -14.917 1.00 51.98  ? 183 PHE A CA    1 
ATOM   1255 C  C     . PHE A 1 183 ? -16.709 2.134   -13.624 1.00 53.32  ? 183 PHE A C     1 
ATOM   1256 O  O     . PHE A 1 183 ? -17.788 2.365   -13.080 1.00 52.65  ? 183 PHE A O     1 
ATOM   1257 C  CB    . PHE A 1 183 ? -16.225 -0.120  -14.593 1.00 50.37  ? 183 PHE A CB    1 
ATOM   1258 C  CG    . PHE A 1 183 ? -17.166 -0.833  -13.662 1.00 49.52  ? 183 PHE A CG    1 
ATOM   1259 C  CD1   . PHE A 1 183 ? -18.385 -1.324  -14.127 1.00 48.59  ? 183 PHE A CD1   1 
ATOM   1260 C  CD2   . PHE A 1 183 ? -16.861 -0.964  -12.307 1.00 47.57  ? 183 PHE A CD2   1 
ATOM   1261 C  CE1   . PHE A 1 183 ? -19.295 -1.931  -13.259 1.00 47.77  ? 183 PHE A CE1   1 
ATOM   1262 C  CE2   . PHE A 1 183 ? -17.756 -1.566  -11.430 1.00 48.21  ? 183 PHE A CE2   1 
ATOM   1263 C  CZ    . PHE A 1 183 ? -18.982 -2.052  -11.907 1.00 48.23  ? 183 PHE A CZ    1 
ATOM   1264 N  N     . ALA A 1 184 ? -15.550 2.576   -13.136 1.00 55.65  ? 184 ALA A N     1 
ATOM   1265 C  CA    . ALA A 1 184 ? -15.495 3.351   -11.896 1.00 57.90  ? 184 ALA A CA    1 
ATOM   1266 C  C     . ALA A 1 184 ? -14.705 4.646   -12.004 1.00 59.31  ? 184 ALA A C     1 
ATOM   1267 O  O     . ALA A 1 184 ? -14.184 4.992   -13.070 1.00 58.98  ? 184 ALA A O     1 
ATOM   1268 C  CB    . ALA A 1 184 ? -14.926 2.496   -10.766 1.00 58.42  ? 184 ALA A CB    1 
ATOM   1269 N  N     . GLN A 1 185 ? -14.602 5.340   -10.874 1.00 60.43  ? 185 GLN A N     1 
ATOM   1270 C  CA    . GLN A 1 185 ? -13.906 6.618   -10.800 1.00 62.70  ? 185 GLN A CA    1 
ATOM   1271 C  C     . GLN A 1 185 ? -12.863 6.719   -9.683  1.00 62.71  ? 185 GLN A C     1 
ATOM   1272 O  O     . GLN A 1 185 ? -12.981 6.053   -8.649  1.00 63.64  ? 185 GLN A O     1 
ATOM   1273 C  CB    . GLN A 1 185 ? -14.938 7.728   -10.597 1.00 64.58  ? 185 GLN A CB    1 
ATOM   1274 C  CG    . GLN A 1 185 ? -15.825 7.968   -11.789 1.00 68.63  ? 185 GLN A CG    1 
ATOM   1275 C  CD    . GLN A 1 185 ? -15.092 8.695   -12.886 1.00 70.65  ? 185 GLN A CD    1 
ATOM   1276 O  OE1   . GLN A 1 185 ? -14.684 9.841   -12.705 1.00 72.31  ? 185 GLN A OE1   1 
ATOM   1277 N  NE2   . GLN A 1 185 ? -14.907 8.036   -14.028 1.00 72.41  ? 185 GLN A NE2   1 
ATOM   1278 N  N     . PRO A 1 186 ? -11.817 7.546   -9.889  1.00 61.82  ? 186 PRO A N     1 
ATOM   1279 C  CA    . PRO A 1 186 ? -10.781 7.718   -8.863  1.00 61.10  ? 186 PRO A CA    1 
ATOM   1280 C  C     . PRO A 1 186 ? -11.423 8.567   -7.762  1.00 60.37  ? 186 PRO A C     1 
ATOM   1281 O  O     . PRO A 1 186 ? -12.628 8.818   -7.801  1.00 60.63  ? 186 PRO A O     1 
ATOM   1282 C  CB    . PRO A 1 186 ? -9.681  8.480   -9.601  1.00 60.84  ? 186 PRO A CB    1 
ATOM   1283 C  CG    . PRO A 1 186 ? -9.868  8.070   -11.024 1.00 61.14  ? 186 PRO A CG    1 
ATOM   1284 C  CD    . PRO A 1 186 ? -11.368 8.109   -11.174 1.00 61.36  ? 186 PRO A CD    1 
ATOM   1285 N  N     . ARG A 1 187 ? -10.641 9.021   -6.792  1.00 58.78  ? 187 ARG A N     1 
ATOM   1286 C  CA    . ARG A 1 187 ? -11.212 9.838   -5.729  1.00 56.43  ? 187 ARG A CA    1 
ATOM   1287 C  C     . ARG A 1 187 ? -10.286 10.944  -5.253  1.00 57.16  ? 187 ARG A C     1 
ATOM   1288 O  O     . ARG A 1 187 ? -9.080  10.901  -5.499  1.00 58.26  ? 187 ARG A O     1 
ATOM   1289 C  CB    . ARG A 1 187 ? -11.612 8.955   -4.553  1.00 54.74  ? 187 ARG A CB    1 
ATOM   1290 C  CG    . ARG A 1 187 ? -12.937 8.266   -4.742  1.00 51.73  ? 187 ARG A CG    1 
ATOM   1291 C  CD    . ARG A 1 187 ? -13.262 7.439   -3.530  1.00 50.83  ? 187 ARG A CD    1 
ATOM   1292 N  NE    . ARG A 1 187 ? -12.454 6.228   -3.500  1.00 51.29  ? 187 ARG A NE    1 
ATOM   1293 C  CZ    . ARG A 1 187 ? -12.280 5.478   -2.420  1.00 50.95  ? 187 ARG A CZ    1 
ATOM   1294 N  NH1   . ARG A 1 187 ? -12.852 5.820   -1.272  1.00 51.57  ? 187 ARG A NH1   1 
ATOM   1295 N  NH2   . ARG A 1 187 ? -11.549 4.380   -2.494  1.00 51.09  ? 187 ARG A NH2   1 
ATOM   1296 N  N     . PRO A 1 188 ? -10.846 11.961  -4.569  1.00 56.97  ? 188 PRO A N     1 
ATOM   1297 C  CA    . PRO A 1 188 ? -10.084 13.103  -4.043  1.00 56.80  ? 188 PRO A CA    1 
ATOM   1298 C  C     . PRO A 1 188 ? -9.037  12.664  -3.024  1.00 56.06  ? 188 PRO A C     1 
ATOM   1299 O  O     . PRO A 1 188 ? -9.193  11.626  -2.377  1.00 54.51  ? 188 PRO A O     1 
ATOM   1300 C  CB    . PRO A 1 188 ? -11.162 13.976  -3.399  1.00 57.08  ? 188 PRO A CB    1 
ATOM   1301 C  CG    . PRO A 1 188 ? -12.394 13.631  -4.168  1.00 57.49  ? 188 PRO A CG    1 
ATOM   1302 C  CD    . PRO A 1 188 ? -12.286 12.139  -4.312  1.00 56.87  ? 188 PRO A CD    1 
ATOM   1303 N  N     . LEU A 1 189 ? -7.978  13.456  -2.877  1.00 56.58  ? 189 LEU A N     1 
ATOM   1304 C  CA    . LEU A 1 189 ? -6.922  13.132  -1.923  1.00 57.17  ? 189 LEU A CA    1 
ATOM   1305 C  C     . LEU A 1 189 ? -7.391  13.217  -0.477  1.00 57.37  ? 189 LEU A C     1 
ATOM   1306 O  O     . LEU A 1 189 ? -6.827  12.558  0.396   1.00 59.29  ? 189 LEU A O     1 
ATOM   1307 C  CB    . LEU A 1 189 ? -5.714  14.050  -2.112  1.00 56.08  ? 189 LEU A CB    1 
ATOM   1308 C  CG    . LEU A 1 189 ? -4.820  13.714  -3.300  1.00 56.49  ? 189 LEU A CG    1 
ATOM   1309 C  CD1   . LEU A 1 189 ? -3.681  14.706  -3.363  1.00 57.42  ? 189 LEU A CD1   1 
ATOM   1310 C  CD2   . LEU A 1 189 ? -4.280  12.300  -3.157  1.00 55.62  ? 189 LEU A CD2   1 
ATOM   1311 N  N     . ASP A 1 190 ? -8.417  14.023  -0.220  1.00 56.66  ? 190 ASP A N     1 
ATOM   1312 C  CA    . ASP A 1 190 ? -8.935  14.169  1.137   1.00 56.34  ? 190 ASP A CA    1 
ATOM   1313 C  C     . ASP A 1 190 ? -9.927  13.072  1.515   1.00 54.69  ? 190 ASP A C     1 
ATOM   1314 O  O     . ASP A 1 190 ? -10.550 13.127  2.581   1.00 55.62  ? 190 ASP A O     1 
ATOM   1315 C  CB    . ASP A 1 190 ? -9.577  15.550  1.321   1.00 60.12  ? 190 ASP A CB    1 
ATOM   1316 C  CG    . ASP A 1 190 ? -10.575 15.891  0.223   1.00 62.94  ? 190 ASP A CG    1 
ATOM   1317 O  OD1   . ASP A 1 190 ? -11.528 15.110  0.002   1.00 64.75  ? 190 ASP A OD1   1 
ATOM   1318 O  OD2   . ASP A 1 190 ? -10.407 16.949  -0.419  1.00 65.11  ? 190 ASP A OD2   1 
ATOM   1319 N  N     . THR A 1 191 ? -10.073 12.077  0.642   1.00 52.09  ? 191 THR A N     1 
ATOM   1320 C  CA    . THR A 1 191 ? -10.966 10.951  0.903   1.00 48.80  ? 191 THR A CA    1 
ATOM   1321 C  C     . THR A 1 191 ? -10.516 10.350  2.222   1.00 49.12  ? 191 THR A C     1 
ATOM   1322 O  O     . THR A 1 191 ? -9.327  10.091  2.417   1.00 49.96  ? 191 THR A O     1 
ATOM   1323 C  CB    . THR A 1 191 ? -10.838 9.855   -0.166  1.00 46.36  ? 191 THR A CB    1 
ATOM   1324 O  OG1   . THR A 1 191 ? -11.137 10.394  -1.455  1.00 45.12  ? 191 THR A OG1   1 
ATOM   1325 C  CG2   . THR A 1 191 ? -11.778 8.710   0.144   1.00 44.64  ? 191 THR A CG2   1 
ATOM   1326 N  N     . GLU A 1 192 ? -11.457 10.127  3.127   1.00 48.62  ? 192 GLU A N     1 
ATOM   1327 C  CA    . GLU A 1 192 ? -11.112 9.562   4.421   1.00 50.12  ? 192 GLU A CA    1 
ATOM   1328 C  C     . GLU A 1 192 ? -10.514 8.165   4.312   1.00 47.90  ? 192 GLU A C     1 
ATOM   1329 O  O     . GLU A 1 192 ? -11.045 7.302   3.610   1.00 46.97  ? 192 GLU A O     1 
ATOM   1330 C  CB    . GLU A 1 192 ? -12.351 9.489   5.305   1.00 55.02  ? 192 GLU A CB    1 
ATOM   1331 C  CG    . GLU A 1 192 ? -13.428 8.572   4.741   1.00 61.64  ? 192 GLU A CG    1 
ATOM   1332 C  CD    . GLU A 1 192 ? -14.560 8.341   5.720   1.00 65.72  ? 192 GLU A CD    1 
ATOM   1333 O  OE1   . GLU A 1 192 ? -14.266 7.946   6.878   1.00 67.86  ? 192 GLU A OE1   1 
ATOM   1334 O  OE2   . GLU A 1 192 ? -15.735 8.549   5.327   1.00 65.61  ? 192 GLU A OE2   1 
ATOM   1335 N  N     . TRP A 1 193 ? -9.403  7.954   5.010   1.00 45.55  ? 193 TRP A N     1 
ATOM   1336 C  CA    . TRP A 1 193 ? -8.736  6.658   5.041   1.00 43.03  ? 193 TRP A CA    1 
ATOM   1337 C  C     . TRP A 1 193 ? -9.122  6.091   6.405   1.00 41.84  ? 193 TRP A C     1 
ATOM   1338 O  O     . TRP A 1 193 ? -8.391  6.220   7.377   1.00 43.55  ? 193 TRP A O     1 
ATOM   1339 C  CB    . TRP A 1 193 ? -7.218  6.837   4.935   1.00 41.54  ? 193 TRP A CB    1 
ATOM   1340 C  CG    . TRP A 1 193 ? -6.417  5.550   4.919   1.00 41.53  ? 193 TRP A CG    1 
ATOM   1341 C  CD1   . TRP A 1 193 ? -6.906  4.267   4.936   1.00 40.86  ? 193 TRP A CD1   1 
ATOM   1342 C  CD2   . TRP A 1 193 ? -4.987  5.429   4.902   1.00 41.08  ? 193 TRP A CD2   1 
ATOM   1343 N  NE1   . TRP A 1 193 ? -5.869  3.364   4.935   1.00 38.52  ? 193 TRP A NE1   1 
ATOM   1344 C  CE2   . TRP A 1 193 ? -4.682  4.047   4.915   1.00 39.56  ? 193 TRP A CE2   1 
ATOM   1345 C  CE3   . TRP A 1 193 ? -3.930  6.357   4.878   1.00 40.40  ? 193 TRP A CE3   1 
ATOM   1346 C  CZ2   . TRP A 1 193 ? -3.365  3.570   4.906   1.00 38.74  ? 193 TRP A CZ2   1 
ATOM   1347 C  CZ3   . TRP A 1 193 ? -2.620  5.881   4.868   1.00 38.96  ? 193 TRP A CZ3   1 
ATOM   1348 C  CH2   . TRP A 1 193 ? -2.350  4.499   4.883   1.00 39.13  ? 193 TRP A CH2   1 
ATOM   1349 N  N     . ILE A 1 194 ? -10.291 5.472   6.459   1.00 40.77  ? 194 ILE A N     1 
ATOM   1350 C  CA    . ILE A 1 194 ? -10.830 4.913   7.690   1.00 39.83  ? 194 ILE A CA    1 
ATOM   1351 C  C     . ILE A 1 194 ? -9.873  4.123   8.577   1.00 40.65  ? 194 ILE A C     1 
ATOM   1352 O  O     . ILE A 1 194 ? -9.686  4.458   9.751   1.00 41.46  ? 194 ILE A O     1 
ATOM   1353 C  CB    . ILE A 1 194 ? -12.050 4.005   7.391   1.00 39.66  ? 194 ILE A CB    1 
ATOM   1354 C  CG1   . ILE A 1 194 ? -13.104 4.786   6.606   1.00 40.83  ? 194 ILE A CG1   1 
ATOM   1355 C  CG2   . ILE A 1 194 ? -12.655 3.493   8.686   1.00 38.25  ? 194 ILE A CG2   1 
ATOM   1356 C  CD1   . ILE A 1 194 ? -14.316 3.965   6.235   1.00 42.98  ? 194 ILE A CD1   1 
ATOM   1357 N  N     . ASP A 1 195 ? -9.265  3.082   8.020   1.00 40.07  ? 195 ASP A N     1 
ATOM   1358 C  CA    . ASP A 1 195 ? -8.392  2.219   8.792   1.00 38.30  ? 195 ASP A CA    1 
ATOM   1359 C  C     . ASP A 1 195 ? -6.915  2.546   8.846   1.00 37.96  ? 195 ASP A C     1 
ATOM   1360 O  O     . ASP A 1 195 ? -6.111  1.673   9.157   1.00 39.08  ? 195 ASP A O     1 
ATOM   1361 C  CB    . ASP A 1 195 ? -8.562  0.782   8.321   1.00 39.72  ? 195 ASP A CB    1 
ATOM   1362 C  CG    . ASP A 1 195 ? -10.004 0.334   8.349   1.00 40.29  ? 195 ASP A CG    1 
ATOM   1363 O  OD1   . ASP A 1 195 ? -10.626 0.408   9.430   1.00 41.08  ? 195 ASP A OD1   1 
ATOM   1364 O  OD2   . ASP A 1 195 ? -10.513 -0.094  7.294   1.00 39.27  ? 195 ASP A OD2   1 
ATOM   1365 N  N     . ARG A 1 196 ? -6.540  3.783   8.551   1.00 37.39  ? 196 ARG A N     1 
ATOM   1366 C  CA    . ARG A 1 196 ? -5.130  4.159   8.619   1.00 38.45  ? 196 ARG A CA    1 
ATOM   1367 C  C     . ARG A 1 196 ? -4.613  3.757   10.009  1.00 37.96  ? 196 ARG A C     1 
ATOM   1368 O  O     . ARG A 1 196 ? -5.189  4.144   11.025  1.00 39.78  ? 196 ARG A O     1 
ATOM   1369 C  CB    . ARG A 1 196 ? -4.983  5.665   8.410   1.00 38.95  ? 196 ARG A CB    1 
ATOM   1370 C  CG    . ARG A 1 196 ? -3.568  6.177   8.558   1.00 41.98  ? 196 ARG A CG    1 
ATOM   1371 C  CD    . ARG A 1 196 ? -3.506  7.653   8.241   1.00 45.15  ? 196 ARG A CD    1 
ATOM   1372 N  NE    . ARG A 1 196 ? -2.199  8.222   8.551   1.00 49.30  ? 196 ARG A NE    1 
ATOM   1373 C  CZ    . ARG A 1 196 ? -1.882  9.503   8.390   1.00 49.59  ? 196 ARG A CZ    1 
ATOM   1374 N  NH1   . ARG A 1 196 ? -2.781  10.364  7.918   1.00 49.40  ? 196 ARG A NH1   1 
ATOM   1375 N  NH2   . ARG A 1 196 ? -0.661  9.922   8.694   1.00 49.31  ? 196 ARG A NH2   1 
ATOM   1376 N  N     . PRO A 1 197 ? -3.529  2.964   10.070  1.00 37.23  ? 197 PRO A N     1 
ATOM   1377 C  CA    . PRO A 1 197 ? -2.988  2.536   11.364  1.00 37.94  ? 197 PRO A CA    1 
ATOM   1378 C  C     . PRO A 1 197 ? -2.420  3.687   12.181  1.00 39.54  ? 197 PRO A C     1 
ATOM   1379 O  O     . PRO A 1 197 ? -1.979  4.697   11.625  1.00 40.92  ? 197 PRO A O     1 
ATOM   1380 C  CB    . PRO A 1 197 ? -1.897  1.536   10.975  1.00 35.46  ? 197 PRO A CB    1 
ATOM   1381 C  CG    . PRO A 1 197 ? -2.288  1.087   9.620   1.00 35.98  ? 197 PRO A CG    1 
ATOM   1382 C  CD    . PRO A 1 197 ? -2.766  2.350   8.976   1.00 36.59  ? 197 PRO A CD    1 
ATOM   1383 N  N     . THR A 1 198 ? -2.420  3.523   13.500  1.00 39.68  ? 198 THR A N     1 
ATOM   1384 C  CA    . THR A 1 198 ? -1.875  4.543   14.389  1.00 40.35  ? 198 THR A CA    1 
ATOM   1385 C  C     . THR A 1 198 ? -1.196  3.958   15.630  1.00 40.61  ? 198 THR A C     1 
ATOM   1386 O  O     . THR A 1 198 ? -0.353  4.604   16.242  1.00 40.74  ? 198 THR A O     1 
ATOM   1387 C  CB    . THR A 1 198 ? -2.976  5.537   14.857  1.00 39.41  ? 198 THR A CB    1 
ATOM   1388 O  OG1   . THR A 1 198 ? -4.088  4.816   15.402  1.00 39.99  ? 198 THR A OG1   1 
ATOM   1389 C  CG2   . THR A 1 198 ? -3.458  6.389   13.703  1.00 40.57  ? 198 THR A CG2   1 
ATOM   1390 N  N     . ALA A 1 199 ? -1.553  2.729   15.982  1.00 41.01  ? 199 ALA A N     1 
ATOM   1391 C  CA    . ALA A 1 199 ? -1.015  2.084   17.177  1.00 41.90  ? 199 ALA A CA    1 
ATOM   1392 C  C     . ALA A 1 199 ? 0.501   2.032   17.301  1.00 43.11  ? 199 ALA A C     1 
ATOM   1393 O  O     . ALA A 1 199 ? 1.063   2.530   18.277  1.00 42.15  ? 199 ALA A O     1 
ATOM   1394 C  CB    . ALA A 1 199 ? -1.592  0.679   17.303  1.00 41.35  ? 199 ALA A CB    1 
ATOM   1395 N  N     . PHE A 1 200 ? 1.153   1.418   16.318  1.00 45.44  ? 200 PHE A N     1 
ATOM   1396 C  CA    . PHE A 1 200 ? 2.605   1.263   16.323  1.00 46.49  ? 200 PHE A CA    1 
ATOM   1397 C  C     . PHE A 1 200 ? 3.337   2.595   16.337  1.00 47.51  ? 200 PHE A C     1 
ATOM   1398 O  O     . PHE A 1 200 ? 4.292   2.779   17.093  1.00 48.07  ? 200 PHE A O     1 
ATOM   1399 C  CB    . PHE A 1 200 ? 3.053   0.454   15.102  1.00 45.95  ? 200 PHE A CB    1 
ATOM   1400 C  CG    . PHE A 1 200 ? 4.492   0.025   15.158  1.00 46.31  ? 200 PHE A CG    1 
ATOM   1401 C  CD1   . PHE A 1 200 ? 4.914   -0.917  16.098  1.00 46.53  ? 200 PHE A CD1   1 
ATOM   1402 C  CD2   . PHE A 1 200 ? 5.427   0.561   14.277  1.00 46.30  ? 200 PHE A CD2   1 
ATOM   1403 C  CE1   . PHE A 1 200 ? 6.250   -1.325  16.165  1.00 46.14  ? 200 PHE A CE1   1 
ATOM   1404 C  CE2   . PHE A 1 200 ? 6.768   0.163   14.331  1.00 47.38  ? 200 PHE A CE2   1 
ATOM   1405 C  CZ    . PHE A 1 200 ? 7.180   -0.787  15.281  1.00 46.97  ? 200 PHE A CZ    1 
ATOM   1406 N  N     . ALA A 1 201 ? 2.883   3.518   15.492  1.00 49.38  ? 201 ALA A N     1 
ATOM   1407 C  CA    . ALA A 1 201 ? 3.484   4.841   15.387  1.00 50.75  ? 201 ALA A CA    1 
ATOM   1408 C  C     . ALA A 1 201 ? 3.306   5.620   16.677  1.00 52.41  ? 201 ALA A C     1 
ATOM   1409 O  O     . ALA A 1 201 ? 4.142   6.458   17.018  1.00 54.53  ? 201 ALA A O     1 
ATOM   1410 C  CB    . ALA A 1 201 ? 2.863   5.603   14.228  1.00 48.77  ? 201 ALA A CB    1 
ATOM   1411 N  N     . ALA A 1 202 ? 2.216   5.340   17.387  1.00 53.61  ? 202 ALA A N     1 
ATOM   1412 C  CA    . ALA A 1 202 ? 1.912   6.004   18.650  1.00 55.18  ? 202 ALA A CA    1 
ATOM   1413 C  C     . ALA A 1 202 ? 2.870   5.530   19.744  1.00 57.01  ? 202 ALA A C     1 
ATOM   1414 O  O     . ALA A 1 202 ? 3.068   6.212   20.753  1.00 56.55  ? 202 ALA A O     1 
ATOM   1415 C  CB    . ALA A 1 202 ? 0.472   5.730   19.051  1.00 53.78  ? 202 ALA A CB    1 
ATOM   1416 N  N     . ARG A 1 203 ? 3.456   4.354   19.548  1.00 58.66  ? 203 ARG A N     1 
ATOM   1417 C  CA    . ARG A 1 203 ? 4.411   3.828   20.509  1.00 61.29  ? 203 ARG A CA    1 
ATOM   1418 C  C     . ARG A 1 203 ? 5.670   4.688   20.438  1.00 65.39  ? 203 ARG A C     1 
ATOM   1419 O  O     . ARG A 1 203 ? 6.236   5.058   21.467  1.00 66.17  ? 203 ARG A O     1 
ATOM   1420 C  CB    . ARG A 1 203 ? 4.789   2.388   20.166  1.00 58.55  ? 203 ARG A CB    1 
ATOM   1421 C  CG    . ARG A 1 203 ? 3.706   1.365   20.369  1.00 55.68  ? 203 ARG A CG    1 
ATOM   1422 C  CD    . ARG A 1 203 ? 4.174   0.007   19.865  1.00 53.31  ? 203 ARG A CD    1 
ATOM   1423 N  NE    . ARG A 1 203 ? 3.242   -1.063  20.201  1.00 52.44  ? 203 ARG A NE    1 
ATOM   1424 C  CZ    . ARG A 1 203 ? 3.178   -1.667  21.384  1.00 51.76  ? 203 ARG A CZ    1 
ATOM   1425 N  NH1   . ARG A 1 203 ? 4.000   -1.316  22.364  1.00 51.17  ? 203 ARG A NH1   1 
ATOM   1426 N  NH2   . ARG A 1 203 ? 2.282   -2.624  21.592  1.00 51.46  ? 203 ARG A NH2   1 
ATOM   1427 N  N     . ARG A 1 204 ? 6.091   5.005   19.211  1.00 69.89  ? 204 ARG A N     1 
ATOM   1428 C  CA    . ARG A 1 204 ? 7.303   5.791   18.965  1.00 74.58  ? 204 ARG A CA    1 
ATOM   1429 C  C     . ARG A 1 204 ? 8.457   5.107   19.689  1.00 78.38  ? 204 ARG A C     1 
ATOM   1430 O  O     . ARG A 1 204 ? 9.201   5.746   20.440  1.00 78.34  ? 204 ARG A O     1 
ATOM   1431 C  CB    . ARG A 1 204 ? 7.163   7.205   19.509  1.00 74.05  ? 204 ARG A CB    1 
ATOM   1432 C  CG    . ARG A 1 204 ? 6.030   8.027   18.952  1.00 75.04  ? 204 ARG A CG    1 
ATOM   1433 C  CD    . ARG A 1 204 ? 5.904   9.233   19.838  1.00 76.53  ? 204 ARG A CD    1 
ATOM   1434 N  NE    . ARG A 1 204 ? 6.094   8.803   21.222  1.00 80.04  ? 204 ARG A NE    1 
ATOM   1435 C  CZ    . ARG A 1 204 ? 6.492   9.591   22.218  1.00 82.77  ? 204 ARG A CZ    1 
ATOM   1436 N  NH1   . ARG A 1 204 ? 6.747   10.880  21.999  1.00 82.95  ? 204 ARG A NH1   1 
ATOM   1437 N  NH2   . ARG A 1 204 ? 6.656   9.079   23.436  1.00 82.64  ? 204 ARG A NH2   1 
ATOM   1438 N  N     . ALA A 1 205 ? 8.593   3.803   19.462  1.00 82.60  ? 205 ALA A N     1 
ATOM   1439 C  CA    . ALA A 1 205 ? 9.634   3.008   20.104  1.00 86.19  ? 205 ALA A CA    1 
ATOM   1440 C  C     . ALA A 1 205 ? 11.032  3.235   19.532  1.00 89.52  ? 205 ALA A C     1 
ATOM   1441 O  O     . ALA A 1 205 ? 11.808  2.286   19.414  1.00 91.04  ? 205 ALA A O     1 
ATOM   1442 C  CB    . ALA A 1 205 ? 9.268   1.525   20.019  1.00 84.40  ? 205 ALA A CB    1 
ATOM   1443 N  N     . GLU A 1 206 ? 11.362  4.477   19.180  1.00 92.58  ? 206 GLU A N     1 
ATOM   1444 C  CA    . GLU A 1 206 ? 12.690  4.777   18.637  1.00 95.14  ? 206 GLU A CA    1 
ATOM   1445 C  C     . GLU A 1 206 ? 13.372  5.951   19.337  1.00 96.11  ? 206 GLU A C     1 
ATOM   1446 O  O     . GLU A 1 206 ? 12.740  6.705   20.084  1.00 95.97  ? 206 GLU A O     1 
ATOM   1447 C  CB    . GLU A 1 206 ? 12.620  5.024   17.127  1.00 96.81  ? 206 GLU A CB    1 
ATOM   1448 C  CG    . GLU A 1 206 ? 11.786  6.204   16.694  1.00 99.99  ? 206 GLU A CG    1 
ATOM   1449 C  CD    . GLU A 1 206 ? 11.597  6.228   15.192  1.00 102.38 ? 206 GLU A CD    1 
ATOM   1450 O  OE1   . GLU A 1 206 ? 12.619  6.253   14.466  1.00 103.21 ? 206 GLU A OE1   1 
ATOM   1451 O  OE2   . GLU A 1 206 ? 10.430  6.215   14.735  1.00 103.97 ? 206 GLU A OE2   1 
ATOM   1452 N  N     . ARG A 1 207 ? 14.665  6.103   19.071  1.00 97.05  ? 207 ARG A N     1 
ATOM   1453 C  CA    . ARG A 1 207 ? 15.458  7.127   19.732  1.00 97.27  ? 207 ARG A CA    1 
ATOM   1454 C  C     . ARG A 1 207 ? 16.617  7.686   18.891  1.00 96.80  ? 207 ARG A C     1 
ATOM   1455 O  O     . ARG A 1 207 ? 17.469  6.892   18.449  1.00 96.67  ? 207 ARG A O     1 
ATOM   1456 C  CB    . ARG A 1 207 ? 15.984  6.513   21.028  1.00 97.37  ? 207 ARG A CB    1 
ATOM   1457 C  CG    . ARG A 1 207 ? 16.703  7.440   21.945  1.00 99.13  ? 207 ARG A CG    1 
ATOM   1458 C  CD    . ARG A 1 207 ? 16.933  6.730   23.253  1.00 99.00  ? 207 ARG A CD    1 
ATOM   1459 N  NE    . ARG A 1 207 ? 17.590  7.593   24.223  1.00 99.96  ? 207 ARG A NE    1 
ATOM   1460 C  CZ    . ARG A 1 207 ? 17.618  7.346   25.525  1.00 100.96 ? 207 ARG A CZ    1 
ATOM   1461 N  NH1   . ARG A 1 207 ? 17.023  6.260   26.003  1.00 101.28 ? 207 ARG A NH1   1 
ATOM   1462 N  NH2   . ARG A 1 207 ? 18.231  8.189   26.346  1.00 101.69 ? 207 ARG A NH2   1 
ATOM   1463 O  OXT   . ARG A 1 207 ? 16.656  8.923   18.693  1.00 95.52  ? 207 ARG A OXT   1 
HETATM 1464 MN MN    . MN  B 2 .   ? 9.403   -0.148  -1.248  0.50 56.76  ? 401 MN  A MN    1 
HETATM 1465 P  PB    . A12 C 3 .   ? 8.464   -2.158  1.346   1.00 71.65  ? 301 A12 A PB    1 
HETATM 1466 O  O1B   . A12 C 3 .   ? 8.467   -3.672  1.535   1.00 72.87  ? 301 A12 A O1B   1 
HETATM 1467 O  O2B   . A12 C 3 .   ? 7.039   -1.556  1.705   1.00 70.83  ? 301 A12 A O2B   1 
HETATM 1468 O  O3B   . A12 C 3 .   ? 8.779   -1.940  -0.208  1.00 67.51  ? 301 A12 A O3B   1 
HETATM 1469 P  PA    . A12 C 3 .   ? 11.063  -1.832  2.533   1.00 78.75  ? 301 A12 A PA    1 
HETATM 1470 O  O1A   . A12 C 3 .   ? 11.763  -3.146  1.984   1.00 77.89  ? 301 A12 A O1A   1 
HETATM 1471 O  O2A   . A12 C 3 .   ? 11.408  -0.484  1.801   1.00 79.44  ? 301 A12 A O2A   1 
HETATM 1472 C  C3A   . A12 C 3 .   ? 9.475   -1.950  2.513   1.00 74.70  ? 301 A12 A C3A   1 
HETATM 1473 O  "O5'" . A12 C 3 .   ? 11.713  -1.620  3.974   1.00 75.20  ? 301 A12 A "O5'" 1 
HETATM 1474 C  "C5'" . A12 C 3 .   ? 12.257  -0.403  4.528   1.00 70.93  ? 301 A12 A "C5'" 1 
HETATM 1475 C  "C4'" . A12 C 3 .   ? 12.791  -0.688  5.965   1.00 67.49  ? 301 A12 A "C4'" 1 
HETATM 1476 O  "O4'" . A12 C 3 .   ? 12.044  -1.590  6.778   1.00 64.85  ? 301 A12 A "O4'" 1 
HETATM 1477 C  "C3'" . A12 C 3 .   ? 14.180  -1.314  5.739   1.00 68.33  ? 301 A12 A "C3'" 1 
HETATM 1478 O  "O3'" . A12 C 3 .   ? 15.119  -0.524  6.404   1.00 70.26  ? 301 A12 A "O3'" 1 
HETATM 1479 C  "C2'" . A12 C 3 .   ? 14.157  -2.648  6.480   1.00 66.48  ? 301 A12 A "C2'" 1 
HETATM 1480 O  "O2'" . A12 C 3 .   ? 14.590  -2.737  7.834   1.00 68.19  ? 301 A12 A "O2'" 1 
HETATM 1481 C  "C1'" . A12 C 3 .   ? 12.655  -2.869  6.721   1.00 62.82  ? 301 A12 A "C1'" 1 
HETATM 1482 N  N9    . A12 C 3 .   ? 11.868  -4.092  6.853   1.00 57.86  ? 301 A12 A N9    1 
HETATM 1483 C  C8    . A12 C 3 .   ? 10.947  -4.457  5.900   1.00 57.29  ? 301 A12 A C8    1 
HETATM 1484 N  N7    . A12 C 3 .   ? 10.357  -5.635  6.268   1.00 56.62  ? 301 A12 A N7    1 
HETATM 1485 C  C5    . A12 C 3 .   ? 10.929  -5.999  7.467   1.00 55.03  ? 301 A12 A C5    1 
HETATM 1486 C  C6    . A12 C 3 .   ? 10.732  -7.070  8.293   1.00 53.01  ? 301 A12 A C6    1 
HETATM 1487 N  N6    . A12 C 3 .   ? 9.809   -7.993  7.910   1.00 50.13  ? 301 A12 A N6    1 
HETATM 1488 N  N1    . A12 C 3 .   ? 11.460  -7.200  9.482   1.00 53.30  ? 301 A12 A N1    1 
HETATM 1489 C  C2    . A12 C 3 .   ? 12.407  -6.260  9.881   1.00 53.35  ? 301 A12 A C2    1 
HETATM 1490 N  N3    . A12 C 3 .   ? 12.596  -5.180  9.033   1.00 54.00  ? 301 A12 A N3    1 
HETATM 1491 C  C4    . A12 C 3 .   ? 11.882  -5.035  7.855   1.00 55.21  ? 301 A12 A C4    1 
HETATM 1492 O  O     . HOH D 4 .   ? 3.710   -3.508  -2.109  1.00 31.23  ? 402 HOH A O     1 
HETATM 1493 O  O     . HOH D 4 .   ? 8.692   0.427   -3.955  1.00 52.51  ? 403 HOH A O     1 
HETATM 1494 O  O     . HOH D 4 .   ? 12.820  1.034   -1.060  1.00 57.44  ? 404 HOH A O     1 
HETATM 1495 O  O     . HOH D 4 .   ? 9.638   1.536   2.928   1.00 37.03  ? 405 HOH A O     1 
HETATM 1496 O  O     . HOH D 4 .   ? 2.864   -9.883  -7.148  1.00 28.93  ? 406 HOH A O     1 
HETATM 1497 O  O     . HOH D 4 .   ? 2.360   -3.755  -4.668  1.00 23.69  ? 407 HOH A O     1 
HETATM 1498 O  O     . HOH D 4 .   ? -0.215  0.248   14.177  1.00 29.07  ? 408 HOH A O     1 
HETATM 1499 O  O     . HOH D 4 .   ? 5.377   -4.471  5.658   1.00 32.14  ? 409 HOH A O     1 
HETATM 1500 O  O     . HOH D 4 .   ? 16.004  -11.304 -11.144 1.00 44.45  ? 410 HOH A O     1 
HETATM 1501 O  O     . HOH D 4 .   ? -3.884  -6.003  8.156   1.00 32.66  ? 411 HOH A O     1 
HETATM 1502 O  O     . HOH D 4 .   ? -9.489  1.895   5.530   1.00 38.53  ? 412 HOH A O     1 
HETATM 1503 O  O     . HOH D 4 .   ? 2.580   2.282   -10.869 1.00 30.68  ? 413 HOH A O     1 
HETATM 1504 O  O     . HOH D 4 .   ? 9.310   -9.968  2.799   1.00 41.53  ? 414 HOH A O     1 
HETATM 1505 O  O     . HOH D 4 .   ? -3.637  1.335   14.194  1.00 31.28  ? 415 HOH A O     1 
HETATM 1506 O  O     . HOH D 4 .   ? 5.844   16.336  -12.410 1.00 39.91  ? 416 HOH A O     1 
HETATM 1507 O  O     . HOH D 4 .   ? -5.857  0.114   11.413  1.00 44.03  ? 417 HOH A O     1 
HETATM 1508 O  O     . HOH D 4 .   ? 4.633   -11.919 -8.797  1.00 25.95  ? 418 HOH A O     1 
HETATM 1509 O  O     . HOH D 4 .   ? 12.006  -9.195  1.737   1.00 43.32  ? 419 HOH A O     1 
HETATM 1510 O  O     . HOH D 4 .   ? -10.575 3.619   3.994   1.00 30.88  ? 420 HOH A O     1 
HETATM 1511 O  O     . HOH D 4 .   ? -4.119  11.231  1.216   1.00 39.68  ? 421 HOH A O     1 
HETATM 1512 O  O     . HOH D 4 .   ? -4.325  11.038  -10.725 1.00 40.05  ? 422 HOH A O     1 
HETATM 1513 O  O     . HOH D 4 .   ? 4.645   -2.220  1.942   1.00 43.46  ? 423 HOH A O     1 
HETATM 1514 O  O     . HOH D 4 .   ? 6.534   -13.534 -9.605  1.00 52.45  ? 424 HOH A O     1 
HETATM 1515 O  O     . HOH D 4 .   ? 9.313   -15.274 -8.592  1.00 50.09  ? 425 HOH A O     1 
HETATM 1516 O  O     . HOH D 4 .   ? 6.990   11.568  -7.406  1.00 29.56  ? 426 HOH A O     1 
HETATM 1517 O  O     . HOH D 4 .   ? -3.849  -2.107  16.459  1.00 35.65  ? 427 HOH A O     1 
HETATM 1518 O  O     . HOH D 4 .   ? 4.862   13.255  -7.767  1.00 37.59  ? 428 HOH A O     1 
HETATM 1519 O  O     . HOH D 4 .   ? 0.942   3.104   13.342  1.00 31.63  ? 429 HOH A O     1 
HETATM 1520 O  O     . HOH D 4 .   ? 14.996  -7.226  -5.074  1.00 44.00  ? 430 HOH A O     1 
HETATM 1521 O  O     . HOH D 4 .   ? 4.161   -5.373  -0.393  1.00 37.15  ? 431 HOH A O     1 
HETATM 1522 O  O     . HOH D 4 .   ? 3.575   -7.183  -13.498 1.00 36.14  ? 432 HOH A O     1 
HETATM 1523 O  O     . HOH D 4 .   ? 0.310   2.557   20.725  1.00 42.91  ? 433 HOH A O     1 
HETATM 1524 O  O     . HOH D 4 .   ? 9.088   -11.986 -14.414 1.00 52.93  ? 434 HOH A O     1 
HETATM 1525 O  O     . HOH D 4 .   ? 17.035  7.262   28.574  1.00 44.76  ? 435 HOH A O     1 
HETATM 1526 O  O     . HOH D 4 .   ? 6.431   -2.276  -3.194  1.00 34.85  ? 436 HOH A O     1 
HETATM 1527 O  O     . HOH D 4 .   ? -5.706  -13.157 -17.682 1.00 50.71  ? 437 HOH A O     1 
HETATM 1528 O  O     . HOH D 4 .   ? -10.172 1.666   11.940  1.00 48.84  ? 438 HOH A O     1 
HETATM 1529 O  O     . HOH D 4 .   ? -4.419  -14.794 -20.448 1.00 39.61  ? 439 HOH A O     1 
HETATM 1530 O  O     . HOH D 4 .   ? 12.442  -17.739 2.487   1.00 39.81  ? 440 HOH A O     1 
HETATM 1531 O  O     . HOH D 4 .   ? -0.816  -0.225  21.083  1.00 44.81  ? 441 HOH A O     1 
HETATM 1532 O  O     . HOH D 4 .   ? 0.992   13.265  -3.683  1.00 47.32  ? 442 HOH A O     1 
HETATM 1533 O  O     . HOH D 4 .   ? -0.074  7.274   16.058  1.00 51.17  ? 443 HOH A O     1 
HETATM 1534 O  O     . HOH D 4 .   ? -2.970  -13.250 -8.795  1.00 51.79  ? 444 HOH A O     1 
HETATM 1535 O  O     . HOH D 4 .   ? -18.438 3.278   -10.246 1.00 55.77  ? 445 HOH A O     1 
HETATM 1536 O  O     . HOH D 4 .   ? -4.445  -1.232  -21.488 1.00 39.54  ? 446 HOH A O     1 
HETATM 1537 O  O     . HOH D 4 .   ? 11.121  -4.988  -17.193 1.00 41.40  ? 447 HOH A O     1 
HETATM 1538 O  O     . HOH D 4 .   ? 3.505   -6.121  1.938   1.00 24.75  ? 448 HOH A O     1 
HETATM 1539 O  O     . HOH D 4 .   ? 3.049   -4.845  4.115   1.00 20.17  ? 449 HOH A O     1 
HETATM 1540 O  O     . HOH D 4 .   ? 7.610   -4.357  4.578   1.00 45.83  ? 450 HOH A O     1 
HETATM 1541 O  O     . HOH D 4 .   ? 10.940  -6.816  3.571   1.00 44.93  ? 451 HOH A O     1 
HETATM 1542 O  O     . HOH D 4 .   ? -11.727 5.208   -6.226  1.00 44.48  ? 452 HOH A O     1 
HETATM 1543 O  O     . HOH D 4 .   ? -10.946 2.248   -1.520  1.00 44.42  ? 453 HOH A O     1 
HETATM 1544 O  O     . HOH D 4 .   ? -2.557  -11.069 -21.066 1.00 53.52  ? 454 HOH A O     1 
HETATM 1545 O  O     . HOH D 4 .   ? 4.102   -4.806  -19.878 1.00 58.66  ? 455 HOH A O     1 
HETATM 1546 O  O     . HOH D 4 .   ? -2.116  15.615  -14.916 1.00 41.52  ? 456 HOH A O     1 
HETATM 1547 O  O     . HOH D 4 .   ? 2.127   17.057  -16.585 1.00 33.96  ? 457 HOH A O     1 
HETATM 1548 O  O     . HOH D 4 .   ? -2.046  12.519  2.369   1.00 50.05  ? 458 HOH A O     1 
HETATM 1549 O  O     . HOH D 4 .   ? 9.319   -5.808  12.759  1.00 40.68  ? 459 HOH A O     1 
# 
